data_1WVO
#
_entry.id   1WVO
#
_cell.length_a   1.000
_cell.length_b   1.000
_cell.length_c   1.000
_cell.angle_alpha   90.00
_cell.angle_beta   90.00
_cell.angle_gamma   90.00
#
_symmetry.space_group_name_H-M   'P 1'
#
_entity_poly.entity_id   1
_entity_poly.type   'polypeptide(L)'
_entity_poly.pdbx_seq_one_letter_code
;GSSGSSGSVVAKVKIPEGTILTMDMLTVKVGEPKGYPPEDIFNLVGKKVLVTVEEDDTIMEELVDNHGKKIKSSGPSSG
;
_entity_poly.pdbx_strand_id   A
#
# COMPACT_ATOMS: atom_id res chain seq x y z
N GLY A 1 1.91 25.99 -6.39
CA GLY A 1 2.24 26.23 -4.97
C GLY A 1 2.99 25.04 -4.39
N SER A 2 3.63 25.24 -3.24
CA SER A 2 4.41 24.19 -2.57
C SER A 2 3.47 23.28 -1.77
N SER A 3 2.67 23.87 -0.88
CA SER A 3 1.73 23.15 -0.03
C SER A 3 0.83 22.29 -0.91
N GLY A 4 0.68 21.03 -0.51
CA GLY A 4 -0.13 20.05 -1.20
C GLY A 4 -0.48 18.96 -0.21
N SER A 5 -1.60 19.14 0.49
CA SER A 5 -2.13 18.22 1.47
C SER A 5 -2.76 17.00 0.76
N SER A 6 -2.11 16.49 -0.29
CA SER A 6 -2.53 15.36 -1.12
C SER A 6 -3.01 14.18 -0.27
N GLY A 7 -2.35 13.96 0.86
CA GLY A 7 -2.68 12.90 1.79
C GLY A 7 -1.81 11.67 1.54
N SER A 8 -2.13 10.60 2.27
CA SER A 8 -1.44 9.33 2.15
C SER A 8 -2.45 8.21 1.96
N VAL A 9 -2.05 7.14 1.28
CA VAL A 9 -2.94 6.02 1.02
C VAL A 9 -3.13 5.17 2.27
N VAL A 10 -4.30 5.29 2.90
CA VAL A 10 -4.67 4.54 4.07
C VAL A 10 -5.62 3.42 3.64
N ALA A 11 -5.62 2.34 4.40
CA ALA A 11 -6.46 1.18 4.20
C ALA A 11 -7.90 1.60 4.44
N LYS A 12 -8.79 1.30 3.49
CA LYS A 12 -10.21 1.65 3.60
C LYS A 12 -10.93 0.71 4.57
N VAL A 13 -10.40 -0.49 4.78
CA VAL A 13 -10.93 -1.53 5.64
C VAL A 13 -9.75 -2.31 6.21
N LYS A 14 -10.00 -3.23 7.14
CA LYS A 14 -8.98 -4.06 7.72
C LYS A 14 -8.49 -4.99 6.59
N ILE A 15 -7.18 -5.05 6.35
CA ILE A 15 -6.59 -5.89 5.31
C ILE A 15 -5.82 -6.98 6.03
N PRO A 16 -6.39 -8.18 6.24
CA PRO A 16 -5.69 -9.25 6.93
C PRO A 16 -4.44 -9.64 6.16
N GLU A 17 -3.40 -10.02 6.92
CA GLU A 17 -2.11 -10.42 6.41
C GLU A 17 -2.26 -11.51 5.33
N GLY A 18 -1.37 -11.48 4.34
CA GLY A 18 -1.36 -12.43 3.25
C GLY A 18 -2.34 -12.06 2.13
N THR A 19 -3.14 -11.00 2.28
CA THR A 19 -4.09 -10.58 1.27
C THR A 19 -3.44 -9.63 0.26
N ILE A 20 -3.85 -9.75 -1.01
CA ILE A 20 -3.36 -8.91 -2.09
C ILE A 20 -4.19 -7.61 -2.09
N LEU A 21 -3.54 -6.48 -2.33
CA LEU A 21 -4.17 -5.17 -2.35
C LEU A 21 -5.03 -4.96 -3.60
N THR A 22 -6.09 -4.17 -3.46
CA THR A 22 -7.06 -3.78 -4.48
C THR A 22 -7.52 -2.35 -4.16
N MET A 23 -8.03 -1.60 -5.14
CA MET A 23 -8.49 -0.23 -4.87
C MET A 23 -9.74 -0.27 -3.96
N ASP A 24 -10.50 -1.37 -3.97
CA ASP A 24 -11.70 -1.52 -3.15
C ASP A 24 -11.39 -1.59 -1.65
N MET A 25 -10.11 -1.77 -1.27
CA MET A 25 -9.67 -1.82 0.11
C MET A 25 -8.75 -0.64 0.44
N LEU A 26 -8.64 0.38 -0.42
CA LEU A 26 -7.78 1.54 -0.20
C LEU A 26 -8.50 2.86 -0.46
N THR A 27 -7.93 3.94 0.05
CA THR A 27 -8.37 5.32 -0.06
C THR A 27 -7.16 6.23 0.24
N VAL A 28 -7.24 7.53 0.02
CA VAL A 28 -6.16 8.47 0.30
C VAL A 28 -6.73 9.54 1.21
N LYS A 29 -6.26 9.52 2.47
CA LYS A 29 -6.67 10.45 3.51
C LYS A 29 -5.97 11.77 3.26
N VAL A 30 -6.65 12.63 2.52
CA VAL A 30 -6.22 13.97 2.15
C VAL A 30 -5.89 14.70 3.46
N GLY A 31 -4.68 15.24 3.57
CA GLY A 31 -4.24 15.96 4.75
C GLY A 31 -2.73 16.08 4.81
N GLU A 32 -1.99 14.97 4.85
CA GLU A 32 -0.54 14.99 4.91
C GLU A 32 0.03 13.74 4.20
N PRO A 33 1.22 13.83 3.59
CA PRO A 33 1.86 12.71 2.91
C PRO A 33 2.57 11.78 3.92
N LYS A 34 1.90 11.47 5.04
CA LYS A 34 2.41 10.61 6.10
C LYS A 34 2.08 9.18 5.69
N GLY A 35 3.00 8.48 5.02
CA GLY A 35 2.81 7.11 4.59
C GLY A 35 3.22 6.97 3.12
N TYR A 36 2.38 6.32 2.31
CA TYR A 36 2.59 6.09 0.89
C TYR A 36 1.93 7.19 0.07
N PRO A 37 2.56 7.69 -1.01
CA PRO A 37 1.96 8.74 -1.83
C PRO A 37 0.83 8.22 -2.72
N PRO A 38 -0.19 9.04 -3.01
CA PRO A 38 -1.30 8.65 -3.87
C PRO A 38 -0.90 8.65 -5.35
N GLU A 39 0.35 9.00 -5.66
CA GLU A 39 0.90 9.04 -7.00
C GLU A 39 1.32 7.63 -7.41
N ASP A 40 2.07 6.96 -6.53
CA ASP A 40 2.57 5.59 -6.74
C ASP A 40 1.54 4.55 -6.31
N ILE A 41 0.31 4.95 -5.94
CA ILE A 41 -0.79 4.11 -5.47
C ILE A 41 -1.00 2.83 -6.30
N PHE A 42 -0.90 2.91 -7.63
CA PHE A 42 -1.11 1.75 -8.49
C PHE A 42 -0.10 0.64 -8.21
N ASN A 43 1.13 0.98 -7.80
CA ASN A 43 2.17 -0.01 -7.49
C ASN A 43 1.76 -0.87 -6.30
N LEU A 44 0.98 -0.31 -5.38
CA LEU A 44 0.51 -1.00 -4.19
C LEU A 44 -0.54 -2.03 -4.59
N VAL A 45 -1.44 -1.65 -5.48
CA VAL A 45 -2.53 -2.50 -5.95
C VAL A 45 -1.96 -3.66 -6.75
N GLY A 46 -1.74 -4.76 -6.04
CA GLY A 46 -1.20 -6.01 -6.54
C GLY A 46 -0.17 -6.61 -5.58
N LYS A 47 0.28 -5.87 -4.56
CA LYS A 47 1.25 -6.36 -3.57
C LYS A 47 0.50 -7.12 -2.48
N LYS A 48 1.24 -7.86 -1.66
CA LYS A 48 0.69 -8.62 -0.55
C LYS A 48 1.13 -7.96 0.75
N VAL A 49 0.23 -7.89 1.72
CA VAL A 49 0.54 -7.30 3.02
C VAL A 49 1.26 -8.32 3.91
N LEU A 50 2.13 -7.85 4.80
CA LEU A 50 2.92 -8.65 5.73
C LEU A 50 2.31 -8.66 7.14
N VAL A 51 1.32 -7.80 7.40
CA VAL A 51 0.62 -7.71 8.69
C VAL A 51 -0.86 -7.40 8.44
N THR A 52 -1.71 -7.66 9.42
CA THR A 52 -3.13 -7.40 9.35
C THR A 52 -3.34 -5.90 9.59
N VAL A 53 -3.52 -5.15 8.52
CA VAL A 53 -3.76 -3.72 8.61
C VAL A 53 -5.17 -3.53 9.13
N GLU A 54 -5.45 -2.44 9.84
CA GLU A 54 -6.78 -2.14 10.37
C GLU A 54 -7.43 -1.07 9.49
N GLU A 55 -8.73 -0.84 9.68
CA GLU A 55 -9.44 0.17 8.92
C GLU A 55 -8.82 1.55 9.20
N ASP A 56 -8.77 2.42 8.19
CA ASP A 56 -8.25 3.78 8.19
C ASP A 56 -6.78 3.90 8.63
N ASP A 57 -6.05 2.78 8.71
CA ASP A 57 -4.65 2.74 9.12
C ASP A 57 -3.70 3.17 7.99
N THR A 58 -2.53 3.69 8.36
CA THR A 58 -1.52 4.17 7.44
C THR A 58 -0.66 3.03 6.88
N ILE A 59 -0.78 2.77 5.57
CA ILE A 59 -0.01 1.74 4.89
C ILE A 59 1.41 2.28 4.68
N MET A 60 2.44 1.43 4.79
CA MET A 60 3.87 1.75 4.62
C MET A 60 4.57 0.72 3.74
N GLU A 61 5.73 1.05 3.17
CA GLU A 61 6.48 0.14 2.30
C GLU A 61 7.01 -1.06 3.06
N GLU A 62 7.31 -0.94 4.36
CA GLU A 62 7.82 -2.06 5.16
C GLU A 62 6.73 -3.09 5.49
N LEU A 63 5.47 -2.76 5.23
CA LEU A 63 4.32 -3.61 5.51
C LEU A 63 3.92 -4.41 4.28
N VAL A 64 4.54 -4.22 3.12
CA VAL A 64 4.21 -4.94 1.90
C VAL A 64 5.47 -5.64 1.40
N ASP A 65 5.33 -6.86 0.90
CA ASP A 65 6.51 -7.56 0.37
C ASP A 65 6.82 -6.91 -0.97
N ASN A 66 8.01 -7.16 -1.50
CA ASN A 66 8.47 -6.67 -2.79
C ASN A 66 7.64 -7.36 -3.88
N HIS A 67 7.76 -6.90 -5.12
CA HIS A 67 7.07 -7.49 -6.25
C HIS A 67 7.65 -8.89 -6.49
N GLY A 68 6.86 -9.80 -7.01
CA GLY A 68 7.25 -11.17 -7.34
C GLY A 68 7.10 -11.31 -8.84
N LYS A 69 7.84 -10.47 -9.59
CA LYS A 69 7.81 -10.43 -11.04
C LYS A 69 8.99 -11.19 -11.62
N LYS A 70 10.21 -10.71 -11.38
CA LYS A 70 11.44 -11.27 -11.88
C LYS A 70 11.55 -12.76 -11.65
N ILE A 71 11.70 -13.50 -12.74
CA ILE A 71 11.86 -14.95 -12.79
C ILE A 71 13.28 -15.36 -12.32
N LYS A 72 13.88 -14.73 -11.30
CA LYS A 72 15.24 -15.07 -10.85
C LYS A 72 15.47 -14.80 -9.36
N SER A 73 16.23 -15.68 -8.71
CA SER A 73 16.59 -15.58 -7.31
C SER A 73 17.74 -14.59 -7.13
N SER A 74 17.45 -13.35 -6.71
CA SER A 74 18.39 -12.28 -6.45
C SER A 74 17.65 -11.23 -5.62
N GLY A 75 18.38 -10.38 -4.91
CA GLY A 75 17.85 -9.32 -4.07
C GLY A 75 18.14 -9.62 -2.60
N PRO A 76 19.25 -9.14 -2.02
CA PRO A 76 19.58 -9.38 -0.63
C PRO A 76 18.68 -8.52 0.26
N SER A 77 18.39 -9.01 1.46
CA SER A 77 17.53 -8.29 2.39
C SER A 77 18.15 -6.95 2.78
N SER A 78 17.31 -5.94 2.94
CA SER A 78 17.73 -4.60 3.35
C SER A 78 17.60 -4.49 4.88
N GLY A 79 16.95 -5.47 5.53
CA GLY A 79 16.75 -5.55 6.96
C GLY A 79 17.80 -6.48 7.49
N GLY A 1 8.31 13.64 -11.54
CA GLY A 1 8.20 14.87 -12.33
C GLY A 1 8.01 16.06 -11.42
N SER A 2 6.90 16.77 -11.58
CA SER A 2 6.53 17.94 -10.81
C SER A 2 5.82 17.46 -9.53
N SER A 3 6.28 17.85 -8.34
CA SER A 3 5.64 17.43 -7.11
C SER A 3 4.29 18.13 -6.92
N GLY A 4 3.56 17.76 -5.85
CA GLY A 4 2.27 18.33 -5.51
C GLY A 4 1.32 17.24 -5.07
N SER A 5 1.36 16.90 -3.78
CA SER A 5 0.52 15.90 -3.17
C SER A 5 -0.21 16.55 -1.99
N SER A 6 -1.28 15.91 -1.50
CA SER A 6 -2.07 16.42 -0.39
C SER A 6 -2.46 15.35 0.63
N GLY A 7 -1.94 14.13 0.56
CA GLY A 7 -2.31 13.09 1.50
C GLY A 7 -1.43 11.87 1.36
N SER A 8 -1.91 10.77 1.94
CA SER A 8 -1.25 9.47 1.95
C SER A 8 -2.30 8.38 1.75
N VAL A 9 -1.86 7.18 1.36
CA VAL A 9 -2.76 6.06 1.15
C VAL A 9 -2.96 5.37 2.50
N VAL A 10 -4.21 5.08 2.81
CA VAL A 10 -4.63 4.39 4.02
C VAL A 10 -5.55 3.24 3.60
N ALA A 11 -5.71 2.28 4.50
CA ALA A 11 -6.53 1.10 4.34
C ALA A 11 -8.00 1.51 4.35
N LYS A 12 -8.74 1.25 3.26
CA LYS A 12 -10.17 1.60 3.18
C LYS A 12 -10.98 0.74 4.15
N VAL A 13 -10.51 -0.46 4.42
CA VAL A 13 -11.10 -1.48 5.29
C VAL A 13 -9.94 -2.22 5.95
N LYS A 14 -10.19 -3.04 6.97
CA LYS A 14 -9.12 -3.79 7.62
C LYS A 14 -8.63 -4.84 6.62
N ILE A 15 -7.32 -4.91 6.38
CA ILE A 15 -6.69 -5.83 5.44
C ILE A 15 -5.87 -6.86 6.24
N PRO A 16 -6.34 -8.10 6.41
CA PRO A 16 -5.58 -9.11 7.16
C PRO A 16 -4.33 -9.54 6.39
N GLU A 17 -3.28 -9.87 7.13
CA GLU A 17 -2.00 -10.29 6.57
C GLU A 17 -2.19 -11.38 5.51
N GLY A 18 -1.41 -11.27 4.43
CA GLY A 18 -1.43 -12.20 3.33
C GLY A 18 -2.43 -11.82 2.26
N THR A 19 -3.22 -10.77 2.45
CA THR A 19 -4.20 -10.35 1.47
C THR A 19 -3.51 -9.50 0.40
N ILE A 20 -3.91 -9.70 -0.86
CA ILE A 20 -3.39 -8.94 -2.00
C ILE A 20 -4.11 -7.60 -1.97
N LEU A 21 -3.39 -6.50 -2.16
CA LEU A 21 -3.93 -5.16 -2.15
C LEU A 21 -4.67 -4.92 -3.46
N THR A 22 -5.89 -4.40 -3.37
CA THR A 22 -6.74 -4.07 -4.50
C THR A 22 -7.19 -2.62 -4.33
N MET A 23 -7.66 -1.98 -5.39
CA MET A 23 -8.11 -0.60 -5.30
C MET A 23 -9.29 -0.46 -4.34
N ASP A 24 -10.11 -1.50 -4.15
CA ASP A 24 -11.27 -1.49 -3.26
C ASP A 24 -10.90 -1.56 -1.79
N MET A 25 -9.63 -1.78 -1.44
CA MET A 25 -9.18 -1.85 -0.06
C MET A 25 -8.24 -0.69 0.29
N LEU A 26 -8.08 0.28 -0.62
CA LEU A 26 -7.22 1.45 -0.42
C LEU A 26 -8.05 2.72 -0.60
N THR A 27 -7.63 3.80 0.04
CA THR A 27 -8.27 5.11 -0.02
C THR A 27 -7.18 6.16 0.19
N VAL A 28 -7.43 7.42 -0.19
CA VAL A 28 -6.45 8.50 -0.06
C VAL A 28 -6.93 9.48 0.99
N LYS A 29 -6.32 9.42 2.17
CA LYS A 29 -6.65 10.31 3.26
C LYS A 29 -5.97 11.64 2.97
N VAL A 30 -6.73 12.62 2.51
CA VAL A 30 -6.18 13.95 2.25
C VAL A 30 -5.80 14.49 3.63
N GLY A 31 -4.54 14.86 3.83
CA GLY A 31 -4.10 15.39 5.10
C GLY A 31 -2.59 15.53 5.22
N GLU A 32 -1.83 14.44 5.19
CA GLU A 32 -0.39 14.46 5.30
C GLU A 32 0.23 13.32 4.48
N PRO A 33 1.51 13.42 4.06
CA PRO A 33 2.20 12.39 3.28
C PRO A 33 2.70 11.22 4.12
N LYS A 34 2.47 11.21 5.44
CA LYS A 34 2.91 10.12 6.31
C LYS A 34 2.22 8.84 5.82
N GLY A 35 2.95 7.93 5.19
CA GLY A 35 2.43 6.67 4.69
C GLY A 35 3.07 6.29 3.37
N TYR A 36 2.30 6.45 2.29
CA TYR A 36 2.69 6.14 0.92
C TYR A 36 2.02 7.20 0.04
N PRO A 37 2.66 7.68 -1.04
CA PRO A 37 2.10 8.71 -1.90
C PRO A 37 0.90 8.21 -2.72
N PRO A 38 -0.21 8.95 -2.76
CA PRO A 38 -1.38 8.55 -3.53
C PRO A 38 -1.15 8.68 -5.03
N GLU A 39 -0.16 9.47 -5.48
CA GLU A 39 0.11 9.62 -6.90
C GLU A 39 0.59 8.29 -7.50
N ASP A 40 1.27 7.47 -6.70
CA ASP A 40 1.83 6.17 -7.09
C ASP A 40 1.03 5.00 -6.51
N ILE A 41 -0.21 5.24 -6.05
CA ILE A 41 -1.10 4.23 -5.46
C ILE A 41 -1.23 2.98 -6.34
N PHE A 42 -1.16 3.14 -7.67
CA PHE A 42 -1.26 2.04 -8.62
C PHE A 42 -0.21 0.96 -8.38
N ASN A 43 0.92 1.31 -7.75
CA ASN A 43 2.00 0.37 -7.45
C ASN A 43 1.71 -0.44 -6.20
N LEU A 44 0.79 -0.01 -5.34
CA LEU A 44 0.43 -0.76 -4.13
C LEU A 44 -0.44 -1.94 -4.52
N VAL A 45 -1.27 -1.77 -5.54
CA VAL A 45 -2.17 -2.80 -6.01
C VAL A 45 -1.32 -3.97 -6.53
N GLY A 46 -1.64 -5.17 -6.05
CA GLY A 46 -0.96 -6.41 -6.36
C GLY A 46 0.05 -6.78 -5.26
N LYS A 47 0.44 -5.83 -4.39
CA LYS A 47 1.36 -6.15 -3.30
C LYS A 47 0.56 -6.92 -2.26
N LYS A 48 1.22 -7.52 -1.27
CA LYS A 48 0.52 -8.29 -0.24
C LYS A 48 0.93 -7.76 1.11
N VAL A 49 -0.05 -7.57 2.00
CA VAL A 49 0.22 -7.06 3.33
C VAL A 49 1.01 -8.10 4.14
N LEU A 50 1.96 -7.62 4.93
CA LEU A 50 2.84 -8.42 5.80
C LEU A 50 2.29 -8.54 7.22
N VAL A 51 1.31 -7.72 7.58
CA VAL A 51 0.63 -7.68 8.88
C VAL A 51 -0.82 -7.29 8.66
N THR A 52 -1.70 -7.61 9.62
CA THR A 52 -3.11 -7.28 9.57
C THR A 52 -3.22 -5.76 9.78
N VAL A 53 -3.41 -5.01 8.70
CA VAL A 53 -3.55 -3.58 8.70
C VAL A 53 -4.99 -3.28 9.14
N GLU A 54 -5.19 -2.56 10.24
CA GLU A 54 -6.55 -2.25 10.66
C GLU A 54 -7.14 -1.20 9.72
N GLU A 55 -8.45 -1.00 9.81
CA GLU A 55 -9.15 -0.06 8.97
C GLU A 55 -8.61 1.34 9.23
N ASP A 56 -8.55 2.13 8.15
CA ASP A 56 -8.08 3.52 8.12
C ASP A 56 -6.60 3.68 8.49
N ASP A 57 -5.88 2.57 8.72
CA ASP A 57 -4.47 2.60 9.07
C ASP A 57 -3.65 2.99 7.84
N THR A 58 -2.47 3.55 8.08
CA THR A 58 -1.55 4.03 7.08
C THR A 58 -0.90 2.86 6.35
N ILE A 59 -0.97 2.88 5.02
CA ILE A 59 -0.36 1.86 4.19
C ILE A 59 1.06 2.40 3.92
N MET A 60 2.08 1.55 3.99
CA MET A 60 3.48 1.95 3.78
C MET A 60 4.24 0.87 3.00
N GLU A 61 5.55 0.98 2.88
CA GLU A 61 6.40 0.00 2.19
C GLU A 61 6.77 -1.11 3.17
N GLU A 62 7.02 -0.76 4.44
CA GLU A 62 7.38 -1.71 5.49
C GLU A 62 6.26 -2.71 5.81
N LEU A 63 5.06 -2.47 5.29
CA LEU A 63 3.87 -3.30 5.48
C LEU A 63 3.59 -4.19 4.27
N VAL A 64 4.40 -4.19 3.21
CA VAL A 64 4.08 -5.02 2.04
C VAL A 64 5.27 -5.78 1.47
N ASP A 65 4.97 -6.89 0.78
CA ASP A 65 5.97 -7.74 0.15
C ASP A 65 6.45 -7.06 -1.14
N ASN A 66 7.58 -7.53 -1.69
CA ASN A 66 8.14 -6.96 -2.93
C ASN A 66 7.22 -7.38 -4.07
N HIS A 67 6.67 -6.42 -4.80
CA HIS A 67 5.77 -6.66 -5.93
C HIS A 67 6.31 -7.66 -6.97
N GLY A 68 7.63 -7.73 -7.18
CA GLY A 68 8.26 -8.63 -8.15
C GLY A 68 8.07 -10.13 -7.87
N LYS A 69 7.97 -10.54 -6.59
CA LYS A 69 7.74 -11.92 -6.17
C LYS A 69 7.59 -11.98 -4.67
N LYS A 70 6.89 -12.99 -4.16
CA LYS A 70 6.68 -13.19 -2.72
C LYS A 70 7.69 -14.23 -2.23
N ILE A 71 8.44 -13.93 -1.16
CA ILE A 71 9.43 -14.83 -0.58
C ILE A 71 9.37 -14.79 0.96
N LYS A 72 8.25 -15.18 1.57
CA LYS A 72 8.12 -15.20 3.03
C LYS A 72 8.99 -16.36 3.52
N SER A 73 10.23 -16.11 3.91
CA SER A 73 11.17 -17.11 4.39
C SER A 73 12.03 -16.58 5.54
N SER A 74 12.87 -17.46 6.07
CA SER A 74 13.80 -17.25 7.16
C SER A 74 14.98 -16.39 6.68
N GLY A 75 14.85 -15.07 6.74
CA GLY A 75 15.90 -14.13 6.32
C GLY A 75 15.44 -12.68 6.45
N PRO A 76 16.36 -11.71 6.41
CA PRO A 76 16.04 -10.29 6.52
C PRO A 76 15.33 -9.78 5.26
N SER A 77 14.80 -8.56 5.31
CA SER A 77 14.10 -7.92 4.21
C SER A 77 14.98 -6.86 3.55
N SER A 78 14.49 -5.63 3.51
CA SER A 78 15.08 -4.43 2.98
C SER A 78 14.17 -3.27 3.41
N GLY A 79 14.64 -2.05 3.18
CA GLY A 79 13.96 -0.81 3.50
C GLY A 79 14.95 0.30 3.20
N GLY A 1 -10.84 24.27 1.49
CA GLY A 1 -9.93 23.19 1.10
C GLY A 1 -8.58 23.78 0.76
N SER A 2 -7.53 23.29 1.42
CA SER A 2 -6.16 23.77 1.24
C SER A 2 -5.61 23.38 -0.13
N SER A 3 -5.05 24.33 -0.87
CA SER A 3 -4.49 24.05 -2.19
C SER A 3 -3.24 23.19 -1.97
N GLY A 4 -2.98 22.23 -2.87
CA GLY A 4 -1.83 21.34 -2.78
C GLY A 4 -1.94 20.37 -1.60
N SER A 5 -3.14 19.83 -1.35
CA SER A 5 -3.37 18.88 -0.27
C SER A 5 -2.99 17.47 -0.73
N SER A 6 -1.73 17.10 -0.50
CA SER A 6 -1.15 15.81 -0.86
C SER A 6 -1.94 14.62 -0.33
N GLY A 7 -1.98 14.43 0.99
CA GLY A 7 -2.66 13.31 1.62
C GLY A 7 -1.80 12.05 1.48
N SER A 8 -2.25 10.92 2.02
CA SER A 8 -1.49 9.68 1.94
C SER A 8 -2.40 8.47 1.79
N VAL A 9 -1.85 7.36 1.28
CA VAL A 9 -2.61 6.14 1.10
C VAL A 9 -2.89 5.52 2.48
N VAL A 10 -4.15 5.12 2.69
CA VAL A 10 -4.58 4.49 3.92
C VAL A 10 -5.47 3.29 3.57
N ALA A 11 -5.57 2.36 4.52
CA ALA A 11 -6.37 1.16 4.41
C ALA A 11 -7.84 1.61 4.49
N LYS A 12 -8.63 1.24 3.50
CA LYS A 12 -10.05 1.61 3.48
C LYS A 12 -10.87 0.72 4.41
N VAL A 13 -10.40 -0.50 4.66
CA VAL A 13 -10.99 -1.52 5.50
C VAL A 13 -9.84 -2.26 6.16
N LYS A 14 -10.11 -3.10 7.17
CA LYS A 14 -9.09 -3.88 7.85
C LYS A 14 -8.61 -4.93 6.84
N ILE A 15 -7.34 -4.93 6.45
CA ILE A 15 -6.77 -5.87 5.49
C ILE A 15 -5.98 -6.91 6.28
N PRO A 16 -6.38 -8.19 6.34
CA PRO A 16 -5.64 -9.18 7.08
C PRO A 16 -4.41 -9.59 6.28
N GLU A 17 -3.35 -9.95 6.99
CA GLU A 17 -2.09 -10.39 6.42
C GLU A 17 -2.32 -11.50 5.40
N GLY A 18 -1.51 -11.54 4.34
CA GLY A 18 -1.58 -12.54 3.30
C GLY A 18 -2.55 -12.21 2.15
N THR A 19 -3.28 -11.11 2.25
CA THR A 19 -4.25 -10.70 1.22
C THR A 19 -3.58 -9.82 0.17
N ILE A 20 -4.08 -9.80 -1.06
CA ILE A 20 -3.54 -8.98 -2.13
C ILE A 20 -4.27 -7.64 -2.11
N LEU A 21 -3.54 -6.55 -2.36
CA LEU A 21 -4.12 -5.22 -2.35
C LEU A 21 -4.94 -4.95 -3.62
N THR A 22 -6.09 -4.30 -3.45
CA THR A 22 -7.02 -3.92 -4.50
C THR A 22 -7.40 -2.46 -4.24
N MET A 23 -7.83 -1.70 -5.27
CA MET A 23 -8.21 -0.30 -5.00
C MET A 23 -9.49 -0.26 -4.13
N ASP A 24 -10.19 -1.39 -3.96
CA ASP A 24 -11.41 -1.49 -3.17
C ASP A 24 -11.12 -1.42 -1.67
N MET A 25 -9.87 -1.69 -1.27
CA MET A 25 -9.43 -1.70 0.12
C MET A 25 -8.40 -0.60 0.39
N LEU A 26 -8.20 0.33 -0.55
CA LEU A 26 -7.24 1.41 -0.42
C LEU A 26 -7.94 2.71 -0.78
N THR A 27 -7.52 3.81 -0.16
CA THR A 27 -8.08 5.12 -0.39
C THR A 27 -7.01 6.15 0.02
N VAL A 28 -7.30 7.45 -0.11
CA VAL A 28 -6.33 8.50 0.23
C VAL A 28 -6.94 9.46 1.24
N LYS A 29 -6.41 9.48 2.46
CA LYS A 29 -6.89 10.36 3.51
C LYS A 29 -6.29 11.73 3.20
N VAL A 30 -7.03 12.57 2.48
CA VAL A 30 -6.61 13.92 2.08
C VAL A 30 -6.36 14.71 3.37
N GLY A 31 -5.09 14.82 3.79
CA GLY A 31 -4.74 15.54 5.00
C GLY A 31 -3.25 15.74 5.25
N GLU A 32 -2.39 14.72 5.08
CA GLU A 32 -0.95 14.86 5.30
C GLU A 32 -0.18 13.87 4.41
N PRO A 33 1.08 14.14 4.06
CA PRO A 33 1.89 13.26 3.22
C PRO A 33 2.42 12.04 3.99
N LYS A 34 2.19 11.94 5.30
CA LYS A 34 2.66 10.83 6.11
C LYS A 34 1.99 9.56 5.61
N GLY A 35 2.74 8.70 4.92
CA GLY A 35 2.30 7.44 4.36
C GLY A 35 2.75 7.33 2.91
N TYR A 36 2.44 6.21 2.28
CA TYR A 36 2.81 5.99 0.89
C TYR A 36 2.21 7.12 0.05
N PRO A 37 2.98 7.74 -0.87
CA PRO A 37 2.48 8.82 -1.69
C PRO A 37 1.32 8.31 -2.55
N PRO A 38 0.18 9.01 -2.59
CA PRO A 38 -0.97 8.59 -3.36
C PRO A 38 -0.72 8.65 -4.86
N GLU A 39 0.29 9.41 -5.31
CA GLU A 39 0.59 9.51 -6.73
C GLU A 39 1.18 8.21 -7.31
N ASP A 40 1.57 7.24 -6.47
CA ASP A 40 2.17 5.94 -6.87
C ASP A 40 1.33 4.77 -6.36
N ILE A 41 0.12 5.03 -5.85
CA ILE A 41 -0.86 4.09 -5.31
C ILE A 41 -0.99 2.78 -6.10
N PHE A 42 -0.90 2.85 -7.43
CA PHE A 42 -1.02 1.72 -8.35
C PHE A 42 0.04 0.64 -8.14
N ASN A 43 1.28 0.99 -7.76
CA ASN A 43 2.35 0.01 -7.56
C ASN A 43 2.01 -1.02 -6.49
N LEU A 44 1.34 -0.53 -5.44
CA LEU A 44 0.92 -1.30 -4.29
C LEU A 44 -0.26 -2.22 -4.64
N VAL A 45 -1.16 -1.80 -5.52
CA VAL A 45 -2.33 -2.56 -5.93
C VAL A 45 -1.86 -3.79 -6.72
N GLY A 46 -1.66 -4.89 -6.00
CA GLY A 46 -1.20 -6.19 -6.50
C GLY A 46 -0.17 -6.84 -5.57
N LYS A 47 0.33 -6.15 -4.55
CA LYS A 47 1.29 -6.71 -3.60
C LYS A 47 0.51 -7.50 -2.55
N LYS A 48 1.22 -8.25 -1.70
CA LYS A 48 0.65 -9.04 -0.62
C LYS A 48 1.05 -8.37 0.68
N VAL A 49 0.13 -8.23 1.64
CA VAL A 49 0.44 -7.60 2.91
C VAL A 49 1.14 -8.60 3.84
N LEU A 50 2.05 -8.08 4.66
CA LEU A 50 2.86 -8.84 5.62
C LEU A 50 2.30 -8.83 7.03
N VAL A 51 1.35 -7.94 7.35
CA VAL A 51 0.74 -7.84 8.67
C VAL A 51 -0.73 -7.42 8.50
N THR A 52 -1.56 -7.71 9.50
CA THR A 52 -2.97 -7.35 9.48
C THR A 52 -3.09 -5.85 9.80
N VAL A 53 -3.29 -5.05 8.76
CA VAL A 53 -3.46 -3.60 8.85
C VAL A 53 -4.91 -3.35 9.28
N GLU A 54 -5.12 -2.39 10.18
CA GLU A 54 -6.46 -2.04 10.65
C GLU A 54 -7.10 -1.02 9.70
N GLU A 55 -8.39 -0.76 9.89
CA GLU A 55 -9.09 0.16 9.03
C GLU A 55 -8.62 1.59 9.33
N ASP A 56 -8.43 2.37 8.26
CA ASP A 56 -7.99 3.77 8.25
C ASP A 56 -6.51 3.94 8.58
N ASP A 57 -5.79 2.84 8.77
CA ASP A 57 -4.36 2.82 9.09
C ASP A 57 -3.58 3.34 7.90
N THR A 58 -2.48 4.04 8.18
CA THR A 58 -1.61 4.59 7.17
C THR A 58 -0.84 3.44 6.56
N ILE A 59 -0.85 3.36 5.23
CA ILE A 59 -0.16 2.33 4.50
C ILE A 59 1.28 2.78 4.27
N MET A 60 2.21 1.89 4.59
CA MET A 60 3.64 2.06 4.45
C MET A 60 4.15 0.88 3.61
N GLU A 61 5.33 1.03 3.03
CA GLU A 61 6.01 0.04 2.20
C GLU A 61 6.53 -1.14 3.03
N GLU A 62 6.83 -0.90 4.29
CA GLU A 62 7.34 -1.90 5.23
C GLU A 62 6.29 -2.99 5.56
N LEU A 63 5.02 -2.74 5.23
CA LEU A 63 3.88 -3.65 5.46
C LEU A 63 3.60 -4.54 4.25
N VAL A 64 4.35 -4.43 3.15
CA VAL A 64 4.12 -5.24 1.96
C VAL A 64 5.36 -5.98 1.48
N ASP A 65 5.12 -7.01 0.68
CA ASP A 65 6.14 -7.85 0.07
C ASP A 65 6.72 -7.13 -1.16
N ASN A 66 7.54 -7.82 -1.93
CA ASN A 66 8.17 -7.33 -3.15
C ASN A 66 7.89 -8.36 -4.23
N HIS A 67 7.37 -7.92 -5.39
CA HIS A 67 7.03 -8.79 -6.52
C HIS A 67 8.09 -9.84 -6.78
N GLY A 68 7.79 -11.11 -6.51
CA GLY A 68 8.76 -12.15 -6.70
C GLY A 68 8.39 -13.47 -6.06
N LYS A 69 9.42 -14.21 -5.68
CA LYS A 69 9.30 -15.52 -5.05
C LYS A 69 9.64 -15.44 -3.58
N LYS A 70 9.30 -16.50 -2.85
CA LYS A 70 9.58 -16.64 -1.42
C LYS A 70 9.69 -18.12 -1.08
N ILE A 71 10.29 -18.44 0.05
CA ILE A 71 10.42 -19.83 0.47
C ILE A 71 9.20 -20.26 1.29
N LYS A 72 9.12 -21.55 1.56
CA LYS A 72 8.06 -22.15 2.36
C LYS A 72 8.49 -21.91 3.81
N SER A 73 7.60 -21.34 4.60
CA SER A 73 7.75 -21.01 6.02
C SER A 73 6.39 -20.53 6.52
N SER A 74 6.13 -20.67 7.81
CA SER A 74 4.89 -20.26 8.45
C SER A 74 5.20 -19.12 9.43
N GLY A 75 4.22 -18.75 10.25
CA GLY A 75 4.33 -17.69 11.25
C GLY A 75 5.17 -18.15 12.45
N PRO A 76 5.34 -17.29 13.45
CA PRO A 76 6.10 -17.63 14.64
C PRO A 76 5.36 -18.71 15.43
N SER A 77 6.05 -19.34 16.37
CA SER A 77 5.49 -20.39 17.24
C SER A 77 5.83 -20.11 18.70
N SER A 78 6.27 -18.89 19.04
CA SER A 78 6.67 -18.50 20.38
C SER A 78 6.30 -17.04 20.62
N GLY A 79 6.07 -16.71 21.89
CA GLY A 79 5.70 -15.40 22.38
C GLY A 79 5.10 -15.62 23.75
N GLY A 1 -9.75 24.75 -12.76
CA GLY A 1 -10.24 23.85 -11.72
C GLY A 1 -9.15 23.58 -10.69
N SER A 2 -9.33 22.54 -9.85
CA SER A 2 -8.36 22.18 -8.84
C SER A 2 -7.12 21.54 -9.50
N SER A 3 -6.03 21.41 -8.73
CA SER A 3 -4.78 20.80 -9.20
C SER A 3 -4.82 19.28 -9.00
N GLY A 4 -5.59 18.83 -8.01
CA GLY A 4 -5.80 17.44 -7.61
C GLY A 4 -5.65 17.33 -6.10
N SER A 5 -6.13 16.24 -5.52
CA SER A 5 -6.05 16.00 -4.09
C SER A 5 -4.64 15.46 -3.75
N SER A 6 -4.29 15.41 -2.47
CA SER A 6 -3.02 14.93 -1.96
C SER A 6 -3.25 14.46 -0.52
N GLY A 7 -2.55 13.44 -0.06
CA GLY A 7 -2.70 12.92 1.29
C GLY A 7 -2.03 11.56 1.43
N SER A 8 -2.25 10.86 2.55
CA SER A 8 -1.65 9.57 2.83
C SER A 8 -2.52 8.40 2.41
N VAL A 9 -1.93 7.40 1.75
CA VAL A 9 -2.67 6.19 1.37
C VAL A 9 -2.99 5.47 2.68
N VAL A 10 -4.23 5.03 2.85
CA VAL A 10 -4.69 4.31 4.02
C VAL A 10 -5.51 3.11 3.57
N ALA A 11 -5.57 2.11 4.43
CA ALA A 11 -6.32 0.88 4.25
C ALA A 11 -7.77 1.32 4.41
N LYS A 12 -8.59 1.19 3.36
CA LYS A 12 -9.99 1.61 3.44
C LYS A 12 -10.79 0.82 4.47
N VAL A 13 -10.42 -0.44 4.65
CA VAL A 13 -11.02 -1.40 5.57
C VAL A 13 -9.88 -2.23 6.15
N LYS A 14 -10.16 -3.04 7.17
CA LYS A 14 -9.15 -3.90 7.77
C LYS A 14 -8.69 -4.91 6.71
N ILE A 15 -7.39 -5.02 6.47
CA ILE A 15 -6.80 -5.92 5.50
C ILE A 15 -6.02 -7.00 6.28
N PRO A 16 -6.56 -8.21 6.47
CA PRO A 16 -5.82 -9.25 7.18
C PRO A 16 -4.58 -9.63 6.38
N GLU A 17 -3.53 -10.07 7.06
CA GLU A 17 -2.26 -10.49 6.45
C GLU A 17 -2.49 -11.49 5.30
N GLY A 18 -1.58 -11.50 4.33
CA GLY A 18 -1.62 -12.39 3.18
C GLY A 18 -2.60 -11.96 2.10
N THR A 19 -3.37 -10.90 2.32
CA THR A 19 -4.34 -10.39 1.37
C THR A 19 -3.64 -9.54 0.32
N ILE A 20 -4.14 -9.59 -0.92
CA ILE A 20 -3.63 -8.82 -2.04
C ILE A 20 -4.39 -7.49 -1.99
N LEU A 21 -3.66 -6.39 -2.07
CA LEU A 21 -4.22 -5.04 -2.04
C LEU A 21 -5.01 -4.75 -3.32
N THR A 22 -6.17 -4.13 -3.17
CA THR A 22 -7.06 -3.76 -4.28
C THR A 22 -7.54 -2.33 -4.07
N MET A 23 -8.00 -1.65 -5.13
CA MET A 23 -8.52 -0.28 -5.04
C MET A 23 -9.78 -0.24 -4.16
N ASP A 24 -10.43 -1.39 -3.94
CA ASP A 24 -11.63 -1.50 -3.14
C ASP A 24 -11.32 -1.51 -1.64
N MET A 25 -10.07 -1.75 -1.23
CA MET A 25 -9.64 -1.78 0.15
C MET A 25 -8.58 -0.70 0.40
N LEU A 26 -8.42 0.27 -0.51
CA LEU A 26 -7.44 1.33 -0.38
C LEU A 26 -8.05 2.65 -0.78
N THR A 27 -7.49 3.73 -0.24
CA THR A 27 -7.92 5.09 -0.49
C THR A 27 -6.80 6.02 -0.02
N VAL A 28 -6.97 7.33 -0.15
CA VAL A 28 -5.98 8.31 0.27
C VAL A 28 -6.69 9.41 1.05
N LYS A 29 -6.40 9.48 2.35
CA LYS A 29 -6.97 10.46 3.25
C LYS A 29 -6.29 11.77 2.94
N VAL A 30 -7.05 12.75 2.45
CA VAL A 30 -6.55 14.07 2.11
C VAL A 30 -5.77 14.66 3.30
N GLY A 31 -4.65 15.33 3.03
CA GLY A 31 -3.80 15.93 4.05
C GLY A 31 -2.33 15.68 3.72
N GLU A 32 -1.58 15.23 4.71
CA GLU A 32 -0.16 14.95 4.62
C GLU A 32 0.15 13.64 3.87
N PRO A 33 1.11 13.61 2.92
CA PRO A 33 1.49 12.42 2.16
C PRO A 33 2.36 11.47 3.00
N LYS A 34 1.80 10.98 4.10
CA LYS A 34 2.44 10.05 5.03
C LYS A 34 2.15 8.63 4.52
N GLY A 35 2.77 7.63 5.14
CA GLY A 35 2.56 6.25 4.79
C GLY A 35 3.22 5.84 3.49
N TYR A 36 2.60 6.23 2.39
CA TYR A 36 3.01 5.97 1.03
C TYR A 36 2.55 7.15 0.18
N PRO A 37 3.36 7.62 -0.78
CA PRO A 37 2.94 8.74 -1.61
C PRO A 37 1.73 8.31 -2.46
N PRO A 38 0.70 9.17 -2.59
CA PRO A 38 -0.48 8.84 -3.35
C PRO A 38 -0.23 8.76 -4.86
N GLU A 39 0.88 9.27 -5.37
CA GLU A 39 1.15 9.16 -6.79
C GLU A 39 1.44 7.69 -7.17
N ASP A 40 1.95 6.90 -6.23
CA ASP A 40 2.28 5.48 -6.40
C ASP A 40 1.17 4.57 -5.87
N ILE A 41 0.00 5.13 -5.53
CA ILE A 41 -1.16 4.40 -5.00
C ILE A 41 -1.54 3.21 -5.90
N PHE A 42 -1.46 3.38 -7.22
CA PHE A 42 -1.78 2.38 -8.22
C PHE A 42 -0.78 1.22 -8.22
N ASN A 43 0.44 1.40 -7.71
CA ASN A 43 1.48 0.37 -7.68
C ASN A 43 1.23 -0.60 -6.54
N LEU A 44 0.78 -0.08 -5.39
CA LEU A 44 0.48 -0.89 -4.21
C LEU A 44 -0.62 -1.89 -4.52
N VAL A 45 -1.53 -1.53 -5.44
CA VAL A 45 -2.64 -2.37 -5.86
C VAL A 45 -2.05 -3.58 -6.57
N GLY A 46 -2.11 -4.73 -5.89
CA GLY A 46 -1.62 -6.02 -6.33
C GLY A 46 -0.55 -6.59 -5.39
N LYS A 47 -0.02 -5.78 -4.45
CA LYS A 47 0.99 -6.25 -3.50
C LYS A 47 0.31 -7.01 -2.38
N LYS A 48 1.04 -7.88 -1.69
CA LYS A 48 0.51 -8.66 -0.58
C LYS A 48 0.97 -8.03 0.73
N VAL A 49 0.07 -7.95 1.71
CA VAL A 49 0.41 -7.40 3.02
C VAL A 49 1.20 -8.45 3.82
N LEU A 50 2.24 -7.99 4.51
CA LEU A 50 3.12 -8.81 5.35
C LEU A 50 2.54 -8.99 6.76
N VAL A 51 1.58 -8.17 7.16
CA VAL A 51 0.92 -8.17 8.46
C VAL A 51 -0.52 -7.68 8.29
N THR A 52 -1.36 -7.92 9.28
CA THR A 52 -2.74 -7.47 9.27
C THR A 52 -2.70 -5.96 9.49
N VAL A 53 -3.33 -5.22 8.59
CA VAL A 53 -3.44 -3.77 8.62
C VAL A 53 -4.87 -3.46 9.06
N GLU A 54 -5.05 -2.56 10.04
CA GLU A 54 -6.38 -2.21 10.52
C GLU A 54 -7.12 -1.27 9.57
N GLU A 55 -8.41 -1.07 9.85
CA GLU A 55 -9.28 -0.18 9.10
C GLU A 55 -8.75 1.23 9.30
N ASP A 56 -8.71 2.01 8.22
CA ASP A 56 -8.26 3.40 8.18
C ASP A 56 -6.78 3.56 8.56
N ASP A 57 -6.02 2.47 8.72
CA ASP A 57 -4.61 2.52 9.09
C ASP A 57 -3.74 3.00 7.93
N THR A 58 -2.56 3.52 8.23
CA THR A 58 -1.64 4.06 7.25
C THR A 58 -0.85 2.94 6.55
N ILE A 59 -0.99 2.81 5.24
CA ILE A 59 -0.26 1.79 4.49
C ILE A 59 1.19 2.28 4.37
N MET A 60 2.17 1.40 4.51
CA MET A 60 3.58 1.73 4.42
C MET A 60 4.31 0.64 3.64
N GLU A 61 5.51 0.96 3.11
CA GLU A 61 6.32 0.02 2.35
C GLU A 61 6.68 -1.19 3.22
N GLU A 62 7.00 -0.93 4.49
CA GLU A 62 7.37 -1.92 5.51
C GLU A 62 6.24 -2.88 5.91
N LEU A 63 5.07 -2.80 5.25
CA LEU A 63 3.91 -3.65 5.50
C LEU A 63 3.59 -4.44 4.23
N VAL A 64 4.35 -4.29 3.14
CA VAL A 64 4.13 -4.99 1.87
C VAL A 64 5.43 -5.60 1.36
N ASP A 65 5.29 -6.55 0.43
CA ASP A 65 6.39 -7.26 -0.20
C ASP A 65 7.07 -6.43 -1.29
N ASN A 66 8.20 -5.83 -0.95
CA ASN A 66 9.06 -5.00 -1.81
C ASN A 66 10.24 -4.52 -0.99
N HIS A 67 11.45 -4.58 -1.53
CA HIS A 67 12.66 -4.12 -0.87
C HIS A 67 13.46 -3.39 -1.93
N GLY A 68 13.52 -2.06 -1.88
CA GLY A 68 14.22 -1.26 -2.84
C GLY A 68 15.45 -0.58 -2.28
N LYS A 69 15.45 0.76 -2.23
CA LYS A 69 16.54 1.58 -1.74
C LYS A 69 16.13 2.00 -0.35
N LYS A 70 16.68 1.34 0.67
CA LYS A 70 16.42 1.63 2.06
C LYS A 70 17.70 1.36 2.84
N ILE A 71 17.74 1.73 4.12
CA ILE A 71 18.88 1.55 5.01
C ILE A 71 18.41 0.96 6.34
N LYS A 72 19.37 0.53 7.16
CA LYS A 72 19.09 -0.04 8.47
C LYS A 72 18.62 1.12 9.36
N SER A 73 17.70 0.84 10.28
CA SER A 73 17.13 1.82 11.21
C SER A 73 16.71 3.11 10.50
N SER A 74 16.05 2.96 9.35
CA SER A 74 15.55 4.04 8.53
C SER A 74 14.51 4.80 9.36
N GLY A 75 14.70 6.10 9.56
CA GLY A 75 13.79 6.94 10.33
C GLY A 75 14.38 8.32 10.58
N PRO A 76 13.54 9.35 10.80
CA PRO A 76 13.99 10.72 11.03
C PRO A 76 14.70 10.85 12.38
N SER A 77 14.16 10.16 13.38
CA SER A 77 14.62 10.10 14.76
C SER A 77 14.06 8.80 15.32
N SER A 78 14.68 8.27 16.36
CA SER A 78 14.31 7.06 17.06
C SER A 78 14.95 7.12 18.45
N GLY A 79 14.77 6.08 19.26
CA GLY A 79 15.30 6.04 20.61
C GLY A 79 14.72 7.20 21.39
N GLY A 1 -6.72 29.47 -11.22
CA GLY A 1 -5.99 28.83 -10.13
C GLY A 1 -5.33 27.53 -10.55
N SER A 2 -4.50 26.96 -9.67
CA SER A 2 -3.78 25.72 -9.87
C SER A 2 -3.50 25.19 -8.46
N SER A 3 -3.37 23.87 -8.28
CA SER A 3 -3.12 23.28 -6.98
C SER A 3 -2.63 21.84 -7.06
N GLY A 4 -2.15 21.32 -5.93
CA GLY A 4 -1.66 19.98 -5.71
C GLY A 4 -2.43 19.41 -4.53
N SER A 5 -2.00 18.28 -3.98
CA SER A 5 -2.63 17.65 -2.82
C SER A 5 -1.56 16.95 -1.99
N SER A 6 -1.77 16.89 -0.68
CA SER A 6 -0.86 16.26 0.27
C SER A 6 -1.70 15.25 1.03
N GLY A 7 -1.35 13.97 0.93
CA GLY A 7 -2.07 12.91 1.59
C GLY A 7 -1.28 11.61 1.55
N SER A 8 -1.92 10.55 2.03
CA SER A 8 -1.34 9.24 2.10
C SER A 8 -2.40 8.19 1.79
N VAL A 9 -1.96 7.00 1.40
CA VAL A 9 -2.84 5.89 1.10
C VAL A 9 -3.12 5.22 2.44
N VAL A 10 -4.40 5.08 2.78
CA VAL A 10 -4.83 4.45 4.03
C VAL A 10 -5.76 3.29 3.67
N ALA A 11 -5.73 2.26 4.51
CA ALA A 11 -6.52 1.04 4.41
C ALA A 11 -7.98 1.42 4.64
N LYS A 12 -8.81 1.32 3.60
CA LYS A 12 -10.23 1.66 3.67
C LYS A 12 -11.01 0.72 4.59
N VAL A 13 -10.50 -0.49 4.78
CA VAL A 13 -11.05 -1.55 5.61
C VAL A 13 -9.88 -2.36 6.16
N LYS A 14 -10.10 -3.20 7.16
CA LYS A 14 -9.08 -4.05 7.75
C LYS A 14 -8.61 -5.03 6.67
N ILE A 15 -7.31 -5.18 6.45
CA ILE A 15 -6.73 -6.08 5.44
C ILE A 15 -5.86 -7.09 6.20
N PRO A 16 -6.33 -8.32 6.43
CA PRO A 16 -5.54 -9.32 7.16
C PRO A 16 -4.31 -9.77 6.37
N GLU A 17 -3.27 -10.21 7.08
CA GLU A 17 -2.06 -10.68 6.43
C GLU A 17 -2.42 -11.85 5.51
N GLY A 18 -1.70 -11.93 4.40
CA GLY A 18 -1.89 -12.97 3.39
C GLY A 18 -2.97 -12.56 2.38
N THR A 19 -3.29 -11.27 2.29
CA THR A 19 -4.27 -10.69 1.40
C THR A 19 -3.54 -9.74 0.45
N ILE A 20 -4.12 -9.49 -0.73
CA ILE A 20 -3.58 -8.61 -1.73
C ILE A 20 -4.30 -7.27 -1.67
N LEU A 21 -3.57 -6.18 -1.89
CA LEU A 21 -4.10 -4.83 -1.89
C LEU A 21 -4.86 -4.62 -3.18
N THR A 22 -6.04 -4.01 -3.10
CA THR A 22 -6.90 -3.73 -4.24
C THR A 22 -7.33 -2.26 -4.16
N MET A 23 -7.72 -1.68 -5.29
CA MET A 23 -8.19 -0.30 -5.34
C MET A 23 -9.47 -0.15 -4.50
N ASP A 24 -10.18 -1.25 -4.23
CA ASP A 24 -11.41 -1.31 -3.47
C ASP A 24 -11.22 -1.27 -1.95
N MET A 25 -10.02 -1.57 -1.44
CA MET A 25 -9.72 -1.58 0.00
C MET A 25 -8.76 -0.44 0.39
N LEU A 26 -8.58 0.56 -0.48
CA LEU A 26 -7.67 1.68 -0.26
C LEU A 26 -8.36 3.00 -0.60
N THR A 27 -8.02 4.07 0.11
CA THR A 27 -8.55 5.41 -0.10
C THR A 27 -7.42 6.40 0.26
N VAL A 28 -7.31 7.53 -0.46
CA VAL A 28 -6.28 8.53 -0.21
C VAL A 28 -6.84 9.50 0.84
N LYS A 29 -6.22 9.59 2.02
CA LYS A 29 -6.67 10.45 3.11
C LYS A 29 -6.71 11.95 2.77
N VAL A 30 -5.86 12.44 1.86
CA VAL A 30 -5.79 13.86 1.46
C VAL A 30 -5.77 14.74 2.73
N GLY A 31 -4.68 14.62 3.48
CA GLY A 31 -4.44 15.35 4.72
C GLY A 31 -2.96 15.61 4.93
N GLU A 32 -2.18 14.54 5.13
CA GLU A 32 -0.74 14.64 5.37
C GLU A 32 0.04 13.62 4.54
N PRO A 33 1.31 13.90 4.20
CA PRO A 33 2.16 13.00 3.42
C PRO A 33 2.69 11.81 4.24
N LYS A 34 2.30 11.62 5.50
CA LYS A 34 2.76 10.49 6.31
C LYS A 34 2.08 9.26 5.74
N GLY A 35 2.84 8.34 5.18
CA GLY A 35 2.36 7.11 4.59
C GLY A 35 2.69 7.10 3.12
N TYR A 36 2.45 5.95 2.48
CA TYR A 36 2.71 5.75 1.07
C TYR A 36 2.01 6.84 0.23
N PRO A 37 2.70 7.44 -0.77
CA PRO A 37 2.12 8.49 -1.59
C PRO A 37 0.99 8.00 -2.51
N PRO A 38 0.02 8.87 -2.85
CA PRO A 38 -1.11 8.52 -3.70
C PRO A 38 -0.80 8.50 -5.20
N GLU A 39 0.40 8.87 -5.64
CA GLU A 39 0.74 8.86 -7.06
C GLU A 39 1.15 7.43 -7.43
N ASP A 40 1.98 6.82 -6.61
CA ASP A 40 2.51 5.46 -6.77
C ASP A 40 1.49 4.40 -6.32
N ILE A 41 0.24 4.80 -6.00
CA ILE A 41 -0.85 3.94 -5.55
C ILE A 41 -1.02 2.68 -6.41
N PHE A 42 -0.93 2.81 -7.74
CA PHE A 42 -1.08 1.69 -8.66
C PHE A 42 -0.05 0.60 -8.38
N ASN A 43 1.12 0.97 -7.85
CA ASN A 43 2.18 0.04 -7.53
C ASN A 43 1.78 -0.77 -6.30
N LEU A 44 1.10 -0.15 -5.32
CA LEU A 44 0.67 -0.85 -4.10
C LEU A 44 -0.38 -1.89 -4.46
N VAL A 45 -1.27 -1.54 -5.38
CA VAL A 45 -2.33 -2.44 -5.81
C VAL A 45 -1.64 -3.67 -6.41
N GLY A 46 -2.08 -4.85 -5.99
CA GLY A 46 -1.54 -6.12 -6.43
C GLY A 46 -0.48 -6.64 -5.46
N LYS A 47 -0.01 -5.83 -4.50
CA LYS A 47 0.99 -6.29 -3.54
C LYS A 47 0.34 -7.02 -2.39
N LYS A 48 1.11 -7.91 -1.76
CA LYS A 48 0.64 -8.69 -0.62
C LYS A 48 1.09 -7.95 0.64
N VAL A 49 0.20 -7.73 1.61
CA VAL A 49 0.57 -7.10 2.89
C VAL A 49 1.51 -8.06 3.63
N LEU A 50 2.16 -7.61 4.69
CA LEU A 50 3.07 -8.42 5.51
C LEU A 50 2.53 -8.64 6.93
N VAL A 51 1.45 -7.97 7.29
CA VAL A 51 0.78 -8.02 8.60
C VAL A 51 -0.68 -7.61 8.42
N THR A 52 -1.53 -7.92 9.39
CA THR A 52 -2.94 -7.55 9.37
C THR A 52 -3.01 -6.05 9.63
N VAL A 53 -3.37 -5.30 8.60
CA VAL A 53 -3.51 -3.85 8.63
C VAL A 53 -4.94 -3.55 9.12
N GLU A 54 -5.09 -2.65 10.10
CA GLU A 54 -6.40 -2.26 10.63
C GLU A 54 -7.07 -1.27 9.68
N GLU A 55 -8.36 -1.00 9.87
CA GLU A 55 -9.06 -0.03 9.04
C GLU A 55 -8.49 1.35 9.41
N ASP A 56 -8.48 2.26 8.44
CA ASP A 56 -8.00 3.64 8.50
C ASP A 56 -6.52 3.69 8.85
N ASP A 57 -5.81 2.55 8.85
CA ASP A 57 -4.40 2.49 9.13
C ASP A 57 -3.64 3.00 7.92
N THR A 58 -2.45 3.53 8.12
CA THR A 58 -1.65 4.08 7.06
C THR A 58 -0.78 3.01 6.41
N ILE A 59 -0.94 2.81 5.11
CA ILE A 59 -0.15 1.83 4.37
C ILE A 59 1.24 2.43 4.22
N MET A 60 2.26 1.60 4.39
CA MET A 60 3.64 1.98 4.28
C MET A 60 4.34 0.96 3.39
N GLU A 61 5.47 1.39 2.83
CA GLU A 61 6.31 0.59 1.94
C GLU A 61 6.82 -0.67 2.63
N GLU A 62 6.97 -0.67 3.97
CA GLU A 62 7.44 -1.86 4.68
C GLU A 62 6.30 -2.79 5.11
N LEU A 63 5.04 -2.41 4.89
CA LEU A 63 3.86 -3.21 5.22
C LEU A 63 3.39 -3.99 3.98
N VAL A 64 4.23 -4.10 2.96
CA VAL A 64 3.94 -4.80 1.73
C VAL A 64 5.19 -5.57 1.32
N ASP A 65 4.99 -6.78 0.82
CA ASP A 65 6.03 -7.69 0.36
C ASP A 65 6.57 -7.24 -1.00
N ASN A 66 7.24 -6.09 -1.02
CA ASN A 66 7.82 -5.49 -2.21
C ASN A 66 9.08 -4.74 -1.80
N HIS A 67 10.12 -4.78 -2.63
CA HIS A 67 11.44 -4.17 -2.43
C HIS A 67 12.10 -4.82 -1.22
N GLY A 68 11.59 -4.63 0.00
CA GLY A 68 12.10 -5.26 1.21
C GLY A 68 11.60 -6.72 1.18
N LYS A 69 12.13 -7.57 2.06
CA LYS A 69 11.87 -9.02 2.28
C LYS A 69 13.06 -9.74 2.92
N LYS A 70 14.17 -9.05 3.13
CA LYS A 70 15.38 -9.60 3.73
C LYS A 70 15.17 -9.63 5.23
N ILE A 71 14.95 -10.81 5.81
CA ILE A 71 14.75 -10.96 7.26
C ILE A 71 16.08 -10.78 8.04
N LYS A 72 17.17 -10.43 7.35
CA LYS A 72 18.48 -10.22 7.94
C LYS A 72 18.58 -8.77 8.39
N SER A 73 18.34 -8.53 9.67
CA SER A 73 18.40 -7.24 10.34
C SER A 73 19.83 -6.71 10.26
N SER A 74 20.19 -5.92 9.24
CA SER A 74 21.55 -5.42 9.11
C SER A 74 21.60 -4.21 8.18
N GLY A 75 22.29 -3.15 8.60
CA GLY A 75 22.42 -1.94 7.81
C GLY A 75 23.39 -2.18 6.65
N PRO A 76 23.11 -1.70 5.43
CA PRO A 76 23.99 -1.89 4.27
C PRO A 76 25.24 -1.01 4.36
N SER A 77 26.22 -1.28 3.49
CA SER A 77 27.45 -0.53 3.39
C SER A 77 27.03 0.87 2.94
N SER A 78 27.14 1.85 3.83
CA SER A 78 26.77 3.22 3.59
C SER A 78 27.58 4.09 4.55
N GLY A 79 28.84 4.35 4.19
CA GLY A 79 29.75 5.15 4.99
C GLY A 79 31.16 4.99 4.47
N GLY A 1 -1.93 22.68 -13.01
CA GLY A 1 -3.29 23.16 -13.27
C GLY A 1 -3.77 23.89 -12.04
N SER A 2 -4.88 23.45 -11.46
CA SER A 2 -5.48 23.98 -10.25
C SER A 2 -5.82 22.83 -9.28
N SER A 3 -5.71 21.58 -9.74
CA SER A 3 -5.97 20.40 -8.95
C SER A 3 -4.82 20.16 -7.98
N GLY A 4 -5.08 19.38 -6.94
CA GLY A 4 -4.14 18.99 -5.91
C GLY A 4 -4.50 17.58 -5.44
N SER A 5 -3.54 16.93 -4.79
CA SER A 5 -3.66 15.57 -4.28
C SER A 5 -2.98 15.42 -2.91
N SER A 6 -2.85 16.50 -2.13
CA SER A 6 -2.21 16.50 -0.81
C SER A 6 -2.88 15.45 0.08
N GLY A 7 -2.09 14.55 0.68
CA GLY A 7 -2.51 13.46 1.55
C GLY A 7 -1.65 12.22 1.29
N SER A 8 -2.01 11.07 1.87
CA SER A 8 -1.33 9.77 1.73
C SER A 8 -2.33 8.62 1.79
N VAL A 9 -1.91 7.45 1.32
CA VAL A 9 -2.70 6.22 1.24
C VAL A 9 -2.95 5.62 2.63
N VAL A 10 -4.17 5.11 2.79
CA VAL A 10 -4.67 4.45 3.98
C VAL A 10 -5.51 3.25 3.51
N ALA A 11 -5.72 2.27 4.39
CA ALA A 11 -6.52 1.10 4.06
C ALA A 11 -7.99 1.45 4.21
N LYS A 12 -8.81 0.99 3.27
CA LYS A 12 -10.26 1.24 3.28
C LYS A 12 -10.99 0.26 4.21
N VAL A 13 -10.40 -0.89 4.52
CA VAL A 13 -10.97 -1.92 5.38
C VAL A 13 -9.82 -2.58 6.15
N LYS A 14 -10.14 -3.41 7.15
CA LYS A 14 -9.14 -4.13 7.91
C LYS A 14 -8.61 -5.22 6.98
N ILE A 15 -7.41 -5.06 6.41
CA ILE A 15 -6.82 -6.02 5.47
C ILE A 15 -6.03 -7.07 6.26
N PRO A 16 -6.47 -8.33 6.36
CA PRO A 16 -5.71 -9.33 7.10
C PRO A 16 -4.42 -9.67 6.35
N GLU A 17 -3.38 -10.02 7.08
CA GLU A 17 -2.07 -10.39 6.54
C GLU A 17 -2.22 -11.47 5.45
N GLY A 18 -1.39 -11.39 4.41
CA GLY A 18 -1.41 -12.35 3.31
C GLY A 18 -2.44 -12.05 2.23
N THR A 19 -3.20 -10.97 2.35
CA THR A 19 -4.22 -10.59 1.38
C THR A 19 -3.59 -9.66 0.31
N ILE A 20 -4.01 -9.81 -0.95
CA ILE A 20 -3.53 -8.98 -2.06
C ILE A 20 -4.29 -7.65 -1.96
N LEU A 21 -3.57 -6.53 -2.11
CA LEU A 21 -4.13 -5.18 -2.08
C LEU A 21 -4.91 -4.91 -3.37
N THR A 22 -6.02 -4.21 -3.27
CA THR A 22 -6.87 -3.84 -4.40
C THR A 22 -7.38 -2.42 -4.13
N MET A 23 -7.93 -1.74 -5.13
CA MET A 23 -8.46 -0.39 -4.94
C MET A 23 -9.65 -0.42 -3.98
N ASP A 24 -10.32 -1.57 -3.83
CA ASP A 24 -11.48 -1.75 -2.96
C ASP A 24 -11.09 -1.65 -1.49
N MET A 25 -9.86 -2.04 -1.16
CA MET A 25 -9.33 -2.05 0.19
C MET A 25 -8.34 -0.92 0.46
N LEU A 26 -8.22 0.05 -0.45
CA LEU A 26 -7.31 1.19 -0.31
C LEU A 26 -8.07 2.47 -0.61
N THR A 27 -7.51 3.59 -0.19
CA THR A 27 -8.07 4.93 -0.40
C THR A 27 -6.97 5.91 0.02
N VAL A 28 -7.22 7.19 -0.18
CA VAL A 28 -6.29 8.25 0.21
C VAL A 28 -7.04 9.03 1.29
N LYS A 29 -6.29 9.73 2.13
CA LYS A 29 -6.79 10.55 3.21
C LYS A 29 -6.14 11.88 2.97
N VAL A 30 -6.90 12.91 2.61
CA VAL A 30 -6.32 14.21 2.35
C VAL A 30 -5.67 14.77 3.62
N GLY A 31 -4.74 15.71 3.47
CA GLY A 31 -4.05 16.34 4.58
C GLY A 31 -2.55 16.35 4.40
N GLU A 32 -1.86 15.37 4.99
CA GLU A 32 -0.40 15.23 4.98
C GLU A 32 0.08 13.97 4.25
N PRO A 33 1.34 13.93 3.76
CA PRO A 33 1.93 12.79 3.07
C PRO A 33 2.37 11.66 4.02
N LYS A 34 1.92 11.64 5.28
CA LYS A 34 2.27 10.60 6.25
C LYS A 34 1.90 9.25 5.67
N GLY A 35 2.89 8.41 5.38
CA GLY A 35 2.67 7.10 4.81
C GLY A 35 2.96 7.10 3.31
N TYR A 36 2.60 5.99 2.66
CA TYR A 36 2.80 5.80 1.25
C TYR A 36 2.09 6.91 0.45
N PRO A 37 2.75 7.59 -0.51
CA PRO A 37 2.14 8.67 -1.28
C PRO A 37 1.00 8.17 -2.17
N PRO A 38 0.02 9.02 -2.51
CA PRO A 38 -1.11 8.61 -3.33
C PRO A 38 -0.78 8.50 -4.81
N GLU A 39 0.25 9.19 -5.32
CA GLU A 39 0.59 9.10 -6.73
C GLU A 39 1.00 7.67 -7.08
N ASP A 40 1.77 7.04 -6.20
CA ASP A 40 2.27 5.69 -6.37
C ASP A 40 1.26 4.61 -5.98
N ILE A 41 0.02 4.94 -5.60
CA ILE A 41 -1.01 3.97 -5.19
C ILE A 41 -1.15 2.77 -6.14
N PHE A 42 -0.98 2.98 -7.44
CA PHE A 42 -1.07 1.92 -8.45
C PHE A 42 -0.06 0.80 -8.19
N ASN A 43 1.07 1.12 -7.57
CA ASN A 43 2.12 0.15 -7.24
C ASN A 43 1.64 -0.75 -6.11
N LEU A 44 0.98 -0.16 -5.10
CA LEU A 44 0.45 -0.91 -3.95
C LEU A 44 -0.63 -1.87 -4.41
N VAL A 45 -1.52 -1.43 -5.30
CA VAL A 45 -2.62 -2.22 -5.82
C VAL A 45 -2.04 -3.45 -6.54
N GLY A 46 -2.03 -4.59 -5.84
CA GLY A 46 -1.55 -5.88 -6.31
C GLY A 46 -0.53 -6.53 -5.39
N LYS A 47 0.05 -5.79 -4.44
CA LYS A 47 1.03 -6.30 -3.49
C LYS A 47 0.35 -7.06 -2.37
N LYS A 48 1.12 -7.80 -1.56
CA LYS A 48 0.58 -8.56 -0.43
C LYS A 48 0.91 -7.86 0.86
N VAL A 49 -0.01 -7.78 1.81
CA VAL A 49 0.32 -7.16 3.08
C VAL A 49 1.14 -8.17 3.89
N LEU A 50 2.19 -7.68 4.56
CA LEU A 50 3.08 -8.51 5.38
C LEU A 50 2.54 -8.70 6.79
N VAL A 51 1.59 -7.88 7.21
CA VAL A 51 0.97 -7.91 8.53
C VAL A 51 -0.47 -7.45 8.37
N THR A 52 -1.32 -7.69 9.37
CA THR A 52 -2.70 -7.25 9.30
C THR A 52 -2.69 -5.72 9.39
N VAL A 53 -3.56 -5.10 8.61
CA VAL A 53 -3.77 -3.68 8.52
C VAL A 53 -5.20 -3.46 9.02
N GLU A 54 -5.49 -2.29 9.56
CA GLU A 54 -6.80 -1.93 10.09
C GLU A 54 -7.48 -0.88 9.23
N GLU A 55 -8.78 -0.68 9.45
CA GLU A 55 -9.55 0.29 8.70
C GLU A 55 -8.98 1.69 8.98
N ASP A 56 -8.67 2.42 7.91
CA ASP A 56 -8.11 3.77 7.87
C ASP A 56 -6.65 3.82 8.34
N ASP A 57 -6.03 2.67 8.59
CA ASP A 57 -4.63 2.65 9.03
C ASP A 57 -3.75 3.17 7.89
N THR A 58 -2.51 3.59 8.15
CA THR A 58 -1.63 4.12 7.10
C THR A 58 -0.69 3.08 6.49
N ILE A 59 -0.76 2.90 5.17
CA ILE A 59 0.06 1.94 4.44
C ILE A 59 1.50 2.51 4.38
N MET A 60 2.50 1.63 4.42
CA MET A 60 3.91 1.94 4.36
C MET A 60 4.58 0.87 3.49
N GLU A 61 5.75 1.16 2.93
CA GLU A 61 6.46 0.20 2.08
C GLU A 61 6.86 -1.05 2.85
N GLU A 62 7.15 -0.90 4.14
CA GLU A 62 7.58 -2.00 5.00
C GLU A 62 6.44 -2.97 5.36
N LEU A 63 5.20 -2.66 4.95
CA LEU A 63 4.04 -3.48 5.22
C LEU A 63 3.61 -4.27 3.97
N VAL A 64 4.41 -4.29 2.90
CA VAL A 64 4.09 -5.01 1.66
C VAL A 64 5.26 -5.86 1.17
N ASP A 65 4.94 -6.91 0.40
CA ASP A 65 5.89 -7.86 -0.18
C ASP A 65 6.88 -7.24 -1.15
N ASN A 66 7.91 -8.02 -1.49
CA ASN A 66 8.93 -7.58 -2.42
C ASN A 66 8.41 -7.89 -3.81
N HIS A 67 7.62 -6.96 -4.31
CA HIS A 67 6.98 -6.98 -5.60
C HIS A 67 7.98 -6.98 -6.77
N GLY A 68 9.26 -6.75 -6.48
CA GLY A 68 10.35 -6.72 -7.42
C GLY A 68 11.63 -7.26 -6.76
N LYS A 69 12.76 -7.03 -7.44
CA LYS A 69 14.10 -7.43 -7.06
C LYS A 69 14.70 -6.32 -6.22
N LYS A 70 14.91 -6.56 -4.94
CA LYS A 70 15.50 -5.59 -4.04
C LYS A 70 16.58 -6.30 -3.22
N ILE A 71 17.22 -5.58 -2.30
CA ILE A 71 18.25 -6.09 -1.41
C ILE A 71 17.69 -5.94 0.01
N LYS A 72 18.36 -6.52 1.01
CA LYS A 72 17.98 -6.46 2.42
C LYS A 72 18.00 -4.99 2.84
N SER A 73 16.85 -4.38 3.09
CA SER A 73 16.74 -2.98 3.51
C SER A 73 15.43 -2.78 4.28
N SER A 74 15.48 -1.86 5.24
CA SER A 74 14.38 -1.47 6.11
C SER A 74 13.56 -0.31 5.54
N GLY A 75 13.95 0.25 4.38
CA GLY A 75 13.26 1.38 3.75
C GLY A 75 12.94 2.47 4.79
N PRO A 76 13.95 3.08 5.45
CA PRO A 76 13.73 4.09 6.48
C PRO A 76 12.92 5.31 6.03
N SER A 77 13.09 5.76 4.78
CA SER A 77 12.36 6.92 4.28
C SER A 77 12.24 6.81 2.76
N SER A 78 11.74 7.86 2.11
CA SER A 78 11.56 7.94 0.67
C SER A 78 11.58 9.43 0.32
N GLY A 79 12.31 9.81 -0.73
CA GLY A 79 12.42 11.20 -1.16
C GLY A 79 13.05 12.03 -0.07
N GLY A 1 -10.69 19.41 -1.74
CA GLY A 1 -10.23 20.13 -2.92
C GLY A 1 -10.54 19.32 -4.16
N SER A 2 -9.97 19.72 -5.30
CA SER A 2 -10.12 19.08 -6.60
C SER A 2 -8.69 18.92 -7.15
N SER A 3 -8.06 20.05 -7.45
CA SER A 3 -6.69 20.12 -7.97
C SER A 3 -5.78 20.24 -6.75
N GLY A 4 -5.28 19.11 -6.26
CA GLY A 4 -4.41 19.04 -5.09
C GLY A 4 -4.97 17.98 -4.17
N SER A 5 -4.11 17.11 -3.66
CA SER A 5 -4.48 16.03 -2.78
C SER A 5 -3.27 15.69 -1.92
N SER A 6 -3.03 16.49 -0.88
CA SER A 6 -1.95 16.28 0.06
C SER A 6 -2.54 15.23 1.00
N GLY A 7 -2.13 13.97 0.87
CA GLY A 7 -2.66 12.91 1.70
C GLY A 7 -1.79 11.66 1.70
N SER A 8 -2.22 10.69 2.51
CA SER A 8 -1.58 9.41 2.76
C SER A 8 -2.50 8.23 2.41
N VAL A 9 -2.00 7.21 1.70
CA VAL A 9 -2.78 6.03 1.35
C VAL A 9 -3.10 5.26 2.63
N VAL A 10 -4.37 4.93 2.84
CA VAL A 10 -4.82 4.18 4.00
C VAL A 10 -5.75 3.05 3.53
N ALA A 11 -5.78 1.97 4.30
CA ALA A 11 -6.63 0.83 4.01
C ALA A 11 -8.06 1.27 4.28
N LYS A 12 -8.95 1.07 3.32
CA LYS A 12 -10.37 1.45 3.46
C LYS A 12 -11.10 0.54 4.42
N VAL A 13 -10.66 -0.71 4.55
CA VAL A 13 -11.24 -1.73 5.40
C VAL A 13 -10.08 -2.48 6.06
N LYS A 14 -10.33 -3.34 7.05
CA LYS A 14 -9.25 -4.08 7.69
C LYS A 14 -8.77 -5.15 6.70
N ILE A 15 -7.52 -5.06 6.24
CA ILE A 15 -6.93 -5.99 5.30
C ILE A 15 -6.05 -6.95 6.09
N PRO A 16 -6.47 -8.23 6.28
CA PRO A 16 -5.67 -9.20 7.01
C PRO A 16 -4.39 -9.51 6.25
N GLU A 17 -3.34 -9.82 7.03
CA GLU A 17 -2.01 -10.16 6.56
C GLU A 17 -2.08 -11.24 5.47
N GLY A 18 -1.22 -11.15 4.46
CA GLY A 18 -1.19 -12.10 3.37
C GLY A 18 -2.26 -11.86 2.30
N THR A 19 -3.10 -10.82 2.42
CA THR A 19 -4.13 -10.55 1.42
C THR A 19 -3.54 -9.59 0.38
N ILE A 20 -4.04 -9.57 -0.85
CA ILE A 20 -3.55 -8.68 -1.90
C ILE A 20 -4.34 -7.36 -1.84
N LEU A 21 -3.68 -6.24 -2.16
CA LEU A 21 -4.29 -4.93 -2.16
C LEU A 21 -5.07 -4.72 -3.44
N THR A 22 -6.26 -4.14 -3.33
CA THR A 22 -7.18 -3.83 -4.41
C THR A 22 -7.61 -2.37 -4.24
N MET A 23 -8.01 -1.71 -5.33
CA MET A 23 -8.48 -0.32 -5.27
C MET A 23 -9.71 -0.24 -4.36
N ASP A 24 -10.53 -1.29 -4.41
CA ASP A 24 -11.76 -1.52 -3.66
C ASP A 24 -11.54 -1.55 -2.14
N MET A 25 -10.31 -1.77 -1.66
CA MET A 25 -9.98 -1.82 -0.24
C MET A 25 -9.03 -0.68 0.14
N LEU A 26 -8.90 0.34 -0.70
CA LEU A 26 -8.00 1.47 -0.45
C LEU A 26 -8.69 2.83 -0.61
N THR A 27 -7.97 3.86 -0.19
CA THR A 27 -8.31 5.27 -0.22
C THR A 27 -7.05 6.06 0.17
N VAL A 28 -7.11 7.39 0.09
CA VAL A 28 -6.02 8.28 0.45
C VAL A 28 -6.63 9.33 1.38
N LYS A 29 -6.24 9.27 2.64
CA LYS A 29 -6.67 10.17 3.70
C LYS A 29 -6.06 11.52 3.43
N VAL A 30 -6.90 12.50 3.09
CA VAL A 30 -6.41 13.85 2.84
C VAL A 30 -5.91 14.35 4.20
N GLY A 31 -4.71 14.90 4.23
CA GLY A 31 -4.07 15.40 5.43
C GLY A 31 -2.60 15.63 5.14
N GLU A 32 -1.76 14.62 5.35
CA GLU A 32 -0.32 14.71 5.12
C GLU A 32 0.18 13.47 4.36
N PRO A 33 1.35 13.54 3.69
CA PRO A 33 1.96 12.45 2.90
C PRO A 33 2.59 11.29 3.71
N LYS A 34 2.05 10.97 4.88
CA LYS A 34 2.55 9.89 5.72
C LYS A 34 2.48 8.55 4.99
N GLY A 35 3.50 7.72 5.14
CA GLY A 35 3.58 6.40 4.54
C GLY A 35 3.77 6.37 3.03
N TYR A 36 2.76 6.71 2.22
CA TYR A 36 2.86 6.62 0.77
C TYR A 36 1.99 7.64 0.00
N PRO A 37 2.42 8.13 -1.19
CA PRO A 37 1.68 9.10 -2.00
C PRO A 37 0.61 8.48 -2.91
N PRO A 38 -0.34 9.28 -3.43
CA PRO A 38 -1.39 8.80 -4.32
C PRO A 38 -0.89 8.62 -5.76
N GLU A 39 0.32 9.12 -6.08
CA GLU A 39 0.91 9.01 -7.40
C GLU A 39 1.46 7.60 -7.65
N ASP A 40 1.72 6.82 -6.59
CA ASP A 40 2.26 5.46 -6.68
C ASP A 40 1.30 4.41 -6.15
N ILE A 41 0.05 4.77 -5.83
CA ILE A 41 -0.96 3.86 -5.30
C ILE A 41 -1.09 2.60 -6.17
N PHE A 42 -0.95 2.74 -7.49
CA PHE A 42 -1.03 1.66 -8.47
C PHE A 42 0.04 0.60 -8.24
N ASN A 43 1.18 0.99 -7.67
CA ASN A 43 2.28 0.06 -7.38
C ASN A 43 1.97 -0.74 -6.13
N LEU A 44 1.21 -0.16 -5.18
CA LEU A 44 0.82 -0.86 -3.96
C LEU A 44 -0.29 -1.84 -4.31
N VAL A 45 -1.20 -1.46 -5.21
CA VAL A 45 -2.28 -2.35 -5.63
C VAL A 45 -1.56 -3.52 -6.32
N GLY A 46 -1.80 -4.73 -5.80
CA GLY A 46 -1.18 -5.95 -6.29
C GLY A 46 -0.12 -6.48 -5.30
N LYS A 47 0.26 -5.72 -4.27
CA LYS A 47 1.24 -6.18 -3.27
C LYS A 47 0.48 -6.96 -2.22
N LYS A 48 1.21 -7.65 -1.35
CA LYS A 48 0.69 -8.46 -0.26
C LYS A 48 1.16 -7.83 1.05
N VAL A 49 0.25 -7.62 1.99
CA VAL A 49 0.60 -7.04 3.28
C VAL A 49 1.35 -8.08 4.11
N LEU A 50 2.34 -7.64 4.88
CA LEU A 50 3.16 -8.49 5.74
C LEU A 50 2.58 -8.62 7.14
N VAL A 51 1.61 -7.78 7.49
CA VAL A 51 0.92 -7.77 8.78
C VAL A 51 -0.52 -7.29 8.52
N THR A 52 -1.44 -7.51 9.44
CA THR A 52 -2.82 -7.07 9.29
C THR A 52 -2.84 -5.55 9.47
N VAL A 53 -3.55 -4.88 8.56
CA VAL A 53 -3.71 -3.43 8.51
C VAL A 53 -5.18 -3.13 8.80
N GLU A 54 -5.47 -2.30 9.80
CA GLU A 54 -6.84 -1.95 10.16
C GLU A 54 -7.41 -0.89 9.22
N GLU A 55 -8.71 -0.64 9.36
CA GLU A 55 -9.39 0.38 8.56
C GLU A 55 -8.72 1.71 8.95
N ASP A 56 -8.57 2.58 7.96
CA ASP A 56 -7.98 3.90 8.04
C ASP A 56 -6.51 3.88 8.47
N ASP A 57 -5.88 2.69 8.56
CA ASP A 57 -4.49 2.60 8.95
C ASP A 57 -3.58 2.94 7.77
N THR A 58 -2.41 3.49 8.08
CA THR A 58 -1.43 3.95 7.12
C THR A 58 -0.66 2.84 6.44
N ILE A 59 -0.80 2.74 5.12
CA ILE A 59 -0.05 1.75 4.38
C ILE A 59 1.38 2.30 4.32
N MET A 60 2.40 1.44 4.34
CA MET A 60 3.80 1.83 4.29
C MET A 60 4.57 0.83 3.45
N GLU A 61 5.71 1.25 2.90
CA GLU A 61 6.56 0.38 2.08
C GLU A 61 7.18 -0.75 2.92
N GLU A 62 7.14 -0.64 4.25
CA GLU A 62 7.68 -1.65 5.16
C GLU A 62 6.65 -2.77 5.41
N LEU A 63 5.37 -2.41 5.42
CA LEU A 63 4.24 -3.31 5.66
C LEU A 63 3.82 -4.12 4.45
N VAL A 64 4.54 -4.07 3.34
CA VAL A 64 4.20 -4.79 2.13
C VAL A 64 5.38 -5.63 1.64
N ASP A 65 5.05 -6.68 0.91
CA ASP A 65 5.99 -7.63 0.33
C ASP A 65 6.67 -6.98 -0.89
N ASN A 66 7.55 -7.72 -1.56
CA ASN A 66 8.23 -7.18 -2.72
C ASN A 66 7.28 -7.11 -3.91
N HIS A 67 7.44 -6.08 -4.74
CA HIS A 67 6.65 -5.85 -5.95
C HIS A 67 6.94 -7.01 -6.90
N GLY A 68 6.08 -8.04 -6.83
CA GLY A 68 6.17 -9.25 -7.61
C GLY A 68 7.19 -10.21 -7.00
N LYS A 69 7.02 -11.50 -7.27
CA LYS A 69 7.85 -12.60 -6.81
C LYS A 69 8.17 -13.45 -8.03
N LYS A 70 9.44 -13.66 -8.33
CA LYS A 70 9.83 -14.46 -9.48
C LYS A 70 11.25 -14.98 -9.32
N ILE A 71 11.51 -16.20 -9.78
CA ILE A 71 12.85 -16.78 -9.72
C ILE A 71 13.64 -16.17 -10.89
N LYS A 72 14.98 -16.18 -10.79
CA LYS A 72 15.86 -15.66 -11.82
C LYS A 72 16.50 -16.81 -12.57
N SER A 73 16.87 -16.59 -13.84
CA SER A 73 17.50 -17.59 -14.67
C SER A 73 19.02 -17.42 -14.63
N SER A 74 19.75 -18.45 -15.08
CA SER A 74 21.20 -18.53 -15.17
C SER A 74 21.50 -19.80 -15.97
N GLY A 75 22.77 -20.22 -16.05
CA GLY A 75 23.18 -21.42 -16.77
C GLY A 75 23.92 -22.39 -15.84
N PRO A 76 24.08 -23.66 -16.23
CA PRO A 76 24.77 -24.68 -15.44
C PRO A 76 26.30 -24.53 -15.50
N SER A 77 26.82 -23.53 -16.20
CA SER A 77 28.23 -23.23 -16.36
C SER A 77 28.32 -21.71 -16.46
N SER A 78 29.48 -21.14 -16.13
CA SER A 78 29.77 -19.72 -16.16
C SER A 78 31.29 -19.56 -16.24
N GLY A 79 31.77 -18.33 -16.33
CA GLY A 79 33.15 -17.90 -16.41
C GLY A 79 33.13 -16.38 -16.42
N GLY A 1 9.24 20.67 4.72
CA GLY A 1 8.10 21.51 5.06
C GLY A 1 7.64 22.23 3.81
N SER A 2 6.34 22.19 3.50
CA SER A 2 5.76 22.83 2.32
C SER A 2 4.38 23.39 2.70
N SER A 3 3.56 23.80 1.74
CA SER A 3 2.23 24.36 1.96
C SER A 3 1.29 23.79 0.89
N GLY A 4 -0.03 23.79 1.14
CA GLY A 4 -0.99 23.25 0.18
C GLY A 4 -0.85 21.73 0.13
N SER A 5 -0.80 21.10 1.31
CA SER A 5 -0.66 19.66 1.48
C SER A 5 -1.81 18.87 0.83
N SER A 6 -1.55 17.60 0.52
CA SER A 6 -2.51 16.69 -0.08
C SER A 6 -3.05 15.75 1.01
N GLY A 7 -2.62 14.49 1.04
CA GLY A 7 -3.02 13.46 1.99
C GLY A 7 -2.19 12.23 1.68
N SER A 8 -2.57 11.06 2.20
CA SER A 8 -1.82 9.83 1.98
C SER A 8 -2.73 8.61 1.81
N VAL A 9 -2.11 7.48 1.49
CA VAL A 9 -2.71 6.17 1.26
C VAL A 9 -3.03 5.53 2.61
N VAL A 10 -4.31 5.24 2.86
CA VAL A 10 -4.75 4.60 4.10
C VAL A 10 -5.61 3.39 3.78
N ALA A 11 -5.57 2.35 4.61
CA ALA A 11 -6.34 1.13 4.45
C ALA A 11 -7.83 1.51 4.42
N LYS A 12 -8.51 1.28 3.30
CA LYS A 12 -9.92 1.61 3.14
C LYS A 12 -10.83 0.80 4.07
N VAL A 13 -10.42 -0.42 4.38
CA VAL A 13 -11.05 -1.40 5.24
C VAL A 13 -9.92 -2.19 5.90
N LYS A 14 -10.19 -3.00 6.92
CA LYS A 14 -9.17 -3.79 7.58
C LYS A 14 -8.61 -4.78 6.56
N ILE A 15 -7.29 -4.84 6.44
CA ILE A 15 -6.60 -5.72 5.50
C ILE A 15 -5.82 -6.74 6.34
N PRO A 16 -6.31 -7.97 6.50
CA PRO A 16 -5.62 -8.99 7.27
C PRO A 16 -4.37 -9.44 6.50
N GLU A 17 -3.32 -9.82 7.21
CA GLU A 17 -2.06 -10.28 6.66
C GLU A 17 -2.22 -11.40 5.63
N GLY A 18 -1.34 -11.41 4.62
CA GLY A 18 -1.31 -12.38 3.54
C GLY A 18 -2.35 -12.10 2.43
N THR A 19 -3.18 -11.08 2.58
CA THR A 19 -4.19 -10.73 1.59
C THR A 19 -3.57 -9.90 0.48
N ILE A 20 -4.12 -9.97 -0.74
CA ILE A 20 -3.63 -9.19 -1.86
C ILE A 20 -4.42 -7.88 -1.88
N LEU A 21 -3.70 -6.76 -1.94
CA LEU A 21 -4.25 -5.42 -1.98
C LEU A 21 -4.98 -5.22 -3.29
N THR A 22 -6.04 -4.43 -3.26
CA THR A 22 -6.87 -4.11 -4.42
C THR A 22 -7.25 -2.63 -4.30
N MET A 23 -7.66 -1.97 -5.41
CA MET A 23 -8.09 -0.57 -5.30
C MET A 23 -9.34 -0.53 -4.41
N ASP A 24 -10.10 -1.63 -4.37
CA ASP A 24 -11.30 -1.72 -3.55
C ASP A 24 -11.00 -1.62 -2.05
N MET A 25 -9.74 -1.80 -1.63
CA MET A 25 -9.30 -1.74 -0.25
C MET A 25 -8.25 -0.64 0.00
N LEU A 26 -7.92 0.20 -1.00
CA LEU A 26 -6.93 1.27 -0.85
C LEU A 26 -7.56 2.59 -1.24
N THR A 27 -7.64 3.53 -0.32
CA THR A 27 -8.19 4.87 -0.52
C THR A 27 -7.15 5.92 -0.17
N VAL A 28 -7.43 7.20 -0.46
CA VAL A 28 -6.54 8.31 -0.16
C VAL A 28 -7.28 9.24 0.78
N LYS A 29 -6.54 9.96 1.62
CA LYS A 29 -7.06 10.92 2.59
C LYS A 29 -6.70 12.33 2.15
N VAL A 30 -6.97 13.30 3.04
CA VAL A 30 -6.73 14.73 2.81
C VAL A 30 -6.00 15.36 4.01
N GLY A 31 -5.40 14.54 4.87
CA GLY A 31 -4.69 14.99 6.05
C GLY A 31 -3.29 15.51 5.75
N GLU A 32 -2.31 14.63 5.83
CA GLU A 32 -0.89 14.90 5.60
C GLU A 32 -0.31 13.80 4.69
N PRO A 33 0.81 14.04 3.97
CA PRO A 33 1.43 13.06 3.08
C PRO A 33 2.15 11.91 3.80
N LYS A 34 2.20 11.91 5.15
CA LYS A 34 2.84 10.85 5.92
C LYS A 34 2.26 9.52 5.46
N GLY A 35 3.09 8.55 5.11
CA GLY A 35 2.67 7.25 4.61
C GLY A 35 3.08 7.08 3.17
N TYR A 36 2.59 6.01 2.55
CA TYR A 36 2.91 5.74 1.16
C TYR A 36 2.30 6.87 0.29
N PRO A 37 3.07 7.51 -0.59
CA PRO A 37 2.58 8.58 -1.42
C PRO A 37 1.49 8.10 -2.39
N PRO A 38 0.36 8.82 -2.54
CA PRO A 38 -0.71 8.39 -3.43
C PRO A 38 -0.33 8.45 -4.91
N GLU A 39 0.71 9.19 -5.31
CA GLU A 39 1.10 9.24 -6.72
C GLU A 39 1.55 7.85 -7.21
N ASP A 40 2.03 6.98 -6.31
CA ASP A 40 2.50 5.64 -6.66
C ASP A 40 1.55 4.56 -6.14
N ILE A 41 0.33 4.90 -5.70
CA ILE A 41 -0.68 3.96 -5.18
C ILE A 41 -0.87 2.77 -6.12
N PHE A 42 -0.77 3.01 -7.43
CA PHE A 42 -0.92 2.02 -8.49
C PHE A 42 -0.02 0.80 -8.28
N ASN A 43 1.12 0.97 -7.63
CA ASN A 43 2.09 -0.09 -7.36
C ASN A 43 1.74 -0.92 -6.13
N LEU A 44 0.91 -0.39 -5.22
CA LEU A 44 0.49 -1.11 -4.02
C LEU A 44 -0.60 -2.10 -4.41
N VAL A 45 -1.45 -1.72 -5.35
CA VAL A 45 -2.54 -2.53 -5.84
C VAL A 45 -1.92 -3.80 -6.42
N GLY A 46 -2.35 -4.98 -5.96
CA GLY A 46 -1.86 -6.26 -6.40
C GLY A 46 -0.75 -6.82 -5.51
N LYS A 47 -0.17 -6.07 -4.57
CA LYS A 47 0.88 -6.59 -3.68
C LYS A 47 0.22 -7.31 -2.50
N LYS A 48 0.99 -8.11 -1.77
CA LYS A 48 0.48 -8.84 -0.62
C LYS A 48 0.93 -8.14 0.64
N VAL A 49 0.10 -8.15 1.69
CA VAL A 49 0.45 -7.51 2.94
C VAL A 49 1.26 -8.46 3.80
N LEU A 50 2.28 -7.91 4.47
CA LEU A 50 3.17 -8.64 5.36
C LEU A 50 2.61 -8.73 6.77
N VAL A 51 1.65 -7.87 7.14
CA VAL A 51 1.05 -7.83 8.47
C VAL A 51 -0.39 -7.36 8.36
N THR A 52 -1.20 -7.55 9.40
CA THR A 52 -2.56 -7.08 9.40
C THR A 52 -2.50 -5.56 9.58
N VAL A 53 -3.40 -4.87 8.91
CA VAL A 53 -3.53 -3.42 8.93
C VAL A 53 -5.00 -3.13 9.22
N GLU A 54 -5.25 -2.36 10.29
CA GLU A 54 -6.60 -1.98 10.67
C GLU A 54 -7.12 -0.95 9.67
N GLU A 55 -8.44 -0.80 9.66
CA GLU A 55 -9.11 0.15 8.78
C GLU A 55 -8.71 1.56 9.22
N ASP A 56 -8.37 2.40 8.24
CA ASP A 56 -7.95 3.81 8.32
C ASP A 56 -6.47 3.99 8.66
N ASP A 57 -5.70 2.90 8.81
CA ASP A 57 -4.27 2.98 9.11
C ASP A 57 -3.49 3.47 7.88
N THR A 58 -2.31 4.03 8.12
CA THR A 58 -1.40 4.54 7.11
C THR A 58 -0.60 3.38 6.49
N ILE A 59 -0.77 3.12 5.19
CA ILE A 59 -0.04 2.06 4.51
C ILE A 59 1.42 2.53 4.34
N MET A 60 2.38 1.61 4.46
CA MET A 60 3.82 1.85 4.33
C MET A 60 4.38 0.72 3.48
N GLU A 61 5.49 0.99 2.79
CA GLU A 61 6.14 0.01 1.91
C GLU A 61 6.61 -1.24 2.66
N GLU A 62 6.94 -1.08 3.95
CA GLU A 62 7.40 -2.18 4.77
C GLU A 62 6.29 -3.21 5.01
N LEU A 63 5.03 -2.79 4.89
CA LEU A 63 3.86 -3.63 5.10
C LEU A 63 3.45 -4.41 3.85
N VAL A 64 4.21 -4.33 2.74
CA VAL A 64 3.89 -5.01 1.49
C VAL A 64 5.08 -5.77 0.92
N ASP A 65 4.94 -7.10 0.83
CA ASP A 65 5.93 -8.03 0.30
C ASP A 65 5.99 -7.86 -1.21
N ASN A 66 7.15 -7.48 -1.74
CA ASN A 66 7.42 -7.27 -3.15
C ASN A 66 8.81 -6.66 -3.33
N HIS A 67 9.72 -7.40 -3.97
CA HIS A 67 11.08 -6.94 -4.25
C HIS A 67 11.03 -6.03 -5.47
N GLY A 68 10.30 -4.91 -5.38
CA GLY A 68 10.10 -3.91 -6.42
C GLY A 68 9.77 -4.59 -7.75
N LYS A 69 10.32 -4.07 -8.84
CA LYS A 69 10.11 -4.62 -10.18
C LYS A 69 11.35 -5.42 -10.52
N LYS A 70 11.21 -6.55 -11.21
CA LYS A 70 12.34 -7.36 -11.61
C LYS A 70 11.89 -8.16 -12.82
N ILE A 71 12.62 -8.07 -13.93
CA ILE A 71 12.28 -8.77 -15.17
C ILE A 71 12.30 -10.28 -14.87
N LYS A 72 11.54 -11.06 -15.64
CA LYS A 72 11.42 -12.51 -15.54
C LYS A 72 12.05 -13.16 -16.78
N SER A 73 11.83 -12.56 -17.95
CA SER A 73 12.34 -13.02 -19.23
C SER A 73 13.84 -12.69 -19.35
N SER A 74 14.37 -12.84 -20.55
CA SER A 74 15.74 -12.59 -20.95
C SER A 74 15.74 -12.03 -22.37
N GLY A 75 16.90 -11.55 -22.82
CA GLY A 75 17.10 -10.98 -24.15
C GLY A 75 17.80 -9.63 -24.09
N PRO A 76 17.14 -8.55 -23.65
CA PRO A 76 17.76 -7.23 -23.59
C PRO A 76 18.76 -7.10 -22.44
N SER A 77 19.66 -6.13 -22.57
CA SER A 77 20.70 -5.80 -21.60
C SER A 77 20.06 -5.31 -20.29
N SER A 78 20.80 -5.41 -19.19
CA SER A 78 20.35 -5.00 -17.85
C SER A 78 19.79 -3.59 -17.81
N GLY A 79 20.36 -2.65 -18.55
CA GLY A 79 19.93 -1.27 -18.60
C GLY A 79 21.14 -0.51 -19.04
N GLY A 1 -13.61 10.88 -9.43
CA GLY A 1 -12.90 12.10 -9.02
C GLY A 1 -12.68 12.13 -7.52
N SER A 2 -11.55 11.61 -7.05
CA SER A 2 -11.19 11.57 -5.64
C SER A 2 -10.77 12.99 -5.25
N SER A 3 -11.40 13.62 -4.25
CA SER A 3 -11.07 14.97 -3.81
C SER A 3 -9.76 14.97 -3.02
N GLY A 4 -8.61 14.74 -3.67
CA GLY A 4 -7.35 14.71 -2.97
C GLY A 4 -6.14 14.89 -3.88
N SER A 5 -5.05 15.28 -3.24
CA SER A 5 -3.72 15.54 -3.77
C SER A 5 -2.77 15.48 -2.57
N SER A 6 -2.86 16.45 -1.65
CA SER A 6 -2.05 16.53 -0.44
C SER A 6 -2.58 15.51 0.57
N GLY A 7 -2.00 14.31 0.67
CA GLY A 7 -2.48 13.29 1.59
C GLY A 7 -1.64 12.01 1.48
N SER A 8 -2.11 10.93 2.10
CA SER A 8 -1.44 9.64 2.11
C SER A 8 -2.43 8.50 1.88
N VAL A 9 -1.92 7.38 1.36
CA VAL A 9 -2.73 6.20 1.12
C VAL A 9 -2.95 5.55 2.49
N VAL A 10 -4.13 5.01 2.71
CA VAL A 10 -4.51 4.32 3.92
C VAL A 10 -5.38 3.14 3.51
N ALA A 11 -5.52 2.19 4.42
CA ALA A 11 -6.32 1.00 4.24
C ALA A 11 -7.78 1.42 4.32
N LYS A 12 -8.56 1.15 3.27
CA LYS A 12 -9.97 1.51 3.26
C LYS A 12 -10.78 0.56 4.13
N VAL A 13 -10.28 -0.64 4.41
CA VAL A 13 -10.91 -1.68 5.21
C VAL A 13 -9.83 -2.43 5.99
N LYS A 14 -10.20 -3.26 6.97
CA LYS A 14 -9.24 -4.05 7.74
C LYS A 14 -8.78 -5.16 6.79
N ILE A 15 -7.51 -5.14 6.40
CA ILE A 15 -6.90 -6.10 5.48
C ILE A 15 -6.02 -7.06 6.28
N PRO A 16 -6.45 -8.30 6.54
CA PRO A 16 -5.65 -9.25 7.29
C PRO A 16 -4.40 -9.65 6.50
N GLU A 17 -3.36 -10.06 7.22
CA GLU A 17 -2.09 -10.49 6.65
C GLU A 17 -2.31 -11.56 5.56
N GLY A 18 -1.45 -11.54 4.54
CA GLY A 18 -1.49 -12.48 3.43
C GLY A 18 -2.47 -12.08 2.32
N THR A 19 -3.24 -11.01 2.49
CA THR A 19 -4.21 -10.57 1.49
C THR A 19 -3.56 -9.68 0.42
N ILE A 20 -4.03 -9.79 -0.82
CA ILE A 20 -3.57 -9.04 -1.99
C ILE A 20 -4.37 -7.73 -2.03
N LEU A 21 -3.68 -6.60 -2.17
CA LEU A 21 -4.25 -5.26 -2.23
C LEU A 21 -4.99 -5.01 -3.56
N THR A 22 -6.01 -4.16 -3.50
CA THR A 22 -6.85 -3.74 -4.61
C THR A 22 -7.24 -2.28 -4.36
N MET A 23 -7.69 -1.56 -5.40
CA MET A 23 -8.11 -0.17 -5.26
C MET A 23 -9.29 -0.10 -4.31
N ASP A 24 -10.21 -1.06 -4.38
CA ASP A 24 -11.41 -1.15 -3.54
C ASP A 24 -11.08 -1.21 -2.04
N MET A 25 -9.88 -1.65 -1.69
CA MET A 25 -9.43 -1.77 -0.30
C MET A 25 -8.45 -0.65 0.09
N LEU A 26 -8.24 0.34 -0.77
CA LEU A 26 -7.35 1.47 -0.52
C LEU A 26 -8.11 2.77 -0.71
N THR A 27 -7.69 3.80 0.00
CA THR A 27 -8.26 5.13 -0.05
C THR A 27 -7.12 6.10 0.25
N VAL A 28 -7.39 7.40 0.14
CA VAL A 28 -6.40 8.44 0.38
C VAL A 28 -7.00 9.44 1.36
N LYS A 29 -6.32 9.65 2.48
CA LYS A 29 -6.77 10.58 3.51
C LYS A 29 -6.11 11.92 3.23
N VAL A 30 -6.94 12.92 2.94
CA VAL A 30 -6.47 14.26 2.69
C VAL A 30 -5.85 14.78 3.98
N GLY A 31 -4.70 15.43 3.90
CA GLY A 31 -3.99 15.98 5.03
C GLY A 31 -2.51 16.09 4.73
N GLU A 32 -1.77 15.02 4.99
CA GLU A 32 -0.32 14.99 4.78
C GLU A 32 0.19 13.62 4.31
N PRO A 33 1.34 13.57 3.63
CA PRO A 33 1.95 12.35 3.11
C PRO A 33 2.74 11.60 4.17
N LYS A 34 2.06 11.24 5.27
CA LYS A 34 2.64 10.52 6.41
C LYS A 34 2.80 9.01 6.15
N GLY A 35 2.61 8.55 4.91
CA GLY A 35 2.70 7.16 4.52
C GLY A 35 2.98 7.06 3.02
N TYR A 36 2.62 5.95 2.39
CA TYR A 36 2.83 5.72 0.96
C TYR A 36 2.08 6.80 0.14
N PRO A 37 2.66 7.30 -0.96
CA PRO A 37 2.06 8.35 -1.80
C PRO A 37 0.81 7.92 -2.57
N PRO A 38 -0.19 8.81 -2.72
CA PRO A 38 -1.40 8.49 -3.46
C PRO A 38 -1.20 8.51 -4.97
N GLU A 39 -0.05 8.97 -5.47
CA GLU A 39 0.24 9.01 -6.89
C GLU A 39 0.64 7.60 -7.31
N ASP A 40 1.71 7.05 -6.71
CA ASP A 40 2.27 5.73 -6.98
C ASP A 40 1.39 4.58 -6.47
N ILE A 41 0.17 4.87 -5.96
CA ILE A 41 -0.79 3.91 -5.42
C ILE A 41 -1.00 2.69 -6.33
N PHE A 42 -0.92 2.88 -7.65
CA PHE A 42 -1.10 1.81 -8.62
C PHE A 42 -0.12 0.66 -8.40
N ASN A 43 1.05 0.93 -7.80
CA ASN A 43 2.07 -0.08 -7.52
C ASN A 43 1.70 -0.91 -6.31
N LEU A 44 0.95 -0.36 -5.34
CA LEU A 44 0.53 -1.08 -4.13
C LEU A 44 -0.49 -2.15 -4.51
N VAL A 45 -1.36 -1.83 -5.46
CA VAL A 45 -2.42 -2.70 -5.93
C VAL A 45 -1.80 -3.96 -6.55
N GLY A 46 -1.97 -5.08 -5.84
CA GLY A 46 -1.45 -6.39 -6.21
C GLY A 46 -0.42 -6.89 -5.20
N LYS A 47 0.10 -6.02 -4.33
CA LYS A 47 1.07 -6.42 -3.33
C LYS A 47 0.35 -7.19 -2.24
N LYS A 48 1.08 -8.04 -1.53
CA LYS A 48 0.52 -8.85 -0.45
C LYS A 48 0.96 -8.20 0.86
N VAL A 49 0.04 -8.01 1.80
CA VAL A 49 0.39 -7.42 3.09
C VAL A 49 1.14 -8.46 3.91
N LEU A 50 2.16 -7.98 4.63
CA LEU A 50 3.02 -8.74 5.50
C LEU A 50 2.42 -8.87 6.90
N VAL A 51 1.50 -7.96 7.26
CA VAL A 51 0.85 -7.92 8.57
C VAL A 51 -0.61 -7.52 8.41
N THR A 52 -1.40 -7.70 9.47
CA THR A 52 -2.81 -7.36 9.51
C THR A 52 -2.90 -5.83 9.61
N VAL A 53 -3.30 -5.18 8.53
CA VAL A 53 -3.46 -3.74 8.49
C VAL A 53 -4.92 -3.47 8.88
N GLU A 54 -5.18 -2.49 9.74
CA GLU A 54 -6.53 -2.17 10.17
C GLU A 54 -7.16 -1.10 9.29
N GLU A 55 -8.44 -0.79 9.53
CA GLU A 55 -9.15 0.21 8.77
C GLU A 55 -8.58 1.58 9.14
N ASP A 56 -8.36 2.43 8.13
CA ASP A 56 -7.81 3.78 8.22
C ASP A 56 -6.34 3.76 8.65
N ASP A 57 -5.72 2.58 8.71
CA ASP A 57 -4.31 2.42 9.07
C ASP A 57 -3.49 2.97 7.91
N THR A 58 -2.33 3.55 8.20
CA THR A 58 -1.46 4.15 7.22
C THR A 58 -0.62 3.09 6.51
N ILE A 59 -0.87 2.94 5.21
CA ILE A 59 -0.15 1.98 4.39
C ILE A 59 1.26 2.51 4.19
N MET A 60 2.24 1.83 4.77
CA MET A 60 3.65 2.14 4.65
C MET A 60 4.22 1.06 3.75
N GLU A 61 5.29 1.36 3.01
CA GLU A 61 5.88 0.36 2.11
C GLU A 61 6.39 -0.86 2.88
N GLU A 62 6.74 -0.71 4.16
CA GLU A 62 7.23 -1.80 4.99
C GLU A 62 6.14 -2.79 5.43
N LEU A 63 4.85 -2.53 5.15
CA LEU A 63 3.73 -3.41 5.53
C LEU A 63 3.35 -4.34 4.37
N VAL A 64 3.99 -4.21 3.22
CA VAL A 64 3.75 -5.00 2.03
C VAL A 64 5.10 -5.51 1.53
N ASP A 65 5.12 -6.66 0.87
CA ASP A 65 6.38 -7.18 0.34
C ASP A 65 6.81 -6.28 -0.83
N ASN A 66 8.05 -6.40 -1.28
CA ASN A 66 8.60 -5.64 -2.39
C ASN A 66 7.76 -5.97 -3.62
N HIS A 67 7.62 -7.27 -3.91
CA HIS A 67 6.86 -7.83 -5.01
C HIS A 67 6.35 -9.20 -4.55
N GLY A 68 5.32 -9.69 -5.23
CA GLY A 68 4.70 -10.98 -4.96
C GLY A 68 4.94 -11.87 -6.17
N LYS A 69 4.67 -13.17 -6.03
CA LYS A 69 4.82 -14.15 -7.12
C LYS A 69 3.58 -15.00 -7.28
N LYS A 70 2.58 -14.80 -6.42
CA LYS A 70 1.31 -15.49 -6.42
C LYS A 70 0.68 -15.22 -7.77
N ILE A 71 0.62 -16.24 -8.62
CA ILE A 71 0.05 -16.19 -9.95
C ILE A 71 -1.46 -15.96 -9.88
N LYS A 72 -2.10 -15.80 -11.05
CA LYS A 72 -3.53 -15.60 -11.19
C LYS A 72 -4.22 -16.92 -11.49
N SER A 73 -5.44 -17.06 -10.98
CA SER A 73 -6.26 -18.24 -11.20
C SER A 73 -6.84 -18.07 -12.61
N SER A 74 -7.86 -17.23 -12.71
CA SER A 74 -8.56 -16.89 -13.94
C SER A 74 -8.81 -15.39 -13.94
N GLY A 75 -9.29 -14.88 -15.07
CA GLY A 75 -9.61 -13.47 -15.30
C GLY A 75 -11.04 -13.38 -15.84
N PRO A 76 -11.37 -12.38 -16.67
CA PRO A 76 -12.71 -12.21 -17.25
C PRO A 76 -13.06 -13.30 -18.28
N SER A 77 -12.27 -14.37 -18.42
CA SER A 77 -12.58 -15.45 -19.35
C SER A 77 -13.89 -16.10 -18.91
N SER A 78 -14.76 -16.41 -19.87
CA SER A 78 -16.07 -17.02 -19.68
C SER A 78 -16.64 -17.44 -21.05
N GLY A 79 -16.21 -16.76 -22.11
CA GLY A 79 -16.56 -16.93 -23.51
C GLY A 79 -15.79 -15.88 -24.26
N GLY A 1 -12.34 22.73 -13.78
CA GLY A 1 -11.01 23.33 -13.66
C GLY A 1 -9.99 22.29 -13.22
N SER A 2 -8.82 22.75 -12.79
CA SER A 2 -7.75 21.87 -12.31
C SER A 2 -8.11 21.42 -10.90
N SER A 3 -7.37 20.48 -10.32
CA SER A 3 -7.64 20.00 -8.97
C SER A 3 -6.33 19.61 -8.27
N GLY A 4 -6.24 19.89 -6.98
CA GLY A 4 -5.11 19.60 -6.10
C GLY A 4 -5.58 18.52 -5.15
N SER A 5 -4.90 17.38 -5.16
CA SER A 5 -5.24 16.24 -4.32
C SER A 5 -3.95 15.61 -3.81
N SER A 6 -3.64 15.77 -2.53
CA SER A 6 -2.45 15.22 -1.91
C SER A 6 -2.85 14.69 -0.54
N GLY A 7 -2.14 13.71 0.00
CA GLY A 7 -2.42 13.11 1.29
C GLY A 7 -1.60 11.82 1.37
N SER A 8 -2.11 10.79 2.02
CA SER A 8 -1.39 9.52 2.14
C SER A 8 -2.34 8.33 1.96
N VAL A 9 -1.85 7.19 1.46
CA VAL A 9 -2.67 6.01 1.26
C VAL A 9 -2.94 5.32 2.60
N VAL A 10 -4.21 5.09 2.94
CA VAL A 10 -4.61 4.40 4.15
C VAL A 10 -5.51 3.22 3.76
N ALA A 11 -5.55 2.23 4.64
CA ALA A 11 -6.35 1.03 4.49
C ALA A 11 -7.82 1.43 4.58
N LYS A 12 -8.58 1.19 3.51
CA LYS A 12 -9.99 1.55 3.49
C LYS A 12 -10.82 0.69 4.43
N VAL A 13 -10.39 -0.54 4.69
CA VAL A 13 -11.06 -1.51 5.55
C VAL A 13 -9.99 -2.42 6.14
N LYS A 14 -10.33 -3.26 7.12
CA LYS A 14 -9.39 -4.22 7.72
C LYS A 14 -8.91 -5.16 6.63
N ILE A 15 -7.61 -5.45 6.56
CA ILE A 15 -7.01 -6.33 5.55
C ILE A 15 -6.28 -7.45 6.29
N PRO A 16 -6.70 -8.72 6.17
CA PRO A 16 -6.00 -9.80 6.83
C PRO A 16 -4.63 -10.01 6.20
N GLU A 17 -3.64 -10.38 7.01
CA GLU A 17 -2.28 -10.64 6.55
C GLU A 17 -2.27 -11.71 5.46
N GLY A 18 -1.35 -11.61 4.48
CA GLY A 18 -1.21 -12.56 3.38
C GLY A 18 -2.15 -12.25 2.22
N THR A 19 -2.95 -11.19 2.31
CA THR A 19 -3.91 -10.80 1.29
C THR A 19 -3.30 -9.80 0.30
N ILE A 20 -3.86 -9.78 -0.90
CA ILE A 20 -3.46 -8.92 -2.00
C ILE A 20 -4.25 -7.61 -1.91
N LEU A 21 -3.53 -6.49 -1.99
CA LEU A 21 -4.10 -5.15 -1.95
C LEU A 21 -4.87 -4.89 -3.23
N THR A 22 -5.89 -4.04 -3.19
CA THR A 22 -6.72 -3.70 -4.33
C THR A 22 -7.03 -2.20 -4.27
N MET A 23 -7.50 -1.60 -5.37
CA MET A 23 -7.85 -0.18 -5.36
C MET A 23 -9.02 -0.01 -4.39
N ASP A 24 -9.94 -0.98 -4.43
CA ASP A 24 -11.15 -1.03 -3.62
C ASP A 24 -10.88 -1.02 -2.11
N MET A 25 -9.75 -1.56 -1.62
CA MET A 25 -9.44 -1.58 -0.19
C MET A 25 -8.44 -0.49 0.22
N LEU A 26 -8.20 0.49 -0.65
CA LEU A 26 -7.25 1.57 -0.39
C LEU A 26 -7.99 2.89 -0.62
N THR A 27 -7.78 3.85 0.27
CA THR A 27 -8.40 5.17 0.18
C THR A 27 -7.32 6.14 0.62
N VAL A 28 -7.05 7.23 -0.12
CA VAL A 28 -6.02 8.17 0.29
C VAL A 28 -6.68 9.22 1.17
N LYS A 29 -6.16 9.43 2.38
CA LYS A 29 -6.69 10.43 3.29
C LYS A 29 -6.01 11.72 2.88
N VAL A 30 -6.77 12.59 2.20
CA VAL A 30 -6.29 13.87 1.72
C VAL A 30 -5.81 14.70 2.92
N GLY A 31 -4.74 15.48 2.76
CA GLY A 31 -4.22 16.31 3.82
C GLY A 31 -2.70 16.41 3.84
N GLU A 32 -2.03 15.40 4.41
CA GLU A 32 -0.58 15.36 4.55
C GLU A 32 0.03 14.09 3.96
N PRO A 33 1.30 14.14 3.48
CA PRO A 33 2.02 13.00 2.91
C PRO A 33 2.56 12.06 4.01
N LYS A 34 1.89 11.98 5.18
CA LYS A 34 2.33 11.10 6.25
C LYS A 34 1.83 9.70 5.91
N GLY A 35 2.68 8.92 5.25
CA GLY A 35 2.42 7.57 4.82
C GLY A 35 3.07 7.36 3.46
N TYR A 36 2.46 6.50 2.66
CA TYR A 36 2.87 6.14 1.31
C TYR A 36 2.31 7.18 0.33
N PRO A 37 3.05 7.59 -0.71
CA PRO A 37 2.58 8.58 -1.68
C PRO A 37 1.24 8.15 -2.34
N PRO A 38 0.27 9.07 -2.49
CA PRO A 38 -1.03 8.76 -3.07
C PRO A 38 -1.02 8.60 -4.59
N GLU A 39 0.08 8.96 -5.25
CA GLU A 39 0.25 8.87 -6.69
C GLU A 39 0.80 7.49 -7.07
N ASP A 40 1.73 6.95 -6.29
CA ASP A 40 2.36 5.64 -6.52
C ASP A 40 1.40 4.49 -6.16
N ILE A 41 0.16 4.79 -5.79
CA ILE A 41 -0.92 3.88 -5.40
C ILE A 41 -1.04 2.67 -6.33
N PHE A 42 -0.87 2.87 -7.63
CA PHE A 42 -0.96 1.81 -8.64
C PHE A 42 -0.04 0.63 -8.31
N ASN A 43 1.09 0.90 -7.65
CA ASN A 43 2.03 -0.14 -7.27
C ASN A 43 1.49 -0.92 -6.08
N LEU A 44 0.95 -0.24 -5.06
CA LEU A 44 0.40 -0.90 -3.87
C LEU A 44 -0.68 -1.89 -4.30
N VAL A 45 -1.52 -1.47 -5.24
CA VAL A 45 -2.60 -2.28 -5.79
C VAL A 45 -1.95 -3.52 -6.42
N GLY A 46 -2.12 -4.67 -5.77
CA GLY A 46 -1.58 -5.95 -6.20
C GLY A 46 -0.48 -6.47 -5.27
N LYS A 47 0.09 -5.64 -4.38
CA LYS A 47 1.13 -6.13 -3.47
C LYS A 47 0.45 -6.92 -2.37
N LYS A 48 1.21 -7.80 -1.74
CA LYS A 48 0.70 -8.59 -0.64
C LYS A 48 1.19 -7.88 0.61
N VAL A 49 0.33 -7.78 1.61
CA VAL A 49 0.71 -7.15 2.86
C VAL A 49 1.73 -8.07 3.54
N LEU A 50 2.33 -7.61 4.63
CA LEU A 50 3.30 -8.35 5.42
C LEU A 50 2.78 -8.59 6.83
N VAL A 51 1.68 -7.93 7.23
CA VAL A 51 1.07 -8.01 8.55
C VAL A 51 -0.42 -7.69 8.40
N THR A 52 -1.20 -7.97 9.42
CA THR A 52 -2.63 -7.71 9.44
C THR A 52 -2.74 -6.19 9.61
N VAL A 53 -3.63 -5.57 8.85
CA VAL A 53 -3.86 -4.13 8.88
C VAL A 53 -5.33 -3.91 9.23
N GLU A 54 -5.62 -2.78 9.89
CA GLU A 54 -6.96 -2.38 10.30
C GLU A 54 -7.43 -1.25 9.40
N GLU A 55 -8.71 -0.94 9.49
CA GLU A 55 -9.27 0.17 8.73
C GLU A 55 -8.61 1.45 9.27
N ASP A 56 -8.43 2.43 8.39
CA ASP A 56 -7.86 3.76 8.60
C ASP A 56 -6.34 3.72 8.83
N ASP A 57 -5.74 2.54 8.91
CA ASP A 57 -4.31 2.36 9.13
C ASP A 57 -3.47 2.90 7.99
N THR A 58 -2.25 3.30 8.30
CA THR A 58 -1.31 3.87 7.36
C THR A 58 -0.55 2.75 6.62
N ILE A 59 -0.97 2.41 5.39
CA ILE A 59 -0.33 1.39 4.56
C ILE A 59 1.05 1.94 4.19
N MET A 60 2.11 1.62 4.94
CA MET A 60 3.46 2.10 4.66
C MET A 60 4.22 1.03 3.87
N GLU A 61 5.30 1.44 3.20
CA GLU A 61 6.14 0.56 2.40
C GLU A 61 6.77 -0.59 3.21
N GLU A 62 6.90 -0.43 4.54
CA GLU A 62 7.46 -1.46 5.42
C GLU A 62 6.46 -2.62 5.66
N LEU A 63 5.17 -2.42 5.35
CA LEU A 63 4.07 -3.36 5.54
C LEU A 63 3.69 -4.13 4.27
N VAL A 64 4.45 -4.04 3.18
CA VAL A 64 4.13 -4.74 1.93
C VAL A 64 5.33 -5.48 1.35
N ASP A 65 5.01 -6.58 0.67
CA ASP A 65 5.94 -7.47 -0.01
C ASP A 65 5.92 -7.10 -1.50
N ASN A 66 6.92 -7.58 -2.23
CA ASN A 66 7.06 -7.34 -3.65
C ASN A 66 5.99 -8.17 -4.38
N HIS A 67 5.36 -7.62 -5.44
CA HIS A 67 4.33 -8.34 -6.20
C HIS A 67 4.91 -9.49 -7.04
N GLY A 68 6.23 -9.73 -6.99
CA GLY A 68 6.87 -10.80 -7.71
C GLY A 68 6.38 -12.15 -7.19
N LYS A 69 6.65 -13.21 -7.95
CA LYS A 69 6.24 -14.56 -7.60
C LYS A 69 7.33 -15.34 -6.86
N LYS A 70 8.45 -14.70 -6.50
CA LYS A 70 9.52 -15.39 -5.80
C LYS A 70 9.00 -15.95 -4.48
N ILE A 71 9.70 -16.94 -3.94
CA ILE A 71 9.35 -17.55 -2.68
C ILE A 71 9.92 -16.67 -1.55
N LYS A 72 9.50 -16.89 -0.30
CA LYS A 72 9.98 -16.13 0.85
C LYS A 72 11.50 -16.31 0.96
N SER A 73 12.21 -15.33 1.51
CA SER A 73 13.66 -15.44 1.65
C SER A 73 14.21 -14.61 2.80
N SER A 74 15.49 -14.85 3.07
CA SER A 74 16.33 -14.23 4.09
C SER A 74 16.79 -12.84 3.60
N GLY A 75 15.83 -11.99 3.27
CA GLY A 75 16.06 -10.64 2.77
C GLY A 75 16.56 -10.72 1.34
N PRO A 76 15.65 -10.90 0.36
CA PRO A 76 16.04 -10.99 -1.05
C PRO A 76 16.55 -9.65 -1.59
N SER A 77 16.31 -8.53 -0.89
CA SER A 77 16.75 -7.20 -1.25
C SER A 77 16.68 -6.34 0.03
N SER A 78 17.17 -5.11 -0.04
CA SER A 78 17.18 -4.14 1.04
C SER A 78 16.32 -2.99 0.54
N GLY A 79 15.17 -2.75 1.17
CA GLY A 79 14.25 -1.69 0.81
C GLY A 79 14.48 -0.48 1.68
N GLY A 1 -8.12 16.32 -11.49
CA GLY A 1 -6.93 17.06 -11.06
C GLY A 1 -7.27 17.97 -9.88
N SER A 2 -6.66 17.75 -8.72
CA SER A 2 -6.89 18.53 -7.51
C SER A 2 -5.53 18.83 -6.87
N SER A 3 -5.44 19.92 -6.12
CA SER A 3 -4.24 20.38 -5.45
C SER A 3 -4.62 21.01 -4.11
N GLY A 4 -3.62 21.33 -3.28
CA GLY A 4 -3.80 21.93 -1.98
C GLY A 4 -3.58 20.97 -0.82
N SER A 5 -3.43 19.67 -1.07
CA SER A 5 -3.19 18.65 -0.06
C SER A 5 -2.89 17.34 -0.79
N SER A 6 -1.77 16.71 -0.41
CA SER A 6 -1.31 15.44 -0.93
C SER A 6 -1.21 14.55 0.31
N GLY A 7 -2.36 14.03 0.70
CA GLY A 7 -2.51 13.15 1.85
C GLY A 7 -1.81 11.81 1.65
N SER A 8 -1.89 10.93 2.64
CA SER A 8 -1.29 9.60 2.59
C SER A 8 -2.36 8.54 2.33
N VAL A 9 -1.91 7.40 1.80
CA VAL A 9 -2.74 6.26 1.47
C VAL A 9 -3.08 5.55 2.80
N VAL A 10 -4.37 5.30 3.05
CA VAL A 10 -4.84 4.63 4.25
C VAL A 10 -5.74 3.46 3.83
N ALA A 11 -5.73 2.37 4.59
CA ALA A 11 -6.53 1.20 4.32
C ALA A 11 -8.00 1.59 4.33
N LYS A 12 -8.70 1.29 3.23
CA LYS A 12 -10.12 1.60 3.11
C LYS A 12 -10.96 0.76 4.06
N VAL A 13 -10.52 -0.45 4.34
CA VAL A 13 -11.15 -1.43 5.22
C VAL A 13 -10.05 -2.23 5.88
N LYS A 14 -10.40 -3.12 6.81
CA LYS A 14 -9.43 -3.96 7.47
C LYS A 14 -8.90 -4.96 6.43
N ILE A 15 -7.59 -5.22 6.42
CA ILE A 15 -6.94 -6.12 5.48
C ILE A 15 -6.07 -7.10 6.29
N PRO A 16 -6.47 -8.37 6.43
CA PRO A 16 -5.67 -9.33 7.18
C PRO A 16 -4.37 -9.66 6.43
N GLU A 17 -3.36 -10.09 7.18
CA GLU A 17 -2.05 -10.46 6.66
C GLU A 17 -2.20 -11.49 5.54
N GLY A 18 -1.30 -11.45 4.57
CA GLY A 18 -1.30 -12.37 3.45
C GLY A 18 -2.34 -12.03 2.37
N THR A 19 -3.14 -10.97 2.52
CA THR A 19 -4.14 -10.61 1.54
C THR A 19 -3.49 -9.72 0.47
N ILE A 20 -3.82 -9.96 -0.80
CA ILE A 20 -3.31 -9.18 -1.91
C ILE A 20 -4.16 -7.90 -1.96
N LEU A 21 -3.47 -6.76 -1.99
CA LEU A 21 -4.06 -5.44 -2.04
C LEU A 21 -4.77 -5.23 -3.37
N THR A 22 -5.86 -4.49 -3.34
CA THR A 22 -6.70 -4.15 -4.49
C THR A 22 -7.20 -2.72 -4.30
N MET A 23 -7.48 -1.99 -5.37
CA MET A 23 -8.00 -0.62 -5.28
C MET A 23 -9.28 -0.61 -4.46
N ASP A 24 -9.99 -1.75 -4.46
CA ASP A 24 -11.21 -1.99 -3.70
C ASP A 24 -11.01 -1.75 -2.20
N MET A 25 -9.79 -1.96 -1.69
CA MET A 25 -9.45 -1.80 -0.30
C MET A 25 -8.47 -0.64 -0.09
N LEU A 26 -8.09 0.11 -1.14
CA LEU A 26 -7.17 1.23 -0.99
C LEU A 26 -7.96 2.54 -1.10
N THR A 27 -7.52 3.59 -0.40
CA THR A 27 -8.12 4.91 -0.41
C THR A 27 -7.05 5.90 0.09
N VAL A 28 -7.33 7.21 0.02
CA VAL A 28 -6.43 8.26 0.45
C VAL A 28 -7.18 9.15 1.45
N LYS A 29 -6.42 9.76 2.34
CA LYS A 29 -6.91 10.66 3.37
C LYS A 29 -6.11 11.93 3.23
N VAL A 30 -6.73 13.01 2.77
CA VAL A 30 -6.04 14.28 2.61
C VAL A 30 -5.49 14.75 3.95
N GLY A 31 -4.40 15.51 3.91
CA GLY A 31 -3.74 16.06 5.07
C GLY A 31 -2.28 16.24 4.77
N GLU A 32 -1.48 15.26 5.14
CA GLU A 32 -0.03 15.22 4.99
C GLU A 32 0.40 13.87 4.37
N PRO A 33 1.63 13.76 3.85
CA PRO A 33 2.11 12.54 3.23
C PRO A 33 2.69 11.61 4.29
N LYS A 34 1.94 11.29 5.34
CA LYS A 34 2.36 10.39 6.41
C LYS A 34 2.32 8.96 5.84
N GLY A 35 3.20 8.57 4.94
CA GLY A 35 3.21 7.25 4.32
C GLY A 35 3.20 7.41 2.81
N TYR A 36 2.66 6.40 2.11
CA TYR A 36 2.59 6.37 0.65
C TYR A 36 1.90 7.58 -0.01
N PRO A 37 2.49 8.15 -1.08
CA PRO A 37 1.92 9.30 -1.79
C PRO A 37 0.71 8.87 -2.65
N PRO A 38 -0.21 9.80 -2.98
CA PRO A 38 -1.40 9.47 -3.78
C PRO A 38 -1.10 9.18 -5.24
N GLU A 39 0.01 9.71 -5.77
CA GLU A 39 0.39 9.55 -7.15
C GLU A 39 1.14 8.25 -7.47
N ASP A 40 1.35 7.34 -6.50
CA ASP A 40 2.05 6.07 -6.72
C ASP A 40 1.21 4.87 -6.29
N ILE A 41 0.05 5.12 -5.68
CA ILE A 41 -0.93 4.15 -5.16
C ILE A 41 -1.14 2.92 -6.07
N PHE A 42 -1.08 3.09 -7.39
CA PHE A 42 -1.26 2.04 -8.39
C PHE A 42 -0.29 0.86 -8.25
N ASN A 43 0.76 0.95 -7.43
CA ASN A 43 1.70 -0.15 -7.23
C ASN A 43 1.37 -0.93 -5.97
N LEU A 44 0.70 -0.28 -5.00
CA LEU A 44 0.30 -0.95 -3.77
C LEU A 44 -0.68 -2.04 -4.17
N VAL A 45 -1.54 -1.75 -5.14
CA VAL A 45 -2.52 -2.73 -5.60
C VAL A 45 -1.72 -3.84 -6.29
N GLY A 46 -1.82 -5.05 -5.75
CA GLY A 46 -1.14 -6.24 -6.23
C GLY A 46 -0.10 -6.75 -5.24
N LYS A 47 0.33 -5.93 -4.27
CA LYS A 47 1.31 -6.37 -3.28
C LYS A 47 0.55 -7.05 -2.16
N LYS A 48 1.23 -7.90 -1.40
CA LYS A 48 0.64 -8.62 -0.29
C LYS A 48 1.06 -7.96 1.01
N VAL A 49 0.14 -7.85 1.98
CA VAL A 49 0.49 -7.25 3.26
C VAL A 49 1.25 -8.29 4.07
N LEU A 50 2.34 -7.84 4.70
CA LEU A 50 3.21 -8.67 5.53
C LEU A 50 2.64 -8.85 6.94
N VAL A 51 1.67 -8.02 7.35
CA VAL A 51 1.03 -8.00 8.66
C VAL A 51 -0.44 -7.59 8.48
N THR A 52 -1.28 -7.81 9.49
CA THR A 52 -2.69 -7.45 9.44
C THR A 52 -2.78 -5.94 9.68
N VAL A 53 -3.56 -5.27 8.83
CA VAL A 53 -3.84 -3.83 8.86
C VAL A 53 -5.20 -3.66 9.56
N GLU A 54 -5.71 -2.43 9.67
CA GLU A 54 -6.98 -2.05 10.25
C GLU A 54 -7.61 -1.02 9.33
N GLU A 55 -8.90 -0.77 9.50
CA GLU A 55 -9.57 0.23 8.71
C GLU A 55 -8.94 1.57 9.12
N ASP A 56 -8.73 2.48 8.15
CA ASP A 56 -8.15 3.81 8.34
C ASP A 56 -6.66 3.82 8.72
N ASP A 57 -5.98 2.68 8.78
CA ASP A 57 -4.55 2.61 9.12
C ASP A 57 -3.72 3.07 7.93
N THR A 58 -2.50 3.57 8.15
CA THR A 58 -1.61 4.04 7.11
C THR A 58 -0.98 2.86 6.38
N ILE A 59 -0.93 2.91 5.06
CA ILE A 59 -0.29 1.86 4.27
C ILE A 59 1.12 2.40 3.96
N MET A 60 2.16 1.57 4.14
CA MET A 60 3.56 1.97 3.90
C MET A 60 4.33 0.84 3.22
N GLU A 61 5.47 1.18 2.60
CA GLU A 61 6.34 0.24 1.88
C GLU A 61 6.83 -0.91 2.76
N GLU A 62 7.05 -0.66 4.05
CA GLU A 62 7.54 -1.62 5.02
C GLU A 62 6.48 -2.63 5.48
N LEU A 63 5.25 -2.51 4.98
CA LEU A 63 4.13 -3.38 5.31
C LEU A 63 3.77 -4.26 4.12
N VAL A 64 4.53 -4.21 3.02
CA VAL A 64 4.29 -4.99 1.82
C VAL A 64 5.55 -5.71 1.36
N ASP A 65 5.34 -6.90 0.83
CA ASP A 65 6.38 -7.79 0.33
C ASP A 65 6.62 -7.55 -1.18
N ASN A 66 7.63 -8.22 -1.74
CA ASN A 66 8.00 -8.13 -3.14
C ASN A 66 6.81 -8.54 -4.03
N HIS A 67 6.78 -8.11 -5.30
CA HIS A 67 5.68 -8.41 -6.23
C HIS A 67 6.15 -9.18 -7.47
N GLY A 68 5.17 -9.72 -8.21
CA GLY A 68 5.35 -10.52 -9.41
C GLY A 68 4.73 -11.90 -9.20
N LYS A 69 5.07 -12.86 -10.06
CA LYS A 69 4.59 -14.25 -10.02
C LYS A 69 5.79 -15.14 -9.72
N LYS A 70 5.52 -16.41 -9.37
CA LYS A 70 6.51 -17.45 -9.10
C LYS A 70 5.87 -18.78 -9.45
N ILE A 71 6.64 -19.82 -9.73
CA ILE A 71 6.10 -21.13 -10.07
C ILE A 71 5.43 -21.73 -8.84
N LYS A 72 4.16 -22.09 -8.98
CA LYS A 72 3.33 -22.68 -7.92
C LYS A 72 3.59 -24.19 -7.80
N SER A 73 4.83 -24.58 -7.54
CA SER A 73 5.23 -25.97 -7.38
C SER A 73 6.28 -25.99 -6.26
N SER A 74 6.29 -27.06 -5.46
CA SER A 74 7.23 -27.20 -4.36
C SER A 74 8.68 -27.39 -4.84
N GLY A 75 9.61 -27.34 -3.88
CA GLY A 75 11.04 -27.49 -4.06
C GLY A 75 11.67 -27.98 -2.76
N PRO A 76 12.99 -27.88 -2.59
CA PRO A 76 13.66 -28.32 -1.37
C PRO A 76 13.23 -27.52 -0.13
N SER A 77 13.69 -27.97 1.03
CA SER A 77 13.44 -27.38 2.34
C SER A 77 14.79 -27.41 3.05
N SER A 78 15.05 -26.44 3.94
CA SER A 78 16.31 -26.41 4.67
C SER A 78 16.20 -27.24 5.95
N GLY A 79 17.30 -27.30 6.70
CA GLY A 79 17.45 -28.00 7.96
C GLY A 79 18.55 -27.27 8.68
N GLY A 1 9.11 25.97 -1.60
CA GLY A 1 7.71 25.93 -1.14
C GLY A 1 7.53 24.92 -0.03
N SER A 2 6.39 24.93 0.65
CA SER A 2 6.09 24.00 1.73
C SER A 2 4.59 23.70 1.79
N SER A 3 3.73 24.73 1.78
CA SER A 3 2.29 24.50 1.83
C SER A 3 1.79 23.73 0.60
N GLY A 4 0.68 23.03 0.78
CA GLY A 4 0.03 22.21 -0.23
C GLY A 4 0.41 20.77 0.07
N SER A 5 -0.56 19.85 0.08
CA SER A 5 -0.32 18.44 0.34
C SER A 5 -1.43 17.63 -0.33
N SER A 6 -1.20 16.34 -0.51
CA SER A 6 -2.12 15.40 -1.15
C SER A 6 -2.54 14.27 -0.19
N GLY A 7 -2.12 14.31 1.08
CA GLY A 7 -2.46 13.28 2.05
C GLY A 7 -1.62 12.03 1.79
N SER A 8 -2.06 10.87 2.27
CA SER A 8 -1.36 9.61 2.08
C SER A 8 -2.33 8.44 1.93
N VAL A 9 -1.85 7.35 1.33
CA VAL A 9 -2.64 6.15 1.13
C VAL A 9 -2.89 5.48 2.48
N VAL A 10 -4.12 5.03 2.68
CA VAL A 10 -4.59 4.35 3.86
C VAL A 10 -5.45 3.16 3.41
N ALA A 11 -5.64 2.20 4.30
CA ALA A 11 -6.44 1.01 4.08
C ALA A 11 -7.90 1.46 4.19
N LYS A 12 -8.69 1.31 3.12
CA LYS A 12 -10.10 1.69 3.09
C LYS A 12 -10.91 0.87 4.10
N VAL A 13 -10.49 -0.37 4.34
CA VAL A 13 -11.10 -1.34 5.23
C VAL A 13 -9.97 -2.06 5.97
N LYS A 14 -10.28 -2.87 6.97
CA LYS A 14 -9.26 -3.62 7.69
C LYS A 14 -8.74 -4.68 6.71
N ILE A 15 -7.43 -4.86 6.58
CA ILE A 15 -6.82 -5.82 5.66
C ILE A 15 -5.97 -6.83 6.43
N PRO A 16 -6.39 -8.10 6.53
CA PRO A 16 -5.61 -9.11 7.23
C PRO A 16 -4.32 -9.44 6.46
N GLU A 17 -3.29 -9.80 7.21
CA GLU A 17 -1.99 -10.19 6.68
C GLU A 17 -2.15 -11.34 5.67
N GLY A 18 -1.23 -11.40 4.71
CA GLY A 18 -1.23 -12.43 3.69
C GLY A 18 -2.38 -12.34 2.70
N THR A 19 -2.87 -11.12 2.43
CA THR A 19 -3.96 -10.84 1.51
C THR A 19 -3.40 -9.93 0.39
N ILE A 20 -3.93 -9.99 -0.82
CA ILE A 20 -3.48 -9.19 -1.94
C ILE A 20 -4.29 -7.89 -2.01
N LEU A 21 -3.60 -6.75 -1.98
CA LEU A 21 -4.19 -5.42 -2.02
C LEU A 21 -4.92 -5.19 -3.34
N THR A 22 -6.01 -4.42 -3.31
CA THR A 22 -6.82 -4.08 -4.46
C THR A 22 -7.23 -2.61 -4.33
N MET A 23 -7.70 -1.97 -5.41
CA MET A 23 -8.14 -0.57 -5.33
C MET A 23 -9.32 -0.43 -4.37
N ASP A 24 -10.17 -1.46 -4.29
CA ASP A 24 -11.35 -1.50 -3.44
C ASP A 24 -11.02 -1.35 -1.95
N MET A 25 -9.82 -1.75 -1.55
CA MET A 25 -9.35 -1.72 -0.17
C MET A 25 -8.35 -0.59 0.07
N LEU A 26 -8.13 0.33 -0.87
CA LEU A 26 -7.18 1.43 -0.71
C LEU A 26 -7.85 2.76 -1.01
N THR A 27 -7.43 3.80 -0.29
CA THR A 27 -7.93 5.16 -0.43
C THR A 27 -6.81 6.10 0.01
N VAL A 28 -7.02 7.42 -0.06
CA VAL A 28 -6.04 8.42 0.34
C VAL A 28 -6.78 9.44 1.20
N LYS A 29 -6.35 9.58 2.45
CA LYS A 29 -6.94 10.51 3.39
C LYS A 29 -6.18 11.82 3.29
N VAL A 30 -6.83 12.83 2.72
CA VAL A 30 -6.26 14.16 2.56
C VAL A 30 -5.91 14.63 3.98
N GLY A 31 -4.71 15.19 4.18
CA GLY A 31 -4.29 15.65 5.49
C GLY A 31 -2.78 15.81 5.54
N GLU A 32 -2.06 14.72 5.81
CA GLU A 32 -0.60 14.70 5.89
C GLU A 32 0.01 13.68 4.94
N PRO A 33 1.23 13.92 4.43
CA PRO A 33 1.89 13.01 3.51
C PRO A 33 2.34 11.70 4.17
N LYS A 34 2.39 11.65 5.50
CA LYS A 34 2.81 10.51 6.31
C LYS A 34 2.07 9.25 5.84
N GLY A 35 2.78 8.36 5.15
CA GLY A 35 2.27 7.11 4.59
C GLY A 35 2.75 6.99 3.15
N TYR A 36 2.27 5.97 2.44
CA TYR A 36 2.65 5.76 1.05
C TYR A 36 2.13 6.93 0.18
N PRO A 37 2.90 7.42 -0.80
CA PRO A 37 2.47 8.52 -1.65
C PRO A 37 1.28 8.12 -2.54
N PRO A 38 0.23 8.97 -2.65
CA PRO A 38 -0.95 8.66 -3.44
C PRO A 38 -0.73 8.72 -4.96
N GLU A 39 0.35 9.33 -5.46
CA GLU A 39 0.63 9.44 -6.89
C GLU A 39 1.04 8.09 -7.50
N ASP A 40 1.52 7.16 -6.65
CA ASP A 40 2.00 5.83 -7.04
C ASP A 40 1.14 4.69 -6.48
N ILE A 41 -0.05 5.01 -5.95
CA ILE A 41 -0.99 4.06 -5.35
C ILE A 41 -1.20 2.78 -6.19
N PHE A 42 -1.20 2.92 -7.53
CA PHE A 42 -1.41 1.81 -8.45
C PHE A 42 -0.39 0.68 -8.30
N ASN A 43 0.81 0.92 -7.76
CA ASN A 43 1.79 -0.15 -7.59
C ASN A 43 1.48 -1.01 -6.39
N LEU A 44 0.89 -0.43 -5.33
CA LEU A 44 0.52 -1.15 -4.12
C LEU A 44 -0.54 -2.18 -4.46
N VAL A 45 -1.41 -1.83 -5.41
CA VAL A 45 -2.49 -2.68 -5.88
C VAL A 45 -1.84 -3.94 -6.45
N GLY A 46 -2.13 -5.10 -5.86
CA GLY A 46 -1.60 -6.38 -6.26
C GLY A 46 -0.47 -6.91 -5.36
N LYS A 47 0.04 -6.13 -4.40
CA LYS A 47 1.10 -6.62 -3.51
C LYS A 47 0.46 -7.37 -2.33
N LYS A 48 1.20 -8.25 -1.66
CA LYS A 48 0.70 -9.00 -0.50
C LYS A 48 1.12 -8.26 0.75
N VAL A 49 0.20 -8.09 1.72
CA VAL A 49 0.54 -7.40 2.96
C VAL A 49 1.34 -8.33 3.87
N LEU A 50 2.35 -7.76 4.53
CA LEU A 50 3.23 -8.45 5.48
C LEU A 50 2.65 -8.50 6.88
N VAL A 51 1.65 -7.68 7.19
CA VAL A 51 1.01 -7.59 8.50
C VAL A 51 -0.47 -7.23 8.35
N THR A 52 -1.25 -7.45 9.41
CA THR A 52 -2.67 -7.12 9.43
C THR A 52 -2.72 -5.62 9.67
N VAL A 53 -3.36 -4.89 8.76
CA VAL A 53 -3.53 -3.44 8.81
C VAL A 53 -5.00 -3.20 9.18
N GLU A 54 -5.27 -2.22 10.04
CA GLU A 54 -6.64 -1.93 10.45
C GLU A 54 -7.34 -0.97 9.48
N GLU A 55 -8.61 -0.70 9.73
CA GLU A 55 -9.44 0.17 8.92
C GLU A 55 -9.00 1.62 9.11
N ASP A 56 -8.83 2.32 7.98
CA ASP A 56 -8.41 3.72 7.90
C ASP A 56 -6.94 3.86 8.37
N ASP A 57 -6.22 2.74 8.56
CA ASP A 57 -4.81 2.73 9.00
C ASP A 57 -3.91 3.16 7.83
N THR A 58 -2.76 3.71 8.13
CA THR A 58 -1.80 4.22 7.16
C THR A 58 -0.99 3.10 6.52
N ILE A 59 -0.93 3.09 5.18
CA ILE A 59 -0.18 2.09 4.46
C ILE A 59 1.24 2.64 4.27
N MET A 60 2.25 1.75 4.25
CA MET A 60 3.66 2.11 4.05
C MET A 60 4.30 1.02 3.19
N GLU A 61 5.47 1.32 2.63
CA GLU A 61 6.23 0.40 1.78
C GLU A 61 6.71 -0.81 2.57
N GLU A 62 6.88 -0.65 3.89
CA GLU A 62 7.34 -1.71 4.78
C GLU A 62 6.26 -2.75 5.03
N LEU A 63 5.00 -2.47 4.70
CA LEU A 63 3.88 -3.39 4.94
C LEU A 63 3.57 -4.28 3.74
N VAL A 64 4.36 -4.27 2.67
CA VAL A 64 4.10 -5.08 1.47
C VAL A 64 5.31 -5.91 1.05
N ASP A 65 5.10 -7.22 0.91
CA ASP A 65 6.11 -8.21 0.51
C ASP A 65 6.35 -8.08 -0.98
N ASN A 66 7.45 -7.45 -1.39
CA ASN A 66 7.79 -7.27 -2.80
C ASN A 66 9.22 -6.74 -2.95
N HIS A 67 9.83 -6.93 -4.14
CA HIS A 67 11.19 -6.48 -4.43
C HIS A 67 11.34 -6.07 -5.90
N GLY A 68 11.01 -6.96 -6.85
CA GLY A 68 11.13 -6.68 -8.27
C GLY A 68 11.06 -7.97 -9.08
N LYS A 69 9.94 -8.21 -9.78
CA LYS A 69 9.74 -9.41 -10.60
C LYS A 69 9.14 -9.04 -11.95
N LYS A 70 7.99 -8.36 -11.97
CA LYS A 70 7.37 -7.96 -13.24
C LYS A 70 8.14 -6.87 -13.96
N ILE A 71 8.96 -6.13 -13.23
CA ILE A 71 9.78 -5.05 -13.71
C ILE A 71 11.14 -5.24 -13.04
N LYS A 72 12.20 -4.78 -13.70
CA LYS A 72 13.57 -4.87 -13.19
C LYS A 72 14.21 -3.50 -13.12
N SER A 73 15.39 -3.47 -12.52
CA SER A 73 16.25 -2.32 -12.33
C SER A 73 16.79 -1.93 -13.71
N SER A 74 16.17 -0.97 -14.38
CA SER A 74 16.62 -0.48 -15.68
C SER A 74 17.63 0.64 -15.44
N GLY A 75 18.34 1.10 -16.48
CA GLY A 75 19.31 2.16 -16.33
C GLY A 75 20.59 1.70 -15.66
N PRO A 76 21.49 2.62 -15.28
CA PRO A 76 22.79 2.34 -14.64
C PRO A 76 22.72 1.77 -13.22
N SER A 77 21.57 1.26 -12.76
CA SER A 77 21.36 0.67 -11.44
C SER A 77 21.33 1.69 -10.30
N SER A 78 21.43 2.99 -10.60
CA SER A 78 21.41 4.07 -9.63
C SER A 78 20.14 4.90 -9.84
N GLY A 79 19.72 5.60 -8.80
CA GLY A 79 18.55 6.45 -8.78
C GLY A 79 18.33 6.96 -7.37
N GLY A 1 -0.36 26.52 -12.70
CA GLY A 1 -0.58 25.71 -11.50
C GLY A 1 -1.74 24.75 -11.68
N SER A 2 -1.51 23.43 -11.58
CA SER A 2 -2.54 22.40 -11.73
C SER A 2 -2.71 21.52 -10.49
N SER A 3 -2.26 21.96 -9.31
CA SER A 3 -2.41 21.16 -8.09
C SER A 3 -3.90 20.89 -7.83
N GLY A 4 -4.20 19.71 -7.30
CA GLY A 4 -5.54 19.27 -6.97
C GLY A 4 -5.59 18.93 -5.50
N SER A 5 -4.98 17.79 -5.12
CA SER A 5 -4.92 17.32 -3.75
C SER A 5 -3.69 16.43 -3.50
N SER A 6 -3.50 15.94 -2.27
CA SER A 6 -2.44 15.07 -1.79
C SER A 6 -2.90 14.56 -0.40
N GLY A 7 -2.21 13.58 0.18
CA GLY A 7 -2.53 13.00 1.48
C GLY A 7 -1.76 11.70 1.71
N SER A 8 -2.19 10.90 2.69
CA SER A 8 -1.59 9.62 3.05
C SER A 8 -2.51 8.45 2.68
N VAL A 9 -1.98 7.40 2.05
CA VAL A 9 -2.78 6.23 1.66
C VAL A 9 -3.17 5.52 2.96
N VAL A 10 -4.46 5.27 3.12
CA VAL A 10 -5.01 4.58 4.28
C VAL A 10 -5.78 3.36 3.79
N ALA A 11 -5.81 2.34 4.63
CA ALA A 11 -6.49 1.09 4.38
C ALA A 11 -7.99 1.37 4.41
N LYS A 12 -8.69 1.12 3.31
CA LYS A 12 -10.13 1.38 3.26
C LYS A 12 -10.93 0.39 4.12
N VAL A 13 -10.36 -0.79 4.44
CA VAL A 13 -10.96 -1.84 5.23
C VAL A 13 -9.82 -2.55 5.99
N LYS A 14 -10.12 -3.39 6.98
CA LYS A 14 -9.11 -4.12 7.74
C LYS A 14 -8.64 -5.27 6.83
N ILE A 15 -7.50 -5.09 6.18
CA ILE A 15 -6.91 -6.03 5.24
C ILE A 15 -6.05 -7.00 6.05
N PRO A 16 -6.44 -8.29 6.17
CA PRO A 16 -5.66 -9.24 6.93
C PRO A 16 -4.36 -9.56 6.22
N GLU A 17 -3.38 -9.98 7.01
CA GLU A 17 -2.05 -10.37 6.58
C GLU A 17 -2.16 -11.39 5.45
N GLY A 18 -1.29 -11.29 4.46
CA GLY A 18 -1.24 -12.18 3.31
C GLY A 18 -2.26 -11.85 2.21
N THR A 19 -3.09 -10.82 2.35
CA THR A 19 -4.10 -10.45 1.34
C THR A 19 -3.45 -9.56 0.27
N ILE A 20 -3.92 -9.66 -0.98
CA ILE A 20 -3.40 -8.88 -2.09
C ILE A 20 -4.16 -7.55 -2.11
N LEU A 21 -3.46 -6.43 -2.21
CA LEU A 21 -4.08 -5.11 -2.24
C LEU A 21 -4.85 -4.91 -3.55
N THR A 22 -5.94 -4.15 -3.47
CA THR A 22 -6.85 -3.80 -4.55
C THR A 22 -7.30 -2.36 -4.32
N MET A 23 -7.75 -1.65 -5.36
CA MET A 23 -8.23 -0.27 -5.22
C MET A 23 -9.48 -0.27 -4.34
N ASP A 24 -10.18 -1.41 -4.32
CA ASP A 24 -11.39 -1.72 -3.56
C ASP A 24 -11.15 -1.71 -2.05
N MET A 25 -9.89 -1.74 -1.63
CA MET A 25 -9.45 -1.75 -0.24
C MET A 25 -8.49 -0.60 0.08
N LEU A 26 -8.31 0.37 -0.82
CA LEU A 26 -7.41 1.51 -0.59
C LEU A 26 -8.12 2.82 -0.84
N THR A 27 -7.66 3.88 -0.18
CA THR A 27 -8.14 5.24 -0.29
C THR A 27 -7.01 6.12 0.27
N VAL A 28 -7.19 7.44 0.32
CA VAL A 28 -6.17 8.35 0.83
C VAL A 28 -6.87 9.40 1.68
N LYS A 29 -6.36 9.64 2.88
CA LYS A 29 -6.91 10.66 3.77
C LYS A 29 -6.21 11.91 3.27
N VAL A 30 -6.91 12.78 2.54
CA VAL A 30 -6.32 14.01 2.00
C VAL A 30 -5.94 14.97 3.13
N GLY A 31 -4.71 14.84 3.64
CA GLY A 31 -4.18 15.65 4.72
C GLY A 31 -2.69 15.91 4.51
N GLU A 32 -1.86 14.99 4.98
CA GLU A 32 -0.40 15.05 4.91
C GLU A 32 0.16 13.95 4.01
N PRO A 33 1.29 14.17 3.32
CA PRO A 33 1.88 13.17 2.43
C PRO A 33 2.72 12.22 3.29
N LYS A 34 2.05 11.37 4.07
CA LYS A 34 2.71 10.40 4.95
C LYS A 34 2.39 8.99 4.48
N GLY A 35 3.14 8.02 4.99
CA GLY A 35 2.98 6.62 4.66
C GLY A 35 3.54 6.37 3.27
N TYR A 36 2.71 6.56 2.25
CA TYR A 36 3.06 6.35 0.85
C TYR A 36 2.42 7.49 0.04
N PRO A 37 3.07 7.98 -1.03
CA PRO A 37 2.49 9.04 -1.85
C PRO A 37 1.23 8.51 -2.56
N PRO A 38 0.22 9.35 -2.80
CA PRO A 38 -1.01 8.92 -3.45
C PRO A 38 -0.84 8.74 -4.96
N GLU A 39 0.20 9.34 -5.54
CA GLU A 39 0.45 9.25 -6.96
C GLU A 39 0.81 7.82 -7.36
N ASP A 40 1.48 7.11 -6.46
CA ASP A 40 1.94 5.73 -6.63
C ASP A 40 0.92 4.71 -6.11
N ILE A 41 -0.30 5.13 -5.80
CA ILE A 41 -1.35 4.20 -5.31
C ILE A 41 -1.54 3.02 -6.29
N PHE A 42 -1.40 3.27 -7.59
CA PHE A 42 -1.54 2.28 -8.64
C PHE A 42 -0.55 1.12 -8.53
N ASN A 43 0.58 1.28 -7.83
CA ASN A 43 1.57 0.21 -7.66
C ASN A 43 1.42 -0.48 -6.32
N LEU A 44 0.72 0.12 -5.35
CA LEU A 44 0.49 -0.54 -4.07
C LEU A 44 -0.45 -1.71 -4.34
N VAL A 45 -1.35 -1.53 -5.32
CA VAL A 45 -2.29 -2.56 -5.71
C VAL A 45 -1.47 -3.72 -6.28
N GLY A 46 -1.86 -4.95 -5.93
CA GLY A 46 -1.19 -6.16 -6.35
C GLY A 46 -0.12 -6.61 -5.36
N LYS A 47 0.32 -5.74 -4.44
CA LYS A 47 1.30 -6.14 -3.43
C LYS A 47 0.58 -6.99 -2.37
N LYS A 48 1.32 -7.60 -1.45
CA LYS A 48 0.74 -8.42 -0.40
C LYS A 48 1.18 -7.87 0.95
N VAL A 49 0.22 -7.73 1.87
CA VAL A 49 0.50 -7.22 3.21
C VAL A 49 1.22 -8.28 4.06
N LEU A 50 2.07 -7.82 4.96
CA LEU A 50 2.86 -8.61 5.88
C LEU A 50 2.22 -8.72 7.26
N VAL A 51 1.24 -7.89 7.58
CA VAL A 51 0.51 -7.86 8.85
C VAL A 51 -0.95 -7.51 8.57
N THR A 52 -1.83 -7.79 9.52
CA THR A 52 -3.25 -7.47 9.40
C THR A 52 -3.39 -5.96 9.62
N VAL A 53 -3.44 -5.22 8.53
CA VAL A 53 -3.59 -3.78 8.50
C VAL A 53 -5.03 -3.49 8.92
N GLU A 54 -5.22 -2.63 9.92
CA GLU A 54 -6.55 -2.26 10.40
C GLU A 54 -7.22 -1.31 9.41
N GLU A 55 -8.51 -1.04 9.61
CA GLU A 55 -9.19 -0.11 8.74
C GLU A 55 -8.68 1.28 9.17
N ASP A 56 -8.40 2.13 8.20
CA ASP A 56 -7.90 3.50 8.35
C ASP A 56 -6.43 3.56 8.79
N ASP A 57 -5.73 2.41 8.77
CA ASP A 57 -4.32 2.34 9.12
C ASP A 57 -3.55 2.97 7.96
N THR A 58 -2.39 3.57 8.25
CA THR A 58 -1.57 4.19 7.23
C THR A 58 -0.78 3.08 6.52
N ILE A 59 -0.94 2.99 5.20
CA ILE A 59 -0.26 2.01 4.39
C ILE A 59 1.18 2.50 4.24
N MET A 60 2.15 1.64 4.57
CA MET A 60 3.57 1.96 4.49
C MET A 60 4.31 0.90 3.71
N GLU A 61 5.44 1.29 3.14
CA GLU A 61 6.33 0.48 2.33
C GLU A 61 6.94 -0.71 3.06
N GLU A 62 6.96 -0.68 4.40
CA GLU A 62 7.51 -1.75 5.23
C GLU A 62 6.45 -2.80 5.57
N LEU A 63 5.18 -2.52 5.28
CA LEU A 63 4.05 -3.41 5.52
C LEU A 63 3.80 -4.31 4.32
N VAL A 64 4.68 -4.39 3.33
CA VAL A 64 4.49 -5.21 2.14
C VAL A 64 5.68 -6.06 1.74
N ASP A 65 5.38 -7.20 1.10
CA ASP A 65 6.37 -8.15 0.61
C ASP A 65 6.74 -7.80 -0.83
N ASN A 66 7.77 -8.43 -1.37
CA ASN A 66 8.20 -8.20 -2.74
C ASN A 66 7.18 -8.82 -3.71
N HIS A 67 6.84 -8.09 -4.78
CA HIS A 67 5.88 -8.54 -5.77
C HIS A 67 6.34 -9.83 -6.46
N GLY A 68 5.42 -10.79 -6.62
CA GLY A 68 5.66 -12.08 -7.25
C GLY A 68 6.62 -12.93 -6.41
N LYS A 69 6.96 -14.14 -6.90
CA LYS A 69 7.88 -15.05 -6.21
C LYS A 69 8.85 -15.75 -7.17
N LYS A 70 8.64 -15.61 -8.49
CA LYS A 70 9.49 -16.18 -9.54
C LYS A 70 10.96 -15.78 -9.34
N ILE A 71 11.86 -16.58 -9.87
CA ILE A 71 13.32 -16.41 -9.79
C ILE A 71 13.93 -16.08 -11.17
N LYS A 72 13.15 -15.45 -12.04
CA LYS A 72 13.63 -15.09 -13.39
C LYS A 72 14.75 -14.04 -13.30
N SER A 73 14.68 -13.12 -12.34
CA SER A 73 15.65 -12.07 -12.11
C SER A 73 16.88 -12.66 -11.40
N SER A 74 18.04 -12.05 -11.66
CA SER A 74 19.30 -12.42 -11.05
C SER A 74 19.17 -11.98 -9.59
N GLY A 75 19.12 -10.67 -9.37
CA GLY A 75 18.99 -10.02 -8.07
C GLY A 75 18.80 -8.53 -8.35
N PRO A 76 18.05 -7.78 -7.52
CA PRO A 76 17.81 -6.36 -7.73
C PRO A 76 19.04 -5.48 -7.45
N SER A 77 20.05 -5.99 -6.75
CA SER A 77 21.28 -5.28 -6.41
C SER A 77 21.08 -4.10 -5.44
N SER A 78 19.88 -3.92 -4.87
CA SER A 78 19.54 -2.87 -3.92
C SER A 78 20.07 -3.23 -2.52
N GLY A 79 19.64 -2.52 -1.47
CA GLY A 79 20.06 -2.79 -0.10
C GLY A 79 18.97 -3.64 0.52
N GLY A 1 -2.93 26.90 5.83
CA GLY A 1 -2.94 25.80 4.90
C GLY A 1 -2.71 26.30 3.48
N SER A 2 -2.12 25.45 2.65
CA SER A 2 -1.80 25.68 1.25
C SER A 2 -3.08 25.77 0.40
N SER A 3 -2.90 26.02 -0.90
CA SER A 3 -3.95 26.10 -1.89
C SER A 3 -3.77 24.77 -2.63
N GLY A 4 -4.57 23.78 -2.25
CA GLY A 4 -4.53 22.44 -2.79
C GLY A 4 -3.44 21.69 -2.03
N SER A 5 -3.79 20.60 -1.35
CA SER A 5 -2.87 19.77 -0.58
C SER A 5 -2.97 18.32 -1.02
N SER A 6 -2.11 17.47 -0.46
CA SER A 6 -2.06 16.05 -0.74
C SER A 6 -2.33 15.26 0.54
N GLY A 7 -2.34 13.94 0.44
CA GLY A 7 -2.59 13.04 1.55
C GLY A 7 -1.68 11.82 1.45
N SER A 8 -2.09 10.74 2.11
CA SER A 8 -1.35 9.49 2.14
C SER A 8 -2.30 8.32 1.96
N VAL A 9 -1.78 7.17 1.51
CA VAL A 9 -2.61 5.99 1.32
C VAL A 9 -2.91 5.38 2.68
N VAL A 10 -4.17 5.09 2.94
CA VAL A 10 -4.67 4.47 4.15
C VAL A 10 -5.53 3.29 3.70
N ALA A 11 -5.70 2.35 4.61
CA ALA A 11 -6.50 1.16 4.43
C ALA A 11 -7.96 1.61 4.43
N LYS A 12 -8.73 1.17 3.45
CA LYS A 12 -10.13 1.52 3.36
C LYS A 12 -10.96 0.72 4.38
N VAL A 13 -10.56 -0.50 4.67
CA VAL A 13 -11.13 -1.49 5.58
C VAL A 13 -9.99 -2.29 6.23
N LYS A 14 -10.26 -3.12 7.26
CA LYS A 14 -9.24 -3.93 7.94
C LYS A 14 -8.74 -4.99 6.96
N ILE A 15 -7.45 -4.94 6.61
CA ILE A 15 -6.81 -5.86 5.69
C ILE A 15 -6.03 -6.95 6.45
N PRO A 16 -6.53 -8.19 6.52
CA PRO A 16 -5.81 -9.26 7.19
C PRO A 16 -4.55 -9.59 6.38
N GLU A 17 -3.48 -9.95 7.08
CA GLU A 17 -2.20 -10.32 6.49
C GLU A 17 -2.38 -11.44 5.45
N GLY A 18 -1.46 -11.49 4.47
CA GLY A 18 -1.51 -12.51 3.43
C GLY A 18 -2.66 -12.35 2.45
N THR A 19 -3.20 -11.15 2.28
CA THR A 19 -4.31 -10.85 1.36
C THR A 19 -3.82 -9.86 0.32
N ILE A 20 -4.27 -9.99 -0.94
CA ILE A 20 -3.89 -9.10 -2.03
C ILE A 20 -4.60 -7.75 -1.84
N LEU A 21 -3.88 -6.66 -2.03
CA LEU A 21 -4.35 -5.28 -1.93
C LEU A 21 -5.06 -4.94 -3.23
N THR A 22 -6.16 -4.19 -3.15
CA THR A 22 -6.93 -3.79 -4.32
C THR A 22 -7.30 -2.31 -4.17
N MET A 23 -7.72 -1.66 -5.26
CA MET A 23 -8.14 -0.26 -5.25
C MET A 23 -9.33 -0.09 -4.29
N ASP A 24 -10.12 -1.15 -4.06
CA ASP A 24 -11.28 -1.14 -3.17
C ASP A 24 -10.91 -1.21 -1.69
N MET A 25 -9.64 -1.51 -1.39
CA MET A 25 -9.10 -1.64 -0.05
C MET A 25 -7.98 -0.62 0.19
N LEU A 26 -7.88 0.41 -0.66
CA LEU A 26 -6.90 1.47 -0.57
C LEU A 26 -7.59 2.78 -0.93
N THR A 27 -7.29 3.84 -0.19
CA THR A 27 -7.87 5.15 -0.41
C THR A 27 -6.80 6.17 0.02
N VAL A 28 -6.80 7.40 -0.50
CA VAL A 28 -5.82 8.42 -0.17
C VAL A 28 -6.53 9.51 0.64
N LYS A 29 -6.35 9.49 1.95
CA LYS A 29 -6.96 10.45 2.86
C LYS A 29 -6.24 11.80 2.74
N VAL A 30 -6.92 12.81 2.22
CA VAL A 30 -6.39 14.16 2.05
C VAL A 30 -6.05 14.67 3.45
N GLY A 31 -4.79 15.03 3.68
CA GLY A 31 -4.36 15.53 4.97
C GLY A 31 -2.86 15.78 4.99
N GLU A 32 -2.07 14.73 5.20
CA GLU A 32 -0.62 14.84 5.25
C GLU A 32 0.03 13.65 4.53
N PRO A 33 1.30 13.76 4.09
CA PRO A 33 2.00 12.68 3.38
C PRO A 33 2.44 11.54 4.30
N LYS A 34 1.97 11.47 5.55
CA LYS A 34 2.30 10.43 6.52
C LYS A 34 1.68 9.12 6.03
N GLY A 35 2.48 8.32 5.33
CA GLY A 35 2.16 7.04 4.74
C GLY A 35 2.72 6.99 3.32
N TYR A 36 2.31 5.99 2.54
CA TYR A 36 2.74 5.84 1.16
C TYR A 36 2.16 6.99 0.32
N PRO A 37 2.88 7.53 -0.68
CA PRO A 37 2.38 8.64 -1.50
C PRO A 37 1.26 8.23 -2.48
N PRO A 38 0.39 9.17 -2.88
CA PRO A 38 -0.73 8.90 -3.80
C PRO A 38 -0.35 8.51 -5.21
N GLU A 39 0.79 8.93 -5.75
CA GLU A 39 1.15 8.57 -7.12
C GLU A 39 1.62 7.13 -7.24
N ASP A 40 2.15 6.53 -6.17
CA ASP A 40 2.64 5.15 -6.19
C ASP A 40 1.55 4.13 -5.87
N ILE A 41 0.32 4.56 -5.56
CA ILE A 41 -0.79 3.67 -5.22
C ILE A 41 -1.00 2.56 -6.26
N PHE A 42 -0.75 2.84 -7.54
CA PHE A 42 -0.92 1.87 -8.62
C PHE A 42 -0.04 0.63 -8.45
N ASN A 43 1.06 0.72 -7.70
CA ASN A 43 1.95 -0.41 -7.44
C ASN A 43 1.60 -1.11 -6.14
N LEU A 44 0.87 -0.46 -5.22
CA LEU A 44 0.45 -1.10 -3.98
C LEU A 44 -0.64 -2.09 -4.34
N VAL A 45 -1.44 -1.74 -5.35
CA VAL A 45 -2.52 -2.55 -5.83
C VAL A 45 -1.86 -3.81 -6.41
N GLY A 46 -2.35 -4.97 -6.01
CA GLY A 46 -1.86 -6.26 -6.44
C GLY A 46 -0.81 -6.83 -5.48
N LYS A 47 -0.29 -6.04 -4.52
CA LYS A 47 0.69 -6.54 -3.55
C LYS A 47 -0.02 -7.40 -2.50
N LYS A 48 0.71 -8.06 -1.60
CA LYS A 48 0.18 -8.92 -0.55
C LYS A 48 0.75 -8.48 0.79
N VAL A 49 -0.01 -7.75 1.61
CA VAL A 49 0.44 -7.25 2.91
C VAL A 49 1.22 -8.30 3.70
N LEU A 50 2.27 -7.84 4.39
CA LEU A 50 3.16 -8.68 5.20
C LEU A 50 2.64 -8.85 6.63
N VAL A 51 1.75 -7.95 7.08
CA VAL A 51 1.16 -7.92 8.41
C VAL A 51 -0.29 -7.46 8.26
N THR A 52 -1.10 -7.64 9.31
CA THR A 52 -2.49 -7.21 9.30
C THR A 52 -2.48 -5.70 9.47
N VAL A 53 -3.32 -5.03 8.72
CA VAL A 53 -3.49 -3.58 8.72
C VAL A 53 -4.94 -3.32 9.12
N GLU A 54 -5.18 -2.47 10.12
CA GLU A 54 -6.53 -2.17 10.55
C GLU A 54 -7.20 -1.22 9.55
N GLU A 55 -8.49 -0.96 9.75
CA GLU A 55 -9.23 -0.06 8.91
C GLU A 55 -8.70 1.35 9.19
N ASP A 56 -8.66 2.19 8.17
CA ASP A 56 -8.19 3.58 8.25
C ASP A 56 -6.75 3.74 8.74
N ASP A 57 -6.04 2.62 8.86
CA ASP A 57 -4.65 2.57 9.28
C ASP A 57 -3.82 3.04 8.09
N THR A 58 -2.60 3.49 8.31
CA THR A 58 -1.76 4.00 7.25
C THR A 58 -1.01 2.89 6.53
N ILE A 59 -1.14 2.85 5.20
CA ILE A 59 -0.46 1.87 4.38
C ILE A 59 0.93 2.46 4.15
N MET A 60 1.97 1.65 4.30
CA MET A 60 3.35 2.09 4.13
C MET A 60 4.18 1.03 3.43
N GLU A 61 5.30 1.44 2.85
CA GLU A 61 6.25 0.58 2.13
C GLU A 61 6.85 -0.51 3.03
N GLU A 62 6.82 -0.32 4.35
CA GLU A 62 7.35 -1.27 5.33
C GLU A 62 6.36 -2.40 5.62
N LEU A 63 5.10 -2.28 5.21
CA LEU A 63 4.05 -3.28 5.43
C LEU A 63 3.77 -4.10 4.17
N VAL A 64 4.48 -3.83 3.07
CA VAL A 64 4.28 -4.52 1.80
C VAL A 64 5.59 -4.99 1.19
N ASP A 65 5.51 -6.12 0.51
CA ASP A 65 6.57 -6.80 -0.19
C ASP A 65 6.79 -6.15 -1.56
N ASN A 66 7.94 -6.43 -2.15
CA ASN A 66 8.25 -5.92 -3.46
C ASN A 66 7.31 -6.58 -4.48
N HIS A 67 6.98 -5.87 -5.56
CA HIS A 67 6.13 -6.40 -6.60
C HIS A 67 6.58 -5.74 -7.90
N GLY A 68 6.71 -6.52 -8.97
CA GLY A 68 7.12 -6.04 -10.28
C GLY A 68 8.56 -5.54 -10.29
N LYS A 69 9.53 -6.46 -10.29
CA LYS A 69 10.98 -6.20 -10.33
C LYS A 69 11.61 -7.29 -11.21
N LYS A 70 12.85 -7.11 -11.62
CA LYS A 70 13.59 -8.06 -12.44
C LYS A 70 15.06 -7.95 -12.09
N ILE A 71 15.65 -9.04 -11.64
CA ILE A 71 17.06 -9.13 -11.27
C ILE A 71 17.88 -8.99 -12.56
N LYS A 72 19.15 -8.60 -12.43
CA LYS A 72 20.07 -8.44 -13.54
C LYS A 72 21.47 -8.60 -12.97
N SER A 73 22.09 -9.77 -13.14
CA SER A 73 23.42 -10.04 -12.63
C SER A 73 24.47 -9.16 -13.31
N SER A 74 24.28 -8.80 -14.58
CA SER A 74 25.18 -7.99 -15.38
C SER A 74 25.38 -6.58 -14.79
N GLY A 75 26.60 -6.26 -14.37
CA GLY A 75 26.96 -4.96 -13.81
C GLY A 75 26.75 -4.85 -12.31
N PRO A 76 27.16 -3.71 -11.72
CA PRO A 76 27.03 -3.46 -10.28
C PRO A 76 25.56 -3.46 -9.87
N SER A 77 25.32 -3.88 -8.63
CA SER A 77 23.99 -3.98 -8.02
C SER A 77 23.53 -2.61 -7.53
N SER A 78 22.34 -2.55 -6.93
CA SER A 78 21.77 -1.33 -6.38
C SER A 78 22.74 -0.73 -5.36
N GLY A 79 23.08 -1.48 -4.31
CA GLY A 79 23.98 -1.02 -3.25
C GLY A 79 23.64 -1.81 -2.02
N GLY A 1 -4.73 17.98 -8.11
CA GLY A 1 -5.10 19.38 -8.35
C GLY A 1 -4.09 20.31 -7.70
N SER A 2 -3.88 21.52 -8.27
CA SER A 2 -2.94 22.52 -7.78
C SER A 2 -3.19 22.84 -6.29
N SER A 3 -4.29 23.53 -5.97
CA SER A 3 -4.62 23.86 -4.60
C SER A 3 -5.14 22.62 -3.87
N GLY A 4 -5.16 22.69 -2.54
CA GLY A 4 -5.60 21.65 -1.64
C GLY A 4 -4.36 20.95 -1.09
N SER A 5 -4.36 20.65 0.20
CA SER A 5 -3.25 20.00 0.87
C SER A 5 -3.02 18.59 0.29
N SER A 6 -1.86 17.99 0.54
CA SER A 6 -1.58 16.64 0.07
C SER A 6 -2.26 15.63 1.00
N GLY A 7 -2.02 14.34 0.75
CA GLY A 7 -2.56 13.23 1.50
C GLY A 7 -1.63 12.03 1.37
N SER A 8 -2.08 10.88 1.88
CA SER A 8 -1.33 9.62 1.87
C SER A 8 -2.31 8.46 1.68
N VAL A 9 -1.78 7.28 1.34
CA VAL A 9 -2.61 6.10 1.15
C VAL A 9 -2.91 5.49 2.52
N VAL A 10 -4.17 5.14 2.73
CA VAL A 10 -4.65 4.51 3.94
C VAL A 10 -5.53 3.34 3.54
N ALA A 11 -5.70 2.42 4.48
CA ALA A 11 -6.51 1.23 4.33
C ALA A 11 -7.96 1.69 4.34
N LYS A 12 -8.68 1.42 3.27
CA LYS A 12 -10.09 1.79 3.18
C LYS A 12 -10.92 0.96 4.16
N VAL A 13 -10.44 -0.26 4.43
CA VAL A 13 -11.00 -1.26 5.33
C VAL A 13 -9.83 -2.10 5.85
N LYS A 14 -10.05 -2.84 6.94
CA LYS A 14 -9.07 -3.73 7.55
C LYS A 14 -8.58 -4.73 6.49
N ILE A 15 -7.30 -5.07 6.47
CA ILE A 15 -6.71 -6.00 5.50
C ILE A 15 -5.89 -7.04 6.26
N PRO A 16 -6.38 -8.29 6.40
CA PRO A 16 -5.64 -9.32 7.12
C PRO A 16 -4.34 -9.68 6.40
N GLU A 17 -3.29 -10.01 7.15
CA GLU A 17 -1.99 -10.36 6.59
C GLU A 17 -2.11 -11.53 5.59
N GLY A 18 -1.34 -11.47 4.51
CA GLY A 18 -1.33 -12.52 3.49
C GLY A 18 -2.34 -12.27 2.37
N THR A 19 -3.05 -11.15 2.41
CA THR A 19 -4.05 -10.76 1.43
C THR A 19 -3.42 -9.80 0.42
N ILE A 20 -3.93 -9.79 -0.81
CA ILE A 20 -3.43 -8.92 -1.87
C ILE A 20 -4.26 -7.63 -1.83
N LEU A 21 -3.58 -6.51 -2.05
CA LEU A 21 -4.17 -5.17 -2.06
C LEU A 21 -4.99 -4.96 -3.33
N THR A 22 -6.03 -4.15 -3.21
CA THR A 22 -6.97 -3.76 -4.26
C THR A 22 -7.37 -2.30 -4.03
N MET A 23 -7.85 -1.61 -5.06
CA MET A 23 -8.29 -0.22 -4.91
C MET A 23 -9.50 -0.22 -3.95
N ASP A 24 -10.29 -1.30 -3.97
CA ASP A 24 -11.46 -1.49 -3.12
C ASP A 24 -11.12 -1.45 -1.63
N MET A 25 -9.84 -1.60 -1.26
CA MET A 25 -9.35 -1.57 0.11
C MET A 25 -8.32 -0.45 0.33
N LEU A 26 -8.15 0.48 -0.62
CA LEU A 26 -7.20 1.57 -0.51
C LEU A 26 -7.89 2.90 -0.83
N THR A 27 -7.46 3.98 -0.20
CA THR A 27 -8.01 5.30 -0.41
C THR A 27 -6.92 6.33 -0.08
N VAL A 28 -7.09 7.59 -0.52
CA VAL A 28 -6.14 8.66 -0.28
C VAL A 28 -6.76 9.59 0.74
N LYS A 29 -6.34 9.48 1.99
CA LYS A 29 -6.85 10.31 3.06
C LYS A 29 -6.27 11.72 2.88
N VAL A 30 -7.14 12.71 2.90
CA VAL A 30 -6.77 14.11 2.79
C VAL A 30 -6.12 14.45 4.12
N GLY A 31 -4.88 14.94 4.15
CA GLY A 31 -4.25 15.27 5.41
C GLY A 31 -2.76 15.54 5.28
N GLU A 32 -1.94 14.52 5.50
CA GLU A 32 -0.49 14.65 5.44
C GLU A 32 0.14 13.45 4.72
N PRO A 33 1.33 13.64 4.10
CA PRO A 33 2.05 12.60 3.37
C PRO A 33 2.66 11.50 4.24
N LYS A 34 2.28 11.35 5.52
CA LYS A 34 2.81 10.29 6.37
C LYS A 34 2.25 8.99 5.80
N GLY A 35 3.11 8.13 5.25
CA GLY A 35 2.73 6.86 4.64
C GLY A 35 3.15 6.83 3.18
N TYR A 36 2.62 5.87 2.44
CA TYR A 36 2.93 5.70 1.03
C TYR A 36 2.36 6.83 0.16
N PRO A 37 3.11 7.33 -0.84
CA PRO A 37 2.63 8.39 -1.72
C PRO A 37 1.38 7.92 -2.49
N PRO A 38 0.32 8.74 -2.59
CA PRO A 38 -0.90 8.35 -3.29
C PRO A 38 -0.77 8.23 -4.79
N GLU A 39 0.29 8.72 -5.41
CA GLU A 39 0.45 8.59 -6.85
C GLU A 39 0.93 7.18 -7.17
N ASP A 40 1.69 6.56 -6.27
CA ASP A 40 2.23 5.23 -6.42
C ASP A 40 1.19 4.16 -6.05
N ILE A 41 -0.05 4.54 -5.73
CA ILE A 41 -1.13 3.63 -5.36
C ILE A 41 -1.35 2.52 -6.41
N PHE A 42 -1.11 2.81 -7.69
CA PHE A 42 -1.26 1.84 -8.77
C PHE A 42 -0.37 0.61 -8.49
N ASN A 43 0.87 0.88 -8.05
CA ASN A 43 1.85 -0.15 -7.73
C ASN A 43 1.39 -0.98 -6.54
N LEU A 44 0.73 -0.36 -5.55
CA LEU A 44 0.25 -1.06 -4.37
C LEU A 44 -0.81 -2.08 -4.76
N VAL A 45 -1.64 -1.79 -5.77
CA VAL A 45 -2.71 -2.65 -6.25
C VAL A 45 -2.10 -3.86 -6.99
N GLY A 46 -1.69 -4.84 -6.18
CA GLY A 46 -1.07 -6.09 -6.57
C GLY A 46 -0.06 -6.59 -5.55
N LYS A 47 0.24 -5.84 -4.49
CA LYS A 47 1.20 -6.25 -3.47
C LYS A 47 0.45 -6.99 -2.36
N LYS A 48 1.15 -7.84 -1.62
CA LYS A 48 0.58 -8.60 -0.51
C LYS A 48 0.95 -7.88 0.79
N VAL A 49 0.02 -7.78 1.74
CA VAL A 49 0.31 -7.13 3.00
C VAL A 49 1.15 -8.07 3.86
N LEU A 50 2.17 -7.52 4.52
CA LEU A 50 3.09 -8.24 5.39
C LEU A 50 2.58 -8.29 6.83
N VAL A 51 1.57 -7.49 7.16
CA VAL A 51 0.97 -7.43 8.49
C VAL A 51 -0.53 -7.22 8.34
N THR A 52 -1.30 -7.54 9.38
CA THR A 52 -2.74 -7.34 9.40
C THR A 52 -2.92 -5.82 9.57
N VAL A 53 -3.31 -5.14 8.51
CA VAL A 53 -3.54 -3.69 8.51
C VAL A 53 -4.93 -3.45 9.11
N GLU A 54 -5.12 -2.38 9.88
CA GLU A 54 -6.43 -2.06 10.48
C GLU A 54 -7.20 -1.15 9.52
N GLU A 55 -8.47 -0.93 9.80
CA GLU A 55 -9.31 -0.06 8.99
C GLU A 55 -8.79 1.36 9.24
N ASP A 56 -8.66 2.18 8.19
CA ASP A 56 -8.18 3.57 8.25
C ASP A 56 -6.70 3.68 8.69
N ASP A 57 -5.98 2.56 8.69
CA ASP A 57 -4.58 2.51 9.05
C ASP A 57 -3.74 3.05 7.90
N THR A 58 -2.53 3.50 8.18
CA THR A 58 -1.64 4.06 7.17
C THR A 58 -0.99 2.92 6.38
N ILE A 59 -1.07 2.98 5.05
CA ILE A 59 -0.44 1.98 4.21
C ILE A 59 0.98 2.52 4.01
N MET A 60 1.98 1.69 4.28
CA MET A 60 3.38 2.04 4.14
C MET A 60 4.06 0.91 3.39
N GLU A 61 5.22 1.18 2.79
CA GLU A 61 5.98 0.20 2.03
C GLU A 61 6.42 -0.94 2.94
N GLU A 62 6.70 -0.59 4.20
CA GLU A 62 7.15 -1.48 5.27
C GLU A 62 6.08 -2.55 5.56
N LEU A 63 4.83 -2.31 5.13
CA LEU A 63 3.69 -3.19 5.33
C LEU A 63 3.36 -4.01 4.08
N VAL A 64 4.16 -3.97 3.00
CA VAL A 64 3.89 -4.73 1.77
C VAL A 64 5.13 -5.47 1.28
N ASP A 65 4.90 -6.63 0.67
CA ASP A 65 5.92 -7.52 0.11
C ASP A 65 6.75 -6.75 -0.92
N ASN A 66 8.07 -7.01 -0.99
CA ASN A 66 9.00 -6.36 -1.91
C ASN A 66 8.64 -6.62 -3.37
N HIS A 67 8.13 -7.81 -3.69
CA HIS A 67 7.71 -8.22 -5.03
C HIS A 67 6.54 -9.18 -4.88
N GLY A 68 5.91 -9.60 -5.98
CA GLY A 68 4.77 -10.51 -5.92
C GLY A 68 4.74 -11.32 -7.21
N LYS A 69 5.08 -12.60 -7.12
CA LYS A 69 5.07 -13.51 -8.26
C LYS A 69 4.48 -14.84 -7.84
N LYS A 70 3.93 -15.60 -8.79
CA LYS A 70 3.35 -16.90 -8.52
C LYS A 70 3.25 -17.66 -9.84
N ILE A 71 4.13 -18.64 -10.02
CA ILE A 71 4.18 -19.46 -11.22
C ILE A 71 3.07 -20.53 -11.30
N LYS A 72 2.20 -20.67 -10.28
CA LYS A 72 1.14 -21.67 -10.31
C LYS A 72 0.07 -21.28 -11.34
N SER A 73 0.15 -21.86 -12.53
CA SER A 73 -0.78 -21.64 -13.63
C SER A 73 -1.34 -23.00 -14.00
N SER A 74 -0.50 -23.88 -14.56
CA SER A 74 -0.89 -25.21 -14.99
C SER A 74 -1.24 -26.13 -13.79
N GLY A 75 -1.84 -27.27 -14.06
CA GLY A 75 -2.24 -28.28 -13.08
C GLY A 75 -2.67 -29.55 -13.79
N PRO A 76 -2.93 -30.65 -13.07
CA PRO A 76 -3.38 -31.92 -13.67
C PRO A 76 -4.84 -31.84 -14.13
N SER A 77 -5.56 -30.78 -13.77
CA SER A 77 -6.94 -30.45 -14.06
C SER A 77 -7.09 -29.99 -15.53
N SER A 78 -6.54 -30.74 -16.48
CA SER A 78 -6.59 -30.44 -17.89
C SER A 78 -6.67 -31.75 -18.65
N GLY A 79 -7.90 -32.25 -18.77
CA GLY A 79 -8.34 -33.46 -19.44
C GLY A 79 -9.86 -33.44 -19.38
N GLY A 1 -0.79 14.55 -16.51
CA GLY A 1 -1.90 14.03 -15.70
C GLY A 1 -2.71 15.19 -15.15
N SER A 2 -3.43 14.98 -14.05
CA SER A 2 -4.25 15.97 -13.38
C SER A 2 -3.88 15.97 -11.89
N SER A 3 -3.75 17.16 -11.30
CA SER A 3 -3.40 17.32 -9.89
C SER A 3 -4.60 16.99 -9.01
N GLY A 4 -4.41 16.11 -8.03
CA GLY A 4 -5.44 15.68 -7.10
C GLY A 4 -5.26 16.41 -5.76
N SER A 5 -6.05 16.01 -4.78
CA SER A 5 -5.99 16.59 -3.44
C SER A 5 -4.91 15.84 -2.65
N SER A 6 -3.93 16.56 -2.11
CA SER A 6 -2.82 15.99 -1.35
C SER A 6 -3.33 15.09 -0.22
N GLY A 7 -2.68 13.94 0.00
CA GLY A 7 -3.07 12.99 1.02
C GLY A 7 -2.09 11.82 1.11
N SER A 8 -2.48 10.77 1.84
CA SER A 8 -1.68 9.57 2.08
C SER A 8 -2.55 8.32 1.95
N VAL A 9 -2.02 7.23 1.42
CA VAL A 9 -2.80 5.99 1.28
C VAL A 9 -3.08 5.36 2.65
N VAL A 10 -4.36 5.16 2.97
CA VAL A 10 -4.82 4.54 4.19
C VAL A 10 -5.73 3.37 3.83
N ALA A 11 -5.82 2.40 4.73
CA ALA A 11 -6.63 1.21 4.58
C ALA A 11 -8.10 1.64 4.64
N LYS A 12 -8.85 1.38 3.57
CA LYS A 12 -10.27 1.75 3.50
C LYS A 12 -11.10 0.85 4.43
N VAL A 13 -10.63 -0.37 4.62
CA VAL A 13 -11.20 -1.43 5.43
C VAL A 13 -10.04 -2.24 6.00
N LYS A 14 -10.26 -3.02 7.06
CA LYS A 14 -9.22 -3.87 7.62
C LYS A 14 -8.81 -4.88 6.55
N ILE A 15 -7.52 -5.23 6.48
CA ILE A 15 -6.96 -6.15 5.51
C ILE A 15 -6.16 -7.23 6.25
N PRO A 16 -6.61 -8.50 6.29
CA PRO A 16 -5.86 -9.56 6.96
C PRO A 16 -4.54 -9.81 6.22
N GLU A 17 -3.53 -10.22 6.98
CA GLU A 17 -2.20 -10.53 6.46
C GLU A 17 -2.28 -11.53 5.31
N GLY A 18 -1.34 -11.41 4.36
CA GLY A 18 -1.23 -12.27 3.21
C GLY A 18 -2.15 -11.93 2.05
N THR A 19 -2.99 -10.91 2.19
CA THR A 19 -3.93 -10.51 1.15
C THR A 19 -3.26 -9.60 0.12
N ILE A 20 -3.63 -9.70 -1.16
CA ILE A 20 -3.10 -8.87 -2.23
C ILE A 20 -3.94 -7.58 -2.23
N LEU A 21 -3.30 -6.43 -2.34
CA LEU A 21 -3.96 -5.12 -2.34
C LEU A 21 -4.72 -4.87 -3.63
N THR A 22 -5.77 -4.05 -3.54
CA THR A 22 -6.66 -3.62 -4.62
C THR A 22 -7.05 -2.17 -4.30
N MET A 23 -7.49 -1.38 -5.30
CA MET A 23 -7.90 0.00 -5.01
C MET A 23 -9.13 -0.03 -4.11
N ASP A 24 -9.98 -1.05 -4.23
CA ASP A 24 -11.19 -1.18 -3.44
C ASP A 24 -10.97 -1.20 -1.93
N MET A 25 -9.82 -1.71 -1.46
CA MET A 25 -9.52 -1.76 -0.03
C MET A 25 -8.67 -0.56 0.42
N LEU A 26 -8.48 0.44 -0.45
CA LEU A 26 -7.66 1.62 -0.16
C LEU A 26 -8.39 2.91 -0.49
N THR A 27 -7.95 4.00 0.13
CA THR A 27 -8.46 5.33 -0.06
C THR A 27 -7.34 6.27 0.43
N VAL A 28 -7.22 7.49 -0.09
CA VAL A 28 -6.18 8.39 0.34
C VAL A 28 -6.79 9.43 1.27
N LYS A 29 -6.28 9.48 2.50
CA LYS A 29 -6.73 10.43 3.50
C LYS A 29 -6.26 11.78 2.99
N VAL A 30 -7.17 12.67 2.62
CA VAL A 30 -6.86 14.00 2.11
C VAL A 30 -6.42 14.84 3.31
N GLY A 31 -5.14 14.77 3.67
CA GLY A 31 -4.53 15.49 4.78
C GLY A 31 -3.12 15.92 4.44
N GLU A 32 -2.16 15.01 4.48
CA GLU A 32 -0.74 15.27 4.19
C GLU A 32 -0.12 14.02 3.55
N PRO A 33 1.04 14.12 2.86
CA PRO A 33 1.73 12.99 2.21
C PRO A 33 2.42 12.05 3.21
N LYS A 34 1.83 11.83 4.39
CA LYS A 34 2.40 10.92 5.40
C LYS A 34 2.45 9.51 4.83
N GLY A 35 3.22 8.63 5.46
CA GLY A 35 3.34 7.25 5.03
C GLY A 35 3.72 7.17 3.55
N TYR A 36 3.00 6.35 2.79
CA TYR A 36 3.22 6.12 1.39
C TYR A 36 2.47 7.16 0.54
N PRO A 37 3.11 7.72 -0.51
CA PRO A 37 2.50 8.72 -1.37
C PRO A 37 1.23 8.20 -2.07
N PRO A 38 0.28 9.10 -2.40
CA PRO A 38 -0.97 8.72 -3.04
C PRO A 38 -0.83 8.48 -4.54
N GLU A 39 0.16 9.09 -5.21
CA GLU A 39 0.36 8.93 -6.64
C GLU A 39 0.74 7.49 -6.98
N ASP A 40 1.63 6.91 -6.18
CA ASP A 40 2.19 5.56 -6.28
C ASP A 40 1.20 4.45 -5.94
N ILE A 41 -0.09 4.75 -5.75
CA ILE A 41 -1.13 3.78 -5.41
C ILE A 41 -1.11 2.55 -6.36
N PHE A 42 -0.82 2.76 -7.64
CA PHE A 42 -0.78 1.69 -8.62
C PHE A 42 0.25 0.62 -8.24
N ASN A 43 1.35 1.01 -7.57
CA ASN A 43 2.40 0.09 -7.15
C ASN A 43 1.86 -0.77 -6.01
N LEU A 44 1.25 -0.13 -5.01
CA LEU A 44 0.69 -0.81 -3.85
C LEU A 44 -0.34 -1.83 -4.29
N VAL A 45 -1.23 -1.44 -5.21
CA VAL A 45 -2.26 -2.30 -5.73
C VAL A 45 -1.61 -3.40 -6.57
N GLY A 46 -1.46 -4.55 -5.94
CA GLY A 46 -0.86 -5.77 -6.47
C GLY A 46 0.15 -6.34 -5.47
N LYS A 47 0.57 -5.60 -4.44
CA LYS A 47 1.50 -6.09 -3.42
C LYS A 47 0.72 -6.87 -2.39
N LYS A 48 1.40 -7.59 -1.50
CA LYS A 48 0.76 -8.40 -0.46
C LYS A 48 1.07 -7.78 0.90
N VAL A 49 0.09 -7.71 1.81
CA VAL A 49 0.36 -7.15 3.13
C VAL A 49 1.16 -8.18 3.94
N LEU A 50 2.17 -7.71 4.66
CA LEU A 50 3.06 -8.49 5.50
C LEU A 50 2.46 -8.75 6.89
N VAL A 51 1.47 -7.99 7.32
CA VAL A 51 0.82 -8.08 8.62
C VAL A 51 -0.68 -7.73 8.44
N THR A 52 -1.51 -8.00 9.45
CA THR A 52 -2.93 -7.67 9.37
C THR A 52 -3.02 -6.17 9.61
N VAL A 53 -3.36 -5.42 8.56
CA VAL A 53 -3.49 -3.98 8.57
C VAL A 53 -4.91 -3.64 9.02
N GLU A 54 -5.04 -2.81 10.04
CA GLU A 54 -6.35 -2.40 10.54
C GLU A 54 -6.96 -1.34 9.64
N GLU A 55 -8.22 -1.00 9.93
CA GLU A 55 -8.89 0.01 9.13
C GLU A 55 -8.31 1.38 9.46
N ASP A 56 -8.31 2.27 8.46
CA ASP A 56 -7.81 3.65 8.48
C ASP A 56 -6.31 3.71 8.78
N ASP A 57 -5.65 2.56 8.83
CA ASP A 57 -4.23 2.45 9.10
C ASP A 57 -3.45 3.05 7.93
N THR A 58 -2.26 3.57 8.20
CA THR A 58 -1.41 4.17 7.20
C THR A 58 -0.64 3.05 6.50
N ILE A 59 -0.93 2.80 5.23
CA ILE A 59 -0.24 1.77 4.45
C ILE A 59 1.18 2.30 4.22
N MET A 60 2.20 1.51 4.50
CA MET A 60 3.60 1.90 4.35
C MET A 60 4.37 0.79 3.62
N GLU A 61 5.53 1.09 3.05
CA GLU A 61 6.35 0.13 2.32
C GLU A 61 6.82 -1.01 3.24
N GLU A 62 7.00 -0.71 4.52
CA GLU A 62 7.42 -1.69 5.52
C GLU A 62 6.34 -2.76 5.76
N LEU A 63 5.11 -2.50 5.31
CA LEU A 63 3.94 -3.37 5.43
C LEU A 63 3.64 -4.15 4.16
N VAL A 64 4.46 -4.10 3.10
CA VAL A 64 4.13 -4.83 1.88
C VAL A 64 5.29 -5.65 1.30
N ASP A 65 4.94 -6.85 0.82
CA ASP A 65 5.81 -7.83 0.19
C ASP A 65 5.64 -7.75 -1.33
N ASN A 66 6.63 -8.28 -2.02
CA ASN A 66 6.74 -8.37 -3.46
C ASN A 66 5.64 -9.26 -4.06
N HIS A 67 5.15 -8.87 -5.24
CA HIS A 67 4.12 -9.64 -5.94
C HIS A 67 4.80 -10.86 -6.58
N GLY A 68 4.58 -12.05 -6.06
CA GLY A 68 5.14 -13.28 -6.59
C GLY A 68 4.37 -13.67 -7.85
N LYS A 69 4.77 -14.77 -8.51
CA LYS A 69 4.11 -15.27 -9.71
C LYS A 69 3.76 -16.73 -9.46
N LYS A 70 4.73 -17.65 -9.54
CA LYS A 70 4.47 -19.07 -9.28
C LYS A 70 4.40 -19.26 -7.76
N ILE A 71 3.33 -18.80 -7.12
CA ILE A 71 3.10 -18.90 -5.68
C ILE A 71 2.59 -20.31 -5.31
N LYS A 72 2.43 -20.58 -4.01
CA LYS A 72 1.92 -21.85 -3.47
C LYS A 72 1.14 -21.52 -2.21
N SER A 73 -0.17 -21.73 -2.23
CA SER A 73 -1.08 -21.49 -1.13
C SER A 73 -0.65 -22.27 0.11
N SER A 74 -0.06 -21.57 1.08
CA SER A 74 0.39 -22.14 2.33
C SER A 74 -0.88 -22.39 3.18
N GLY A 75 -1.63 -21.32 3.42
CA GLY A 75 -2.87 -21.28 4.18
C GLY A 75 -3.18 -19.83 4.56
N PRO A 76 -4.42 -19.49 4.94
CA PRO A 76 -4.79 -18.13 5.33
C PRO A 76 -4.40 -17.91 6.80
N SER A 77 -4.69 -16.73 7.35
CA SER A 77 -4.39 -16.39 8.73
C SER A 77 -5.64 -15.78 9.38
N SER A 78 -5.97 -16.22 10.60
CA SER A 78 -7.12 -15.68 11.31
C SER A 78 -6.63 -14.41 12.01
N GLY A 79 -5.71 -14.56 12.97
CA GLY A 79 -5.12 -13.50 13.76
C GLY A 79 -4.87 -14.08 15.12
N GLY A 1 -4.25 11.62 -9.29
CA GLY A 1 -5.00 12.88 -9.36
C GLY A 1 -4.03 14.03 -9.51
N SER A 2 -4.21 15.12 -8.77
CA SER A 2 -3.31 16.26 -8.83
C SER A 2 -1.91 15.84 -8.35
N SER A 3 -0.85 16.43 -8.89
CA SER A 3 0.52 16.10 -8.52
C SER A 3 0.79 16.21 -7.01
N GLY A 4 0.22 17.21 -6.35
CA GLY A 4 0.40 17.42 -4.91
C GLY A 4 -0.29 16.35 -4.09
N SER A 5 0.47 15.69 -3.23
CA SER A 5 -0.02 14.63 -2.37
C SER A 5 -0.66 15.22 -1.11
N SER A 6 -1.87 15.73 -1.27
CA SER A 6 -2.65 16.33 -0.18
C SER A 6 -3.30 15.15 0.59
N GLY A 7 -2.46 14.43 1.34
CA GLY A 7 -2.80 13.27 2.15
C GLY A 7 -1.92 12.10 1.73
N SER A 8 -2.15 10.93 2.32
CA SER A 8 -1.38 9.73 2.00
C SER A 8 -2.31 8.53 1.85
N VAL A 9 -1.84 7.46 1.23
CA VAL A 9 -2.66 6.26 1.09
C VAL A 9 -2.85 5.66 2.48
N VAL A 10 -4.05 5.14 2.71
CA VAL A 10 -4.49 4.47 3.92
C VAL A 10 -5.35 3.29 3.47
N ALA A 11 -5.60 2.37 4.38
CA ALA A 11 -6.44 1.23 4.12
C ALA A 11 -7.88 1.70 4.28
N LYS A 12 -8.73 1.33 3.32
CA LYS A 12 -10.14 1.70 3.36
C LYS A 12 -10.92 0.87 4.38
N VAL A 13 -10.48 -0.37 4.61
CA VAL A 13 -11.05 -1.35 5.52
C VAL A 13 -9.90 -2.16 6.13
N LYS A 14 -10.15 -2.97 7.16
CA LYS A 14 -9.17 -3.82 7.83
C LYS A 14 -8.80 -4.97 6.89
N ILE A 15 -7.53 -5.15 6.57
CA ILE A 15 -7.03 -6.20 5.66
C ILE A 15 -6.13 -7.17 6.43
N PRO A 16 -6.44 -8.48 6.50
CA PRO A 16 -5.61 -9.43 7.21
C PRO A 16 -4.34 -9.71 6.41
N GLU A 17 -3.28 -10.07 7.14
CA GLU A 17 -1.95 -10.40 6.62
C GLU A 17 -2.06 -11.43 5.49
N GLY A 18 -1.16 -11.34 4.50
CA GLY A 18 -1.10 -12.26 3.37
C GLY A 18 -2.12 -11.97 2.25
N THR A 19 -3.00 -11.00 2.42
CA THR A 19 -4.01 -10.63 1.43
C THR A 19 -3.39 -9.71 0.38
N ILE A 20 -3.89 -9.78 -0.86
CA ILE A 20 -3.41 -8.95 -1.96
C ILE A 20 -4.19 -7.63 -1.92
N LEU A 21 -3.52 -6.53 -2.22
CA LEU A 21 -4.11 -5.20 -2.23
C LEU A 21 -4.82 -4.95 -3.56
N THR A 22 -5.93 -4.22 -3.51
CA THR A 22 -6.77 -3.83 -4.63
C THR A 22 -7.10 -2.34 -4.49
N MET A 23 -7.54 -1.68 -5.56
CA MET A 23 -7.90 -0.27 -5.52
C MET A 23 -9.08 -0.03 -4.58
N ASP A 24 -9.92 -1.04 -4.38
CA ASP A 24 -11.07 -0.92 -3.52
C ASP A 24 -10.70 -0.78 -2.05
N MET A 25 -9.75 -1.56 -1.52
CA MET A 25 -9.42 -1.47 -0.08
C MET A 25 -8.34 -0.40 0.17
N LEU A 26 -8.12 0.51 -0.78
CA LEU A 26 -7.13 1.59 -0.73
C LEU A 26 -7.81 2.92 -0.98
N THR A 27 -7.49 3.91 -0.15
CA THR A 27 -8.03 5.25 -0.26
C THR A 27 -6.94 6.23 0.19
N VAL A 28 -7.15 7.55 0.08
CA VAL A 28 -6.15 8.55 0.46
C VAL A 28 -6.83 9.58 1.36
N LYS A 29 -6.63 9.45 2.66
CA LYS A 29 -7.20 10.36 3.66
C LYS A 29 -6.57 11.73 3.51
N VAL A 30 -7.40 12.77 3.46
CA VAL A 30 -6.95 14.14 3.36
C VAL A 30 -6.13 14.41 4.63
N GLY A 31 -4.89 14.87 4.48
CA GLY A 31 -4.01 15.15 5.60
C GLY A 31 -2.58 15.33 5.09
N GLU A 32 -1.62 14.70 5.75
CA GLU A 32 -0.20 14.78 5.39
C GLU A 32 0.29 13.58 4.59
N PRO A 33 1.37 13.70 3.80
CA PRO A 33 1.93 12.63 2.98
C PRO A 33 2.81 11.68 3.84
N LYS A 34 2.28 11.17 4.95
CA LYS A 34 3.02 10.25 5.82
C LYS A 34 3.14 8.87 5.16
N GLY A 35 2.01 8.28 4.80
CA GLY A 35 1.91 6.99 4.15
C GLY A 35 2.40 7.02 2.71
N TYR A 36 2.14 5.94 2.01
CA TYR A 36 2.52 5.80 0.61
C TYR A 36 1.94 6.93 -0.25
N PRO A 37 2.67 7.43 -1.27
CA PRO A 37 2.18 8.50 -2.13
C PRO A 37 0.95 8.08 -2.94
N PRO A 38 -0.02 8.98 -3.14
CA PRO A 38 -1.23 8.72 -3.91
C PRO A 38 -0.97 8.75 -5.43
N GLU A 39 0.31 8.84 -5.84
CA GLU A 39 0.77 8.87 -7.23
C GLU A 39 1.15 7.46 -7.68
N ASP A 40 1.84 6.70 -6.82
CA ASP A 40 2.30 5.34 -7.11
C ASP A 40 1.31 4.31 -6.57
N ILE A 41 0.13 4.75 -6.11
CA ILE A 41 -0.95 3.93 -5.56
C ILE A 41 -1.25 2.70 -6.43
N PHE A 42 -1.13 2.85 -7.75
CA PHE A 42 -1.35 1.79 -8.74
C PHE A 42 -0.42 0.59 -8.54
N ASN A 43 0.75 0.80 -7.92
CA ASN A 43 1.73 -0.26 -7.66
C ASN A 43 1.29 -1.08 -6.46
N LEU A 44 0.68 -0.45 -5.46
CA LEU A 44 0.20 -1.14 -4.25
C LEU A 44 -0.78 -2.22 -4.70
N VAL A 45 -1.62 -1.89 -5.67
CA VAL A 45 -2.60 -2.78 -6.27
C VAL A 45 -1.82 -3.94 -6.86
N GLY A 46 -1.87 -5.09 -6.18
CA GLY A 46 -1.18 -6.31 -6.56
C GLY A 46 -0.16 -6.77 -5.53
N LYS A 47 0.24 -5.94 -4.57
CA LYS A 47 1.20 -6.33 -3.54
C LYS A 47 0.46 -7.11 -2.46
N LYS A 48 1.19 -7.75 -1.56
CA LYS A 48 0.65 -8.52 -0.46
C LYS A 48 1.01 -7.86 0.85
N VAL A 49 0.07 -7.79 1.80
CA VAL A 49 0.37 -7.20 3.11
C VAL A 49 1.24 -8.19 3.90
N LEU A 50 2.08 -7.68 4.79
CA LEU A 50 3.00 -8.42 5.64
C LEU A 50 2.49 -8.62 7.06
N VAL A 51 1.44 -7.89 7.48
CA VAL A 51 0.81 -7.94 8.78
C VAL A 51 -0.67 -7.55 8.60
N THR A 52 -1.52 -7.84 9.58
CA THR A 52 -2.93 -7.49 9.55
C THR A 52 -3.07 -5.98 9.77
N VAL A 53 -3.31 -5.24 8.68
CA VAL A 53 -3.49 -3.79 8.68
C VAL A 53 -4.93 -3.52 9.17
N GLU A 54 -5.13 -2.44 9.93
CA GLU A 54 -6.43 -2.04 10.46
C GLU A 54 -7.14 -1.14 9.45
N GLU A 55 -8.39 -0.78 9.74
CA GLU A 55 -9.17 0.11 8.89
C GLU A 55 -8.64 1.53 9.18
N ASP A 56 -8.57 2.39 8.16
CA ASP A 56 -8.12 3.79 8.26
C ASP A 56 -6.61 3.92 8.55
N ASP A 57 -5.94 2.78 8.69
CA ASP A 57 -4.52 2.62 9.00
C ASP A 57 -3.66 3.12 7.84
N THR A 58 -2.46 3.59 8.13
CA THR A 58 -1.54 4.12 7.14
C THR A 58 -0.82 2.98 6.42
N ILE A 59 -0.83 2.96 5.09
CA ILE A 59 -0.15 1.93 4.33
C ILE A 59 1.30 2.35 4.16
N MET A 60 2.17 1.86 5.03
CA MET A 60 3.60 2.13 4.98
C MET A 60 4.20 1.15 3.96
N GLU A 61 5.46 1.35 3.61
CA GLU A 61 6.21 0.54 2.65
C GLU A 61 6.62 -0.77 3.30
N GLU A 62 6.93 -0.74 4.60
CA GLU A 62 7.32 -1.92 5.35
C GLU A 62 6.17 -2.93 5.44
N LEU A 63 4.92 -2.46 5.40
CA LEU A 63 3.71 -3.30 5.48
C LEU A 63 3.41 -4.04 4.18
N VAL A 64 4.19 -3.91 3.10
CA VAL A 64 3.91 -4.62 1.86
C VAL A 64 5.13 -5.40 1.38
N ASP A 65 4.87 -6.54 0.74
CA ASP A 65 5.89 -7.45 0.23
C ASP A 65 6.75 -6.86 -0.89
N ASN A 66 7.87 -7.53 -1.15
CA ASN A 66 8.81 -7.13 -2.18
C ASN A 66 8.29 -7.64 -3.51
N HIS A 67 7.61 -6.76 -4.24
CA HIS A 67 7.04 -7.05 -5.54
C HIS A 67 8.18 -7.17 -6.56
N GLY A 68 8.72 -8.37 -6.70
CA GLY A 68 9.80 -8.73 -7.59
C GLY A 68 10.07 -10.22 -7.42
N LYS A 69 10.38 -10.91 -8.52
CA LYS A 69 10.67 -12.34 -8.49
C LYS A 69 11.51 -12.79 -9.69
N LYS A 70 11.47 -12.09 -10.82
CA LYS A 70 12.25 -12.43 -12.00
C LYS A 70 13.72 -12.17 -11.71
N ILE A 71 14.60 -13.11 -12.05
CA ILE A 71 16.04 -12.99 -11.83
C ILE A 71 16.74 -13.34 -13.14
N LYS A 72 17.91 -12.74 -13.38
CA LYS A 72 18.73 -12.94 -14.56
C LYS A 72 20.19 -12.90 -14.10
N SER A 73 20.65 -13.96 -13.43
CA SER A 73 22.01 -14.11 -12.92
C SER A 73 23.00 -14.33 -14.08
N SER A 74 23.16 -13.37 -14.97
CA SER A 74 24.04 -13.42 -16.13
C SER A 74 24.32 -11.97 -16.57
N GLY A 75 25.22 -11.82 -17.53
CA GLY A 75 25.65 -10.57 -18.15
C GLY A 75 26.56 -10.92 -19.33
N PRO A 76 27.05 -9.93 -20.09
CA PRO A 76 27.93 -10.20 -21.22
C PRO A 76 29.28 -10.71 -20.70
N SER A 77 30.02 -11.46 -21.51
CA SER A 77 31.32 -12.02 -21.16
C SER A 77 32.16 -12.21 -22.44
N SER A 78 32.01 -11.30 -23.40
CA SER A 78 32.71 -11.28 -24.68
C SER A 78 32.75 -9.82 -25.15
N GLY A 79 33.53 -9.54 -26.18
CA GLY A 79 33.75 -8.25 -26.81
C GLY A 79 34.73 -8.47 -27.95
N GLY A 1 -15.42 17.47 -0.62
CA GLY A 1 -14.37 18.19 -1.33
C GLY A 1 -13.85 17.41 -2.52
N SER A 2 -13.26 18.12 -3.48
CA SER A 2 -12.70 17.58 -4.70
C SER A 2 -11.45 16.71 -4.44
N SER A 3 -10.87 16.20 -5.52
CA SER A 3 -9.69 15.36 -5.51
C SER A 3 -8.47 16.19 -5.13
N GLY A 4 -7.68 15.67 -4.18
CA GLY A 4 -6.46 16.28 -3.70
C GLY A 4 -5.43 15.17 -3.54
N SER A 5 -4.17 15.53 -3.73
CA SER A 5 -3.01 14.66 -3.64
C SER A 5 -2.18 14.88 -2.38
N SER A 6 -2.47 15.90 -1.55
CA SER A 6 -1.74 16.24 -0.33
C SER A 6 -1.81 15.21 0.80
N GLY A 7 -2.67 14.20 0.72
CA GLY A 7 -2.81 13.17 1.75
C GLY A 7 -1.90 11.99 1.45
N SER A 8 -2.22 10.85 2.06
CA SER A 8 -1.47 9.61 1.89
C SER A 8 -2.45 8.45 1.74
N VAL A 9 -1.95 7.33 1.24
CA VAL A 9 -2.75 6.13 1.05
C VAL A 9 -2.99 5.50 2.42
N VAL A 10 -4.22 5.08 2.64
CA VAL A 10 -4.68 4.44 3.85
C VAL A 10 -5.44 3.18 3.44
N ALA A 11 -5.55 2.26 4.39
CA ALA A 11 -6.26 1.01 4.26
C ALA A 11 -7.73 1.40 4.30
N LYS A 12 -8.42 1.33 3.15
CA LYS A 12 -9.83 1.69 3.08
C LYS A 12 -10.69 0.84 4.00
N VAL A 13 -10.24 -0.36 4.35
CA VAL A 13 -10.92 -1.33 5.20
C VAL A 13 -9.89 -2.09 6.02
N LYS A 14 -10.34 -2.87 7.02
CA LYS A 14 -9.44 -3.68 7.81
C LYS A 14 -9.04 -4.81 6.85
N ILE A 15 -7.75 -5.07 6.69
CA ILE A 15 -7.21 -6.07 5.77
C ILE A 15 -6.34 -7.09 6.51
N PRO A 16 -6.72 -8.37 6.56
CA PRO A 16 -5.91 -9.37 7.23
C PRO A 16 -4.63 -9.65 6.45
N GLU A 17 -3.61 -10.09 7.15
CA GLU A 17 -2.29 -10.44 6.62
C GLU A 17 -2.40 -11.45 5.47
N GLY A 18 -1.45 -11.37 4.54
CA GLY A 18 -1.39 -12.25 3.38
C GLY A 18 -2.37 -11.91 2.26
N THR A 19 -3.23 -10.90 2.44
CA THR A 19 -4.19 -10.54 1.42
C THR A 19 -3.53 -9.66 0.36
N ILE A 20 -3.92 -9.82 -0.91
CA ILE A 20 -3.42 -9.03 -2.02
C ILE A 20 -4.26 -7.77 -2.05
N LEU A 21 -3.60 -6.61 -2.03
CA LEU A 21 -4.22 -5.30 -2.05
C LEU A 21 -4.93 -5.05 -3.37
N THR A 22 -6.06 -4.35 -3.32
CA THR A 22 -6.86 -3.99 -4.47
C THR A 22 -7.31 -2.55 -4.26
N MET A 23 -7.82 -1.89 -5.30
CA MET A 23 -8.31 -0.53 -5.17
C MET A 23 -9.57 -0.49 -4.27
N ASP A 24 -10.15 -1.64 -3.93
CA ASP A 24 -11.36 -1.72 -3.09
C ASP A 24 -10.98 -1.79 -1.60
N MET A 25 -9.68 -1.81 -1.31
CA MET A 25 -9.13 -1.89 0.02
C MET A 25 -8.14 -0.74 0.26
N LEU A 26 -7.99 0.20 -0.68
CA LEU A 26 -7.08 1.33 -0.56
C LEU A 26 -7.77 2.59 -1.02
N THR A 27 -7.43 3.70 -0.40
CA THR A 27 -7.94 5.02 -0.71
C THR A 27 -6.93 6.01 -0.15
N VAL A 28 -7.16 7.31 -0.34
CA VAL A 28 -6.29 8.35 0.16
C VAL A 28 -7.18 9.33 0.93
N LYS A 29 -6.72 9.68 2.12
CA LYS A 29 -7.38 10.61 3.01
C LYS A 29 -6.83 12.01 2.71
N VAL A 30 -7.18 13.03 3.49
CA VAL A 30 -6.69 14.38 3.26
C VAL A 30 -6.03 14.89 4.55
N GLY A 31 -4.71 14.77 4.61
CA GLY A 31 -3.93 15.19 5.74
C GLY A 31 -2.52 15.57 5.29
N GLU A 32 -1.66 14.57 5.16
CA GLU A 32 -0.26 14.71 4.75
C GLU A 32 0.24 13.38 4.15
N PRO A 33 1.33 13.36 3.36
CA PRO A 33 1.91 12.16 2.70
C PRO A 33 2.50 11.08 3.62
N LYS A 34 2.25 11.12 4.93
CA LYS A 34 2.76 10.13 5.89
C LYS A 34 2.40 8.71 5.46
N GLY A 35 3.36 7.86 5.10
CA GLY A 35 3.10 6.49 4.70
C GLY A 35 3.51 6.23 3.27
N TYR A 36 2.66 6.60 2.31
CA TYR A 36 2.92 6.40 0.89
C TYR A 36 2.23 7.47 0.02
N PRO A 37 2.89 7.99 -1.02
CA PRO A 37 2.31 9.01 -1.88
C PRO A 37 1.14 8.44 -2.72
N PRO A 38 0.01 9.15 -2.82
CA PRO A 38 -1.13 8.68 -3.61
C PRO A 38 -0.83 8.58 -5.10
N GLU A 39 0.19 9.30 -5.62
CA GLU A 39 0.57 9.27 -7.03
C GLU A 39 1.20 7.93 -7.44
N ASP A 40 1.48 7.06 -6.47
CA ASP A 40 2.10 5.76 -6.68
C ASP A 40 1.21 4.60 -6.22
N ILE A 41 -0.06 4.87 -5.90
CA ILE A 41 -1.02 3.87 -5.43
C ILE A 41 -1.11 2.65 -6.37
N PHE A 42 -0.90 2.85 -7.67
CA PHE A 42 -0.95 1.82 -8.71
C PHE A 42 -0.03 0.65 -8.39
N ASN A 43 1.15 0.89 -7.82
CA ASN A 43 2.08 -0.20 -7.47
C ASN A 43 1.65 -0.90 -6.20
N LEU A 44 0.97 -0.18 -5.29
CA LEU A 44 0.52 -0.80 -4.06
C LEU A 44 -0.55 -1.84 -4.35
N VAL A 45 -1.35 -1.57 -5.37
CA VAL A 45 -2.44 -2.41 -5.81
C VAL A 45 -1.84 -3.67 -6.42
N GLY A 46 -1.90 -4.78 -5.69
CA GLY A 46 -1.37 -6.08 -6.08
C GLY A 46 -0.32 -6.60 -5.10
N LYS A 47 0.16 -5.77 -4.17
CA LYS A 47 1.16 -6.24 -3.21
C LYS A 47 0.44 -6.98 -2.09
N LYS A 48 1.12 -7.90 -1.43
CA LYS A 48 0.57 -8.67 -0.33
C LYS A 48 0.96 -8.00 0.98
N VAL A 49 0.04 -7.85 1.91
CA VAL A 49 0.40 -7.24 3.20
C VAL A 49 1.17 -8.29 4.00
N LEU A 50 2.17 -7.82 4.75
CA LEU A 50 3.03 -8.65 5.57
C LEU A 50 2.45 -8.81 6.99
N VAL A 51 1.47 -7.98 7.38
CA VAL A 51 0.82 -7.97 8.67
C VAL A 51 -0.66 -7.58 8.49
N THR A 52 -1.48 -7.83 9.50
CA THR A 52 -2.90 -7.47 9.45
C THR A 52 -2.94 -5.96 9.66
N VAL A 53 -3.60 -5.25 8.76
CA VAL A 53 -3.77 -3.80 8.80
C VAL A 53 -5.21 -3.53 9.21
N GLU A 54 -5.45 -2.42 9.91
CA GLU A 54 -6.77 -2.03 10.39
C GLU A 54 -7.43 -1.01 9.47
N GLU A 55 -8.71 -0.74 9.70
CA GLU A 55 -9.46 0.22 8.89
C GLU A 55 -8.91 1.63 9.15
N ASP A 56 -8.68 2.35 8.06
CA ASP A 56 -8.17 3.71 7.93
C ASP A 56 -6.72 3.88 8.35
N ASP A 57 -6.04 2.74 8.58
CA ASP A 57 -4.65 2.71 9.00
C ASP A 57 -3.75 3.20 7.86
N THR A 58 -2.58 3.71 8.21
CA THR A 58 -1.62 4.23 7.25
C THR A 58 -0.75 3.11 6.68
N ILE A 59 -0.69 2.95 5.36
CA ILE A 59 0.17 1.91 4.78
C ILE A 59 1.56 2.54 4.64
N MET A 60 2.59 1.71 4.79
CA MET A 60 3.98 2.08 4.68
C MET A 60 4.62 1.00 3.82
N GLU A 61 5.69 1.34 3.09
CA GLU A 61 6.39 0.41 2.20
C GLU A 61 6.90 -0.84 2.92
N GLU A 62 7.16 -0.70 4.22
CA GLU A 62 7.67 -1.74 5.10
C GLU A 62 6.62 -2.77 5.54
N LEU A 63 5.36 -2.65 5.11
CA LEU A 63 4.25 -3.55 5.46
C LEU A 63 3.74 -4.34 4.25
N VAL A 64 4.36 -4.21 3.07
CA VAL A 64 3.91 -4.88 1.87
C VAL A 64 5.05 -5.55 1.12
N ASP A 65 4.72 -6.62 0.37
CA ASP A 65 5.69 -7.37 -0.42
C ASP A 65 6.31 -6.48 -1.49
N ASN A 66 7.56 -6.77 -1.86
CA ASN A 66 8.33 -6.01 -2.83
C ASN A 66 8.30 -6.50 -4.28
N HIS A 67 8.41 -7.82 -4.51
CA HIS A 67 8.45 -8.42 -5.85
C HIS A 67 7.55 -9.67 -5.96
N GLY A 68 6.25 -9.46 -5.98
CA GLY A 68 5.25 -10.51 -6.05
C GLY A 68 5.14 -11.14 -7.44
N LYS A 69 4.40 -12.25 -7.49
CA LYS A 69 4.10 -13.05 -8.68
C LYS A 69 2.82 -13.81 -8.37
N LYS A 70 1.93 -14.02 -9.34
CA LYS A 70 0.71 -14.78 -9.13
C LYS A 70 0.41 -15.46 -10.44
N ILE A 71 0.15 -16.76 -10.41
CA ILE A 71 -0.14 -17.54 -11.60
C ILE A 71 -1.40 -17.04 -12.34
N LYS A 72 -1.43 -17.27 -13.65
CA LYS A 72 -2.51 -16.91 -14.58
C LYS A 72 -2.51 -17.95 -15.70
N SER A 73 -3.65 -18.17 -16.32
CA SER A 73 -3.86 -19.08 -17.43
C SER A 73 -4.82 -18.35 -18.35
N SER A 74 -4.48 -18.18 -19.62
CA SER A 74 -5.31 -17.51 -20.60
C SER A 74 -6.19 -18.56 -21.30
N GLY A 75 -7.20 -18.15 -22.07
CA GLY A 75 -8.11 -19.07 -22.76
C GLY A 75 -7.94 -19.00 -24.28
N PRO A 76 -6.92 -19.63 -24.87
CA PRO A 76 -6.71 -19.64 -26.31
C PRO A 76 -7.80 -20.48 -27.00
N SER A 77 -7.88 -20.36 -28.33
CA SER A 77 -8.82 -21.07 -29.18
C SER A 77 -8.09 -21.40 -30.49
N SER A 78 -8.82 -21.93 -31.47
CA SER A 78 -8.35 -22.31 -32.80
C SER A 78 -9.28 -21.70 -33.86
N GLY A 79 -10.07 -20.69 -33.48
CA GLY A 79 -11.04 -19.91 -34.22
C GLY A 79 -11.52 -18.81 -33.27
N GLY A 1 -11.29 14.92 -16.10
CA GLY A 1 -10.94 14.27 -14.82
C GLY A 1 -10.78 15.35 -13.77
N SER A 2 -11.49 15.20 -12.66
CA SER A 2 -11.43 16.12 -11.55
C SER A 2 -10.19 15.76 -10.74
N SER A 3 -9.16 16.60 -10.79
CA SER A 3 -7.91 16.39 -10.09
C SER A 3 -8.13 16.42 -8.57
N GLY A 4 -7.06 16.13 -7.83
CA GLY A 4 -7.01 16.07 -6.39
C GLY A 4 -5.89 15.10 -6.06
N SER A 5 -4.67 15.61 -5.94
CA SER A 5 -3.46 14.85 -5.64
C SER A 5 -2.81 15.43 -4.39
N SER A 6 -3.10 14.85 -3.22
CA SER A 6 -2.58 15.21 -1.88
C SER A 6 -2.97 14.09 -0.90
N GLY A 7 -2.50 14.14 0.35
CA GLY A 7 -2.79 13.15 1.37
C GLY A 7 -1.90 11.92 1.24
N SER A 8 -2.29 10.84 1.92
CA SER A 8 -1.58 9.57 1.91
C SER A 8 -2.55 8.41 1.80
N VAL A 9 -2.07 7.28 1.30
CA VAL A 9 -2.87 6.09 1.16
C VAL A 9 -3.04 5.45 2.54
N VAL A 10 -4.28 5.14 2.87
CA VAL A 10 -4.69 4.49 4.09
C VAL A 10 -5.59 3.34 3.65
N ALA A 11 -5.73 2.33 4.49
CA ALA A 11 -6.55 1.18 4.20
C ALA A 11 -8.02 1.55 4.34
N LYS A 12 -8.82 1.26 3.31
CA LYS A 12 -10.25 1.55 3.30
C LYS A 12 -11.02 0.62 4.24
N VAL A 13 -10.49 -0.58 4.46
CA VAL A 13 -11.02 -1.64 5.31
C VAL A 13 -9.85 -2.40 5.92
N LYS A 14 -10.11 -3.30 6.86
CA LYS A 14 -9.10 -4.13 7.53
C LYS A 14 -8.60 -5.13 6.49
N ILE A 15 -7.29 -5.17 6.26
CA ILE A 15 -6.66 -6.06 5.29
C ILE A 15 -5.76 -6.99 6.11
N PRO A 16 -6.18 -8.24 6.36
CA PRO A 16 -5.36 -9.16 7.13
C PRO A 16 -4.05 -9.45 6.39
N GLU A 17 -3.05 -9.91 7.14
CA GLU A 17 -1.75 -10.24 6.60
C GLU A 17 -1.92 -11.26 5.46
N GLY A 18 -1.03 -11.22 4.47
CA GLY A 18 -1.07 -12.13 3.34
C GLY A 18 -2.17 -11.82 2.31
N THR A 19 -2.92 -10.73 2.46
CA THR A 19 -3.98 -10.38 1.52
C THR A 19 -3.41 -9.45 0.43
N ILE A 20 -3.98 -9.50 -0.77
CA ILE A 20 -3.57 -8.69 -1.91
C ILE A 20 -4.33 -7.37 -1.91
N LEU A 21 -3.60 -6.28 -2.16
CA LEU A 21 -4.17 -4.94 -2.22
C LEU A 21 -4.93 -4.78 -3.54
N THR A 22 -6.05 -4.06 -3.47
CA THR A 22 -6.93 -3.75 -4.58
C THR A 22 -7.34 -2.28 -4.40
N MET A 23 -7.70 -1.57 -5.48
CA MET A 23 -8.10 -0.17 -5.35
C MET A 23 -9.32 -0.03 -4.44
N ASP A 24 -10.19 -1.03 -4.50
CA ASP A 24 -11.43 -1.15 -3.74
C ASP A 24 -11.21 -1.28 -2.21
N MET A 25 -9.98 -1.52 -1.76
CA MET A 25 -9.65 -1.65 -0.34
C MET A 25 -8.65 -0.55 0.10
N LEU A 26 -8.34 0.40 -0.78
CA LEU A 26 -7.44 1.50 -0.50
C LEU A 26 -8.20 2.79 -0.65
N THR A 27 -7.77 3.83 0.05
CA THR A 27 -8.38 5.15 0.01
C THR A 27 -7.24 6.13 0.33
N VAL A 28 -7.47 7.43 0.22
CA VAL A 28 -6.45 8.43 0.53
C VAL A 28 -7.08 9.49 1.41
N LYS A 29 -6.48 9.67 2.59
CA LYS A 29 -6.91 10.64 3.58
C LYS A 29 -6.18 11.93 3.20
N VAL A 30 -6.87 12.89 2.59
CA VAL A 30 -6.24 14.16 2.21
C VAL A 30 -5.85 14.87 3.50
N GLY A 31 -4.62 15.38 3.57
CA GLY A 31 -4.11 16.08 4.72
C GLY A 31 -2.59 16.13 4.67
N GLU A 32 -1.95 14.96 4.75
CA GLU A 32 -0.51 14.84 4.73
C GLU A 32 -0.05 13.58 4.01
N PRO A 33 1.19 13.52 3.51
CA PRO A 33 1.73 12.35 2.82
C PRO A 33 2.18 11.24 3.81
N LYS A 34 1.84 11.33 5.09
CA LYS A 34 2.18 10.36 6.14
C LYS A 34 1.80 8.95 5.69
N GLY A 35 2.76 8.08 5.39
CA GLY A 35 2.48 6.71 4.97
C GLY A 35 3.15 6.37 3.66
N TYR A 36 2.37 6.44 2.58
CA TYR A 36 2.79 6.15 1.23
C TYR A 36 2.14 7.20 0.31
N PRO A 37 2.89 7.80 -0.64
CA PRO A 37 2.36 8.81 -1.56
C PRO A 37 1.23 8.25 -2.43
N PRO A 38 0.10 8.96 -2.59
CA PRO A 38 -1.04 8.49 -3.38
C PRO A 38 -0.79 8.53 -4.89
N GLU A 39 0.23 9.25 -5.36
CA GLU A 39 0.55 9.30 -6.79
C GLU A 39 1.04 7.93 -7.27
N ASP A 40 1.57 7.12 -6.33
CA ASP A 40 2.10 5.80 -6.54
C ASP A 40 1.09 4.71 -6.16
N ILE A 41 -0.17 5.05 -5.85
CA ILE A 41 -1.19 4.06 -5.46
C ILE A 41 -1.31 2.91 -6.45
N PHE A 42 -1.11 3.20 -7.73
CA PHE A 42 -1.18 2.23 -8.80
C PHE A 42 -0.14 1.11 -8.63
N ASN A 43 0.91 1.32 -7.83
CA ASN A 43 1.96 0.34 -7.57
C ASN A 43 1.62 -0.47 -6.33
N LEU A 44 0.85 0.09 -5.39
CA LEU A 44 0.48 -0.63 -4.17
C LEU A 44 -0.47 -1.76 -4.53
N VAL A 45 -1.36 -1.55 -5.49
CA VAL A 45 -2.30 -2.57 -5.91
C VAL A 45 -1.49 -3.78 -6.40
N GLY A 46 -1.94 -4.98 -6.01
CA GLY A 46 -1.29 -6.22 -6.36
C GLY A 46 -0.24 -6.65 -5.34
N LYS A 47 0.20 -5.79 -4.41
CA LYS A 47 1.19 -6.20 -3.40
C LYS A 47 0.49 -7.06 -2.35
N LYS A 48 1.27 -7.75 -1.51
CA LYS A 48 0.77 -8.60 -0.43
C LYS A 48 1.31 -8.03 0.87
N VAL A 49 0.46 -7.86 1.88
CA VAL A 49 0.91 -7.33 3.17
C VAL A 49 1.70 -8.36 3.98
N LEU A 50 2.52 -7.84 4.90
CA LEU A 50 3.37 -8.57 5.83
C LEU A 50 2.71 -8.63 7.21
N VAL A 51 1.76 -7.75 7.52
CA VAL A 51 1.05 -7.70 8.79
C VAL A 51 -0.42 -7.35 8.56
N THR A 52 -1.27 -7.68 9.52
CA THR A 52 -2.71 -7.43 9.52
C THR A 52 -2.97 -5.94 9.73
N VAL A 53 -3.23 -5.21 8.65
CA VAL A 53 -3.52 -3.79 8.69
C VAL A 53 -4.98 -3.61 9.14
N GLU A 54 -5.31 -2.51 9.78
CA GLU A 54 -6.65 -2.17 10.27
C GLU A 54 -7.33 -1.18 9.33
N GLU A 55 -8.63 -0.93 9.52
CA GLU A 55 -9.37 0.04 8.73
C GLU A 55 -8.84 1.42 9.14
N ASP A 56 -8.71 2.33 8.17
CA ASP A 56 -8.21 3.71 8.27
C ASP A 56 -6.74 3.78 8.64
N ASP A 57 -6.07 2.63 8.78
CA ASP A 57 -4.66 2.53 9.13
C ASP A 57 -3.80 3.02 7.98
N THR A 58 -2.64 3.57 8.30
CA THR A 58 -1.71 4.13 7.34
C THR A 58 -0.79 3.05 6.76
N ILE A 59 -0.80 2.95 5.43
CA ILE A 59 -0.02 1.99 4.68
C ILE A 59 1.40 2.55 4.53
N MET A 60 2.42 1.69 4.61
CA MET A 60 3.83 2.03 4.46
C MET A 60 4.51 0.90 3.71
N GLU A 61 5.62 1.20 3.04
CA GLU A 61 6.39 0.25 2.26
C GLU A 61 6.95 -0.90 3.10
N GLU A 62 7.32 -0.64 4.36
CA GLU A 62 7.86 -1.67 5.22
C GLU A 62 6.82 -2.74 5.65
N LEU A 63 5.55 -2.57 5.25
CA LEU A 63 4.45 -3.46 5.57
C LEU A 63 4.03 -4.34 4.39
N VAL A 64 4.74 -4.34 3.25
CA VAL A 64 4.39 -5.15 2.08
C VAL A 64 5.54 -6.04 1.63
N ASP A 65 5.23 -7.08 0.86
CA ASP A 65 6.15 -8.09 0.33
C ASP A 65 6.02 -8.18 -1.20
N ASN A 66 6.90 -8.95 -1.83
CA ASN A 66 6.98 -9.20 -3.25
C ASN A 66 5.69 -9.90 -3.72
N HIS A 67 5.11 -9.47 -4.84
CA HIS A 67 3.90 -10.08 -5.40
C HIS A 67 4.16 -11.58 -5.64
N GLY A 68 5.35 -11.92 -6.13
CA GLY A 68 5.79 -13.26 -6.42
C GLY A 68 7.07 -13.54 -5.66
N LYS A 69 6.97 -13.91 -4.38
CA LYS A 69 8.11 -14.24 -3.50
C LYS A 69 8.73 -15.59 -3.88
N LYS A 70 8.82 -15.90 -5.17
CA LYS A 70 9.37 -17.13 -5.69
C LYS A 70 10.87 -17.19 -5.41
N ILE A 71 11.49 -18.34 -5.66
CA ILE A 71 12.91 -18.55 -5.41
C ILE A 71 13.58 -19.05 -6.70
N LYS A 72 14.85 -18.68 -6.88
CA LYS A 72 15.71 -19.02 -8.00
C LYS A 72 17.01 -19.49 -7.37
N SER A 73 17.85 -18.56 -6.92
CA SER A 73 19.13 -18.86 -6.28
C SER A 73 18.91 -19.53 -4.93
N SER A 74 19.88 -20.33 -4.48
CA SER A 74 19.82 -21.01 -3.20
C SER A 74 19.84 -19.97 -2.07
N GLY A 75 20.62 -18.89 -2.23
CA GLY A 75 20.73 -17.83 -1.24
C GLY A 75 21.86 -18.15 -0.27
N PRO A 76 23.09 -17.67 -0.50
CA PRO A 76 24.24 -17.92 0.38
C PRO A 76 24.21 -17.03 1.64
N SER A 77 23.06 -16.43 1.96
CA SER A 77 22.86 -15.56 3.10
C SER A 77 23.14 -16.31 4.40
N SER A 78 23.34 -15.54 5.48
CA SER A 78 23.61 -16.04 6.81
C SER A 78 23.04 -15.04 7.83
N GLY A 79 23.08 -15.41 9.10
CA GLY A 79 22.59 -14.59 10.18
C GLY A 79 22.71 -15.36 11.46
N GLY A 1 8.33 23.85 -3.12
CA GLY A 1 7.83 22.65 -3.80
C GLY A 1 6.32 22.68 -3.84
N SER A 2 5.73 22.43 -5.02
CA SER A 2 4.28 22.44 -5.24
C SER A 2 3.89 21.23 -6.11
N SER A 3 4.31 20.04 -5.70
CA SER A 3 4.05 18.77 -6.37
C SER A 3 2.56 18.41 -6.40
N GLY A 4 2.20 17.34 -7.12
CA GLY A 4 0.82 16.87 -7.22
C GLY A 4 0.38 16.16 -5.95
N SER A 5 1.29 15.40 -5.34
CA SER A 5 1.07 14.63 -4.13
C SER A 5 0.74 15.52 -2.92
N SER A 6 0.16 14.91 -1.91
CA SER A 6 -0.31 15.38 -0.60
C SER A 6 -1.18 14.22 -0.11
N GLY A 7 -1.44 14.13 1.19
CA GLY A 7 -2.26 13.06 1.75
C GLY A 7 -1.47 11.74 1.75
N SER A 8 -2.08 10.70 2.30
CA SER A 8 -1.46 9.40 2.39
C SER A 8 -2.48 8.28 2.27
N VAL A 9 -2.08 7.16 1.64
CA VAL A 9 -2.91 5.99 1.43
C VAL A 9 -3.15 5.29 2.76
N VAL A 10 -4.42 5.02 3.05
CA VAL A 10 -4.87 4.32 4.25
C VAL A 10 -5.68 3.11 3.79
N ALA A 11 -5.69 2.08 4.61
CA ALA A 11 -6.41 0.85 4.40
C ALA A 11 -7.88 1.21 4.49
N LYS A 12 -8.63 1.14 3.39
CA LYS A 12 -10.05 1.50 3.42
C LYS A 12 -10.89 0.65 4.37
N VAL A 13 -10.49 -0.60 4.58
CA VAL A 13 -11.08 -1.61 5.44
C VAL A 13 -9.93 -2.40 6.06
N LYS A 14 -10.20 -3.26 7.04
CA LYS A 14 -9.15 -4.07 7.65
C LYS A 14 -8.62 -5.04 6.60
N ILE A 15 -7.31 -5.24 6.51
CA ILE A 15 -6.67 -6.12 5.53
C ILE A 15 -5.86 -7.17 6.30
N PRO A 16 -6.34 -8.42 6.42
CA PRO A 16 -5.59 -9.44 7.14
C PRO A 16 -4.31 -9.77 6.37
N GLU A 17 -3.27 -10.15 7.09
CA GLU A 17 -1.96 -10.51 6.56
C GLU A 17 -2.10 -11.56 5.46
N GLY A 18 -1.21 -11.49 4.46
CA GLY A 18 -1.18 -12.41 3.35
C GLY A 18 -2.22 -12.15 2.27
N THR A 19 -3.01 -11.09 2.40
CA THR A 19 -4.06 -10.73 1.45
C THR A 19 -3.49 -9.78 0.40
N ILE A 20 -4.00 -9.84 -0.84
CA ILE A 20 -3.57 -8.99 -1.95
C ILE A 20 -4.38 -7.71 -1.91
N LEU A 21 -3.71 -6.57 -2.09
CA LEU A 21 -4.30 -5.24 -2.11
C LEU A 21 -5.06 -5.00 -3.41
N THR A 22 -6.13 -4.22 -3.33
CA THR A 22 -6.99 -3.85 -4.44
C THR A 22 -7.38 -2.39 -4.24
N MET A 23 -7.76 -1.65 -5.30
CA MET A 23 -8.16 -0.26 -5.11
C MET A 23 -9.40 -0.15 -4.21
N ASP A 24 -10.19 -1.22 -4.05
CA ASP A 24 -11.38 -1.24 -3.19
C ASP A 24 -10.96 -1.24 -1.71
N MET A 25 -9.73 -1.65 -1.42
CA MET A 25 -9.14 -1.74 -0.09
C MET A 25 -8.12 -0.62 0.16
N LEU A 26 -7.99 0.32 -0.77
CA LEU A 26 -7.08 1.46 -0.66
C LEU A 26 -7.88 2.74 -0.80
N THR A 27 -7.53 3.75 -0.02
CA THR A 27 -8.22 5.03 -0.10
C THR A 27 -7.24 6.10 0.37
N VAL A 28 -6.83 7.04 -0.50
CA VAL A 28 -5.93 8.09 -0.04
C VAL A 28 -6.74 9.01 0.85
N LYS A 29 -6.12 9.44 1.95
CA LYS A 29 -6.70 10.35 2.90
C LYS A 29 -6.00 11.67 2.64
N VAL A 30 -6.74 12.64 2.15
CA VAL A 30 -6.21 13.96 1.87
C VAL A 30 -5.72 14.49 3.23
N GLY A 31 -4.48 14.96 3.32
CA GLY A 31 -3.98 15.44 4.60
C GLY A 31 -2.50 15.74 4.59
N GLU A 32 -1.66 14.72 4.85
CA GLU A 32 -0.20 14.88 4.90
C GLU A 32 0.52 13.71 4.23
N PRO A 33 1.79 13.83 3.83
CA PRO A 33 2.55 12.76 3.18
C PRO A 33 2.97 11.60 4.12
N LYS A 34 2.53 11.60 5.37
CA LYS A 34 2.84 10.55 6.36
C LYS A 34 2.14 9.26 5.96
N GLY A 35 2.84 8.39 5.22
CA GLY A 35 2.31 7.11 4.77
C GLY A 35 2.90 6.73 3.42
N TYR A 36 2.23 7.12 2.34
CA TYR A 36 2.61 6.85 0.97
C TYR A 36 1.97 7.86 0.01
N PRO A 37 2.66 8.34 -1.04
CA PRO A 37 2.10 9.32 -1.97
C PRO A 37 0.96 8.74 -2.82
N PRO A 38 -0.01 9.56 -3.25
CA PRO A 38 -1.13 9.12 -4.06
C PRO A 38 -0.79 8.97 -5.55
N GLU A 39 0.43 9.30 -5.96
CA GLU A 39 0.90 9.20 -7.35
C GLU A 39 1.10 7.72 -7.65
N ASP A 40 1.98 7.08 -6.86
CA ASP A 40 2.40 5.69 -6.91
C ASP A 40 1.31 4.70 -6.45
N ILE A 41 0.10 5.15 -6.14
CA ILE A 41 -0.99 4.30 -5.66
C ILE A 41 -1.21 3.01 -6.49
N PHE A 42 -1.06 3.08 -7.80
CA PHE A 42 -1.24 1.95 -8.72
C PHE A 42 -0.24 0.81 -8.47
N ASN A 43 0.84 1.06 -7.72
CA ASN A 43 1.85 0.05 -7.41
C ASN A 43 1.45 -0.76 -6.18
N LEU A 44 0.74 -0.12 -5.26
CA LEU A 44 0.30 -0.73 -4.01
C LEU A 44 -0.72 -1.82 -4.32
N VAL A 45 -1.65 -1.50 -5.23
CA VAL A 45 -2.68 -2.46 -5.61
C VAL A 45 -1.96 -3.60 -6.35
N GLY A 46 -2.15 -4.82 -5.85
CA GLY A 46 -1.57 -6.04 -6.37
C GLY A 46 -0.53 -6.63 -5.41
N LYS A 47 -0.04 -5.86 -4.42
CA LYS A 47 0.94 -6.34 -3.45
C LYS A 47 0.27 -7.11 -2.34
N LYS A 48 0.99 -7.97 -1.63
CA LYS A 48 0.50 -8.76 -0.51
C LYS A 48 0.90 -8.02 0.77
N VAL A 49 0.07 -8.02 1.81
CA VAL A 49 0.42 -7.34 3.04
C VAL A 49 1.22 -8.28 3.94
N LEU A 50 2.19 -7.72 4.65
CA LEU A 50 3.08 -8.43 5.56
C LEU A 50 2.57 -8.44 7.01
N VAL A 51 1.46 -7.76 7.29
CA VAL A 51 0.82 -7.65 8.59
C VAL A 51 -0.69 -7.52 8.43
N THR A 52 -1.44 -7.77 9.49
CA THR A 52 -2.88 -7.61 9.49
C THR A 52 -3.10 -6.14 9.82
N VAL A 53 -3.37 -5.36 8.78
CA VAL A 53 -3.61 -3.94 8.88
C VAL A 53 -5.07 -3.74 9.28
N GLU A 54 -5.37 -2.75 10.11
CA GLU A 54 -6.73 -2.44 10.55
C GLU A 54 -7.39 -1.45 9.58
N GLU A 55 -8.66 -1.13 9.82
CA GLU A 55 -9.39 -0.19 8.98
C GLU A 55 -8.86 1.23 9.26
N ASP A 56 -8.79 2.04 8.21
CA ASP A 56 -8.33 3.44 8.17
C ASP A 56 -6.89 3.64 8.64
N ASP A 57 -6.15 2.54 8.80
CA ASP A 57 -4.75 2.53 9.24
C ASP A 57 -3.86 2.98 8.07
N THR A 58 -2.68 3.54 8.34
CA THR A 58 -1.78 4.03 7.31
C THR A 58 -0.93 2.93 6.70
N ILE A 59 -0.85 2.89 5.37
CA ILE A 59 -0.04 1.89 4.68
C ILE A 59 1.27 2.54 4.27
N MET A 60 2.38 1.90 4.64
CA MET A 60 3.73 2.33 4.33
C MET A 60 4.40 1.16 3.57
N GLU A 61 5.55 1.39 2.95
CA GLU A 61 6.27 0.35 2.19
C GLU A 61 6.69 -0.86 3.05
N GLU A 62 6.83 -0.66 4.36
CA GLU A 62 7.23 -1.67 5.32
C GLU A 62 6.11 -2.66 5.68
N LEU A 63 4.88 -2.44 5.17
CA LEU A 63 3.74 -3.31 5.43
C LEU A 63 3.36 -4.15 4.21
N VAL A 64 4.09 -4.07 3.10
CA VAL A 64 3.79 -4.81 1.88
C VAL A 64 5.02 -5.59 1.37
N ASP A 65 4.76 -6.61 0.56
CA ASP A 65 5.76 -7.49 -0.03
C ASP A 65 6.63 -6.82 -1.11
N ASN A 66 7.79 -7.42 -1.35
CA ASN A 66 8.72 -6.96 -2.38
C ASN A 66 8.41 -7.80 -3.61
N HIS A 67 7.75 -7.19 -4.60
CA HIS A 67 7.35 -7.76 -5.87
C HIS A 67 8.47 -8.67 -6.42
N GLY A 68 9.72 -8.21 -6.36
CA GLY A 68 10.88 -8.96 -6.80
C GLY A 68 10.89 -9.12 -8.31
N LYS A 69 11.38 -8.11 -9.02
CA LYS A 69 11.47 -8.13 -10.47
C LYS A 69 12.92 -8.05 -10.93
N LYS A 70 13.76 -8.90 -10.36
CA LYS A 70 15.17 -8.98 -10.73
C LYS A 70 15.52 -10.43 -10.49
N ILE A 71 16.02 -11.11 -11.51
CA ILE A 71 16.43 -12.50 -11.47
C ILE A 71 17.72 -12.55 -12.27
N LYS A 72 18.72 -13.27 -11.76
CA LYS A 72 20.01 -13.46 -12.39
C LYS A 72 20.45 -14.90 -12.17
N SER A 73 21.21 -15.44 -13.09
CA SER A 73 21.74 -16.80 -13.04
C SER A 73 23.12 -16.77 -13.71
N SER A 74 24.08 -16.12 -13.06
CA SER A 74 25.46 -15.96 -13.51
C SER A 74 25.61 -15.18 -14.84
N GLY A 75 24.53 -14.58 -15.35
CA GLY A 75 24.56 -13.81 -16.58
C GLY A 75 25.03 -12.38 -16.28
N PRO A 76 25.15 -11.54 -17.32
CA PRO A 76 25.59 -10.16 -17.18
C PRO A 76 24.57 -9.27 -16.46
N SER A 77 25.05 -8.11 -16.01
CA SER A 77 24.28 -7.10 -15.31
C SER A 77 23.56 -6.21 -16.32
N SER A 78 22.50 -6.73 -16.95
CA SER A 78 21.70 -5.98 -17.92
C SER A 78 21.02 -4.77 -17.25
N GLY A 79 20.93 -4.80 -15.92
CA GLY A 79 20.38 -3.83 -15.00
C GLY A 79 20.48 -4.49 -13.64
#